data_1ID8
#
_entry.id   1ID8
#
loop_
_entity.id
_entity.type
_entity.pdbx_description
1 polymer 'METHYLASPARTATE MUTASE S CHAIN'
2 non-polymer 2-HYDROXY-PROPYL-AMMONIUM
3 non-polymer 'PHOSPHORIC ACID MONO-[5-(5,6-DIMETHYL-BENZOIMIDAZOL-1-YL)-4-HYDROXY-2-HYDROXYMETHYL-TETRAHYDRO-FURAN-3-YL] ESTER'
#
_entity_poly.entity_id   1
_entity_poly.type   'polypeptide(L)'
_entity_poly.pdbx_seq_one_letter_code
;MEKKTIVLGVIGSDCHAVGNKILDHSFTNAGFNVVNIGVLSSQEDFINAAIETKADLICVSSLYGQGEIDCKGLREKCDE
AGLKGIKLFVGGNIVVGKQNWPDVEQRFKAMGFDRVYPPGTSPETTIADMKEVLGVE
;
_entity_poly.pdbx_strand_id   A
#
# COMPACT_ATOMS: atom_id res chain seq x y z
N MET A 1 0.55 -10.65 8.70
CA MET A 1 1.39 -9.54 9.09
C MET A 1 2.80 -9.86 8.58
N GLU A 2 3.16 -11.17 8.70
CA GLU A 2 4.44 -11.68 8.25
C GLU A 2 4.17 -12.51 6.97
N LYS A 3 3.00 -12.25 6.34
CA LYS A 3 2.58 -12.94 5.14
C LYS A 3 3.39 -12.33 4.00
N LYS A 4 3.88 -13.30 3.20
CA LYS A 4 4.73 -13.05 2.04
C LYS A 4 3.81 -12.68 0.89
N THR A 5 3.55 -11.35 0.79
CA THR A 5 2.67 -10.91 -0.28
C THR A 5 2.67 -9.36 -0.24
N ILE A 6 3.10 -8.79 -1.39
CA ILE A 6 3.16 -7.36 -1.56
C ILE A 6 2.77 -7.11 -3.00
N VAL A 7 1.59 -6.46 -3.11
CA VAL A 7 1.03 -6.07 -4.38
C VAL A 7 1.35 -4.59 -4.58
N LEU A 8 2.20 -4.34 -5.61
CA LEU A 8 2.65 -2.96 -5.84
C LEU A 8 2.34 -2.55 -7.29
N GLY A 9 2.18 -1.20 -7.42
CA GLY A 9 1.92 -0.58 -8.71
C GLY A 9 1.41 0.86 -8.59
N VAL A 10 0.65 1.23 -9.66
CA VAL A 10 -0.04 2.49 -9.96
C VAL A 10 0.80 3.55 -10.70
N ILE A 11 0.90 4.77 -10.10
CA ILE A 11 1.59 5.96 -10.62
C ILE A 11 0.86 6.48 -11.87
N GLY A 12 0.94 7.84 -12.00
CA GLY A 12 0.32 8.55 -13.10
C GLY A 12 1.36 8.94 -14.15
N SER A 13 1.40 10.27 -14.36
CA SER A 13 2.28 10.92 -15.31
C SER A 13 3.53 11.33 -14.53
N ASP A 14 4.60 10.54 -14.72
CA ASP A 14 5.85 10.85 -14.03
C ASP A 14 6.89 9.88 -14.62
N CYS A 15 7.31 10.16 -15.89
CA CYS A 15 8.31 9.34 -16.57
C CYS A 15 7.66 7.98 -16.90
N HIS A 16 7.67 7.06 -15.91
CA HIS A 16 7.11 5.75 -16.15
C HIS A 16 6.70 5.24 -14.77
N ALA A 17 7.73 5.03 -13.94
CA ALA A 17 7.46 4.55 -12.60
C ALA A 17 8.73 4.75 -11.78
N VAL A 18 8.73 5.94 -11.14
CA VAL A 18 9.80 6.34 -10.23
C VAL A 18 9.41 5.93 -8.79
N GLY A 19 8.44 4.98 -8.71
CA GLY A 19 7.92 4.39 -7.48
C GLY A 19 8.27 2.89 -7.44
N ASN A 20 8.30 2.33 -8.68
CA ASN A 20 8.65 0.94 -8.96
C ASN A 20 9.92 0.67 -8.14
N LYS A 21 10.76 1.76 -8.21
CA LYS A 21 12.04 2.26 -7.67
C LYS A 21 12.45 1.37 -6.53
N ILE A 22 12.48 0.13 -7.01
CA ILE A 22 12.79 -1.08 -6.31
C ILE A 22 12.09 -1.07 -4.95
N LEU A 23 10.78 -0.65 -4.91
CA LEU A 23 10.10 -0.86 -3.63
C LEU A 23 9.98 -2.42 -3.53
N ASP A 24 10.00 -3.08 -4.73
CA ASP A 24 9.98 -4.52 -4.76
C ASP A 24 11.32 -5.05 -4.15
N HIS A 25 12.36 -4.17 -4.02
CA HIS A 25 13.61 -4.68 -3.42
C HIS A 25 13.35 -4.94 -1.93
N SER A 26 12.36 -4.18 -1.42
CA SER A 26 11.97 -4.27 -0.03
C SER A 26 11.31 -5.65 0.21
N PHE A 27 10.86 -6.27 -0.91
CA PHE A 27 10.26 -7.61 -0.84
C PHE A 27 11.30 -8.55 -0.24
N THR A 28 12.51 -8.39 -0.81
CA THR A 28 13.67 -9.20 -0.46
C THR A 28 14.14 -8.95 0.97
N ASN A 29 13.88 -7.73 1.38
CA ASN A 29 14.23 -7.21 2.66
C ASN A 29 13.08 -7.50 3.63
N ALA A 30 12.11 -8.34 3.19
CA ALA A 30 11.00 -8.70 4.02
C ALA A 30 10.81 -10.21 3.93
N GLY A 31 11.55 -10.86 3.00
CA GLY A 31 11.42 -12.28 2.77
C GLY A 31 9.98 -12.59 2.31
N PHE A 32 9.42 -11.58 1.60
CA PHE A 32 8.03 -11.66 1.15
C PHE A 32 8.03 -12.07 -0.33
N ASN A 33 6.78 -12.07 -0.86
CA ASN A 33 6.48 -12.46 -2.24
C ASN A 33 6.12 -11.16 -2.99
N VAL A 34 6.35 -11.27 -4.31
CA VAL A 34 6.08 -10.19 -5.26
C VAL A 34 4.76 -10.47 -5.96
N VAL A 35 3.99 -9.37 -6.03
CA VAL A 35 2.72 -9.35 -6.71
C VAL A 35 2.62 -8.00 -7.45
N ASN A 36 3.65 -7.76 -8.29
CA ASN A 36 3.62 -6.52 -9.05
C ASN A 36 2.55 -6.72 -10.14
N ILE A 37 1.60 -5.75 -10.17
CA ILE A 37 0.52 -5.77 -11.14
C ILE A 37 1.07 -4.98 -12.33
N GLY A 38 1.30 -3.68 -12.05
CA GLY A 38 1.83 -2.79 -13.07
C GLY A 38 1.59 -1.34 -12.65
N VAL A 39 0.78 -0.67 -13.49
CA VAL A 39 0.43 0.73 -13.25
C VAL A 39 -1.09 0.91 -13.25
N LEU A 40 -1.77 -0.23 -12.96
CA LEU A 40 -3.22 -0.27 -12.92
C LEU A 40 -3.61 -0.16 -11.44
N SER A 41 -4.93 0.07 -11.29
CA SER A 41 -5.57 0.21 -10.00
C SER A 41 -6.68 -0.85 -10.02
N SER A 42 -6.19 -2.12 -10.03
CA SER A 42 -7.04 -3.29 -10.05
C SER A 42 -7.53 -3.46 -8.60
N GLN A 43 -8.80 -3.04 -8.43
CA GLN A 43 -9.41 -3.08 -7.12
C GLN A 43 -10.05 -4.46 -6.96
N GLU A 44 -11.30 -4.56 -7.46
CA GLU A 44 -12.10 -5.77 -7.36
C GLU A 44 -11.50 -6.90 -8.21
N ASP A 45 -10.51 -6.56 -9.06
CA ASP A 45 -9.91 -7.58 -9.92
C ASP A 45 -8.75 -8.19 -9.15
N PHE A 46 -7.91 -7.32 -8.52
CA PHE A 46 -6.80 -7.89 -7.78
C PHE A 46 -7.27 -8.21 -6.36
N ILE A 47 -8.58 -7.98 -6.07
CA ILE A 47 -9.11 -8.34 -4.76
C ILE A 47 -9.45 -9.84 -4.91
N ASN A 48 -9.77 -10.21 -6.18
CA ASN A 48 -10.06 -11.60 -6.48
C ASN A 48 -8.72 -12.35 -6.43
N ALA A 49 -7.61 -11.62 -6.73
CA ALA A 49 -6.30 -12.24 -6.68
C ALA A 49 -5.67 -11.94 -5.30
N ALA A 50 -6.44 -11.25 -4.42
CA ALA A 50 -5.96 -10.97 -3.07
C ALA A 50 -6.41 -12.11 -2.18
N ILE A 51 -7.25 -13.00 -2.73
CA ILE A 51 -7.66 -14.19 -2.01
C ILE A 51 -6.63 -15.25 -2.41
N GLU A 52 -6.25 -15.13 -3.71
CA GLU A 52 -5.30 -15.98 -4.39
C GLU A 52 -3.92 -15.87 -3.72
N THR A 53 -3.26 -14.69 -3.87
CA THR A 53 -1.91 -14.54 -3.35
C THR A 53 -1.98 -14.31 -1.84
N LYS A 54 -3.07 -13.64 -1.41
CA LYS A 54 -3.30 -13.35 0.00
C LYS A 54 -2.46 -12.12 0.34
N ALA A 55 -2.80 -11.02 -0.37
CA ALA A 55 -2.15 -9.73 -0.26
C ALA A 55 -2.10 -9.35 1.23
N ASP A 56 -0.85 -9.21 1.71
CA ASP A 56 -0.59 -8.88 3.10
C ASP A 56 -0.72 -7.36 3.20
N LEU A 57 -0.01 -6.70 2.25
CA LEU A 57 -0.04 -5.25 2.24
C LEU A 57 -0.04 -4.82 0.78
N ILE A 58 -0.48 -3.55 0.64
CA ILE A 58 -0.60 -2.89 -0.65
C ILE A 58 0.33 -1.67 -0.57
N CYS A 59 1.07 -1.47 -1.69
CA CYS A 59 2.00 -0.35 -1.82
C CYS A 59 1.64 0.33 -3.15
N VAL A 60 1.12 1.57 -2.98
CA VAL A 60 0.71 2.39 -4.10
C VAL A 60 1.82 3.40 -4.37
N SER A 61 2.03 3.64 -5.68
CA SER A 61 3.03 4.58 -6.11
C SER A 61 2.25 5.70 -6.76
N SER A 62 1.43 6.36 -5.91
CA SER A 62 0.63 7.47 -6.43
C SER A 62 0.05 8.19 -5.21
N LEU A 63 -0.10 9.50 -5.44
CA LEU A 63 -0.65 10.45 -4.50
C LEU A 63 -1.94 10.92 -5.15
N TYR A 64 -2.86 9.94 -5.14
CA TYR A 64 -4.20 10.05 -5.68
C TYR A 64 -4.07 10.07 -7.20
N GLY A 65 -4.06 8.81 -7.68
CA GLY A 65 -3.99 8.41 -9.07
C GLY A 65 -4.56 6.99 -9.15
N GLN A 66 -5.55 6.80 -8.26
CA GLN A 66 -6.23 5.55 -8.02
C GLN A 66 -7.70 5.86 -7.68
N GLY A 67 -7.97 7.14 -7.38
CA GLY A 67 -9.30 7.61 -7.04
C GLY A 67 -9.74 7.16 -5.63
N GLU A 68 -11.08 7.26 -5.47
CA GLU A 68 -11.76 6.90 -4.24
C GLU A 68 -11.96 5.37 -4.23
N ILE A 69 -11.45 4.70 -5.30
CA ILE A 69 -11.57 3.27 -5.46
C ILE A 69 -10.63 2.61 -4.44
N ASP A 70 -9.32 2.93 -4.60
CA ASP A 70 -8.29 2.37 -3.75
C ASP A 70 -8.46 2.95 -2.33
N CYS A 71 -9.09 4.15 -2.25
CA CYS A 71 -9.29 4.79 -0.96
C CYS A 71 -10.18 3.88 -0.11
N LYS A 72 -11.48 3.83 -0.50
CA LYS A 72 -12.44 3.01 0.24
C LYS A 72 -12.49 1.60 -0.37
N GLY A 73 -11.31 1.17 -0.86
CA GLY A 73 -11.16 -0.14 -1.45
C GLY A 73 -10.63 -1.13 -0.43
N LEU A 74 -9.58 -0.63 0.26
CA LEU A 74 -8.91 -1.42 1.28
C LEU A 74 -9.61 -1.14 2.62
N ARG A 75 -10.33 0.02 2.68
CA ARG A 75 -11.05 0.35 3.91
C ARG A 75 -12.29 -0.58 3.93
N GLU A 76 -12.77 -0.88 2.70
CA GLU A 76 -13.91 -1.75 2.51
C GLU A 76 -13.44 -3.21 2.69
N LYS A 77 -12.11 -3.45 2.47
CA LYS A 77 -11.51 -4.77 2.60
C LYS A 77 -11.31 -5.09 4.09
N CYS A 78 -11.41 -4.05 4.93
CA CYS A 78 -11.23 -4.15 6.38
C CYS A 78 -12.59 -4.42 6.96
N ASP A 79 -13.47 -3.62 6.38
CA ASP A 79 -14.89 -3.60 6.64
C ASP A 79 -15.53 -4.83 5.97
N GLU A 80 -14.67 -5.59 5.30
CA GLU A 80 -15.02 -6.82 4.63
C GLU A 80 -15.04 -7.85 5.75
N ALA A 81 -13.87 -7.86 6.43
CA ALA A 81 -13.59 -8.73 7.56
C ALA A 81 -13.65 -10.17 7.03
N GLY A 82 -12.94 -10.34 5.91
CA GLY A 82 -12.85 -11.61 5.21
C GLY A 82 -11.56 -11.62 4.39
N LEU A 83 -11.40 -10.48 3.67
CA LEU A 83 -10.24 -10.25 2.85
C LEU A 83 -9.25 -9.55 3.78
N LYS A 84 -8.05 -10.18 3.87
CA LYS A 84 -7.00 -9.68 4.73
C LYS A 84 -6.19 -8.66 3.92
N GLY A 85 -6.12 -7.45 4.51
CA GLY A 85 -5.41 -6.35 3.90
C GLY A 85 -5.74 -5.05 4.64
N ILE A 86 -5.28 -5.06 5.92
CA ILE A 86 -5.47 -3.95 6.84
C ILE A 86 -4.13 -3.22 6.98
N LYS A 87 -3.16 -3.56 6.10
CA LYS A 87 -1.85 -2.93 6.13
C LYS A 87 -1.71 -2.34 4.73
N LEU A 88 -1.68 -1.00 4.68
CA LEU A 88 -1.58 -0.33 3.39
C LEU A 88 -0.61 0.82 3.60
N PHE A 89 0.63 0.59 3.14
CA PHE A 89 1.66 1.63 3.27
C PHE A 89 1.65 2.23 1.86
N VAL A 90 0.77 3.24 1.83
CA VAL A 90 0.40 3.97 0.64
C VAL A 90 1.32 5.17 0.42
N GLY A 91 2.26 4.80 -0.45
CA GLY A 91 3.26 5.72 -0.94
C GLY A 91 2.65 6.91 -1.70
N GLY A 92 3.01 8.10 -1.20
CA GLY A 92 2.54 9.36 -1.75
C GLY A 92 1.30 9.82 -0.97
N ASN A 93 0.19 9.19 -1.40
CA ASN A 93 -1.20 9.29 -0.94
C ASN A 93 -1.45 10.67 -0.29
N ILE A 94 -1.97 11.57 -1.14
CA ILE A 94 -2.32 12.94 -0.76
C ILE A 94 -1.01 13.69 -0.48
N VAL A 95 -0.90 14.81 -1.24
CA VAL A 95 0.26 15.70 -1.13
C VAL A 95 -0.04 16.70 0.00
N VAL A 96 1.03 17.46 0.35
CA VAL A 96 1.03 18.49 1.38
C VAL A 96 0.24 18.07 2.64
N GLY A 97 0.76 16.97 3.24
CA GLY A 97 0.16 16.42 4.44
C GLY A 97 1.04 15.28 4.96
N LYS A 98 1.01 15.16 6.31
CA LYS A 98 1.78 14.14 6.98
C LYS A 98 1.27 14.16 8.42
N GLN A 99 0.48 13.11 8.73
CA GLN A 99 -0.15 12.88 10.03
C GLN A 99 -1.48 13.65 10.03
N ASN A 100 -1.35 14.98 9.82
CA ASN A 100 -2.49 15.87 9.79
C ASN A 100 -3.00 15.83 8.35
N TRP A 101 -4.09 15.04 8.20
CA TRP A 101 -4.73 14.87 6.91
C TRP A 101 -6.05 15.66 7.02
N PRO A 102 -6.65 16.01 5.83
CA PRO A 102 -7.90 16.75 5.80
C PRO A 102 -9.03 15.84 6.35
N ASP A 103 -10.26 16.23 5.95
CA ASP A 103 -11.50 15.58 6.32
C ASP A 103 -11.51 14.16 5.71
N VAL A 104 -10.71 14.00 4.64
CA VAL A 104 -10.58 12.74 3.93
C VAL A 104 -10.10 11.64 4.88
N GLU A 105 -8.80 11.73 5.30
CA GLU A 105 -8.31 10.71 6.19
C GLU A 105 -8.55 11.15 7.64
N GLN A 106 -9.62 11.94 7.87
CA GLN A 106 -9.99 12.34 9.23
C GLN A 106 -10.80 11.14 9.74
N ARG A 107 -11.64 10.64 8.80
CA ARG A 107 -12.47 9.48 9.05
C ARG A 107 -11.57 8.25 8.86
N PHE A 108 -10.59 8.37 7.92
CA PHE A 108 -9.68 7.26 7.71
C PHE A 108 -8.47 7.43 8.65
N LYS A 109 -8.60 8.34 9.66
CA LYS A 109 -7.56 8.54 10.68
C LYS A 109 -7.92 7.55 11.79
N ALA A 110 -9.26 7.46 12.00
CA ALA A 110 -9.85 6.58 13.00
C ALA A 110 -9.49 5.14 12.61
N MET A 111 -9.40 4.94 11.27
CA MET A 111 -9.01 3.66 10.73
C MET A 111 -7.49 3.66 10.91
N GLY A 112 -6.89 4.64 10.20
CA GLY A 112 -5.47 4.98 10.16
C GLY A 112 -4.47 3.82 10.31
N PHE A 113 -4.87 2.66 9.75
CA PHE A 113 -4.02 1.47 9.78
C PHE A 113 -3.11 1.53 8.55
N ASP A 114 -3.37 2.55 7.71
CA ASP A 114 -2.62 2.81 6.49
C ASP A 114 -1.75 4.03 6.82
N ARG A 115 -0.46 3.90 6.45
CA ARG A 115 0.51 4.97 6.65
C ARG A 115 0.79 5.45 5.23
N VAL A 116 1.55 6.56 5.14
CA VAL A 116 1.87 7.10 3.82
C VAL A 116 3.32 7.58 3.86
N TYR A 117 3.94 7.55 2.65
CA TYR A 117 5.31 8.03 2.57
C TYR A 117 5.15 9.46 2.01
N PRO A 118 5.56 10.51 2.79
CA PRO A 118 5.44 11.90 2.36
C PRO A 118 6.23 12.08 1.06
N PRO A 119 5.76 13.00 0.18
CA PRO A 119 6.41 13.25 -1.10
C PRO A 119 7.78 13.85 -0.79
N GLY A 120 8.80 13.06 -1.20
CA GLY A 120 10.20 13.42 -1.00
C GLY A 120 10.91 12.43 -0.06
N THR A 121 10.43 11.16 -0.14
CA THR A 121 10.96 10.07 0.65
C THR A 121 12.10 9.46 -0.21
N SER A 122 12.50 8.27 0.26
CA SER A 122 13.59 7.52 -0.30
C SER A 122 13.19 6.04 -0.23
N PRO A 123 14.01 5.17 -0.89
CA PRO A 123 13.79 3.72 -0.85
C PRO A 123 14.34 3.20 0.49
N GLU A 124 14.97 4.14 1.25
CA GLU A 124 15.53 3.88 2.57
C GLU A 124 14.33 3.73 3.53
N THR A 125 13.22 4.37 3.11
CA THR A 125 11.98 4.37 3.86
C THR A 125 11.28 3.04 3.58
N THR A 126 11.69 2.34 2.48
CA THR A 126 11.06 1.08 2.19
C THR A 126 11.70 -0.03 3.00
N ILE A 127 12.89 0.26 3.53
CA ILE A 127 13.51 -0.72 4.41
C ILE A 127 12.57 -0.69 5.65
N ALA A 128 12.05 0.54 5.87
CA ALA A 128 11.14 0.79 6.96
C ALA A 128 9.72 0.41 6.51
N ASP A 129 9.54 -0.07 5.24
CA ASP A 129 8.23 -0.49 4.76
C ASP A 129 7.78 -1.65 5.65
N MET A 130 8.58 -2.73 5.50
CA MET A 130 8.31 -3.97 6.21
C MET A 130 9.01 -3.99 7.57
N LYS A 131 9.59 -2.86 8.03
CA LYS A 131 10.21 -2.92 9.36
C LYS A 131 9.15 -2.59 10.42
N GLU A 132 8.22 -1.67 10.03
CA GLU A 132 7.20 -1.22 10.98
C GLU A 132 5.96 -2.11 10.89
N VAL A 133 5.58 -2.41 9.63
CA VAL A 133 4.39 -3.21 9.35
C VAL A 133 4.53 -4.66 9.84
N LEU A 134 5.79 -5.18 9.82
CA LEU A 134 6.01 -6.55 10.26
C LEU A 134 6.29 -6.51 11.76
N GLY A 135 6.96 -5.40 12.18
CA GLY A 135 7.32 -5.23 13.58
C GLY A 135 6.08 -5.09 14.48
N VAL A 136 5.69 -3.81 14.66
CA VAL A 136 4.54 -3.49 15.47
C VAL A 136 4.13 -2.05 15.16
N GLU A 137 2.82 -1.83 15.38
CA GLU A 137 2.21 -0.53 15.12
C GLU A 137 1.20 -0.36 16.27
N MET A 1 0.12 -9.59 8.53
CA MET A 1 0.94 -8.68 9.30
C MET A 1 2.38 -8.95 8.84
N GLU A 2 2.85 -10.15 9.23
CA GLU A 2 4.19 -10.62 8.91
C GLU A 2 4.07 -11.56 7.70
N LYS A 3 2.91 -11.48 7.01
CA LYS A 3 2.60 -12.30 5.87
C LYS A 3 3.34 -11.69 4.67
N LYS A 4 4.02 -12.65 4.01
CA LYS A 4 4.87 -12.49 2.84
C LYS A 4 3.97 -12.43 1.61
N THR A 5 3.69 -11.17 1.23
CA THR A 5 2.85 -10.88 0.07
C THR A 5 2.64 -9.36 0.15
N ILE A 6 3.31 -8.69 -0.82
CA ILE A 6 3.30 -7.25 -0.96
C ILE A 6 3.06 -7.01 -2.44
N VAL A 7 1.91 -6.35 -2.66
CA VAL A 7 1.44 -5.98 -3.97
C VAL A 7 1.79 -4.51 -4.20
N LEU A 8 2.35 -4.26 -5.40
CA LEU A 8 2.75 -2.90 -5.75
C LEU A 8 2.07 -2.53 -7.07
N GLY A 9 1.69 -1.23 -7.11
CA GLY A 9 1.08 -0.71 -8.34
C GLY A 9 0.77 0.79 -8.28
N VAL A 10 0.40 1.25 -9.50
CA VAL A 10 -0.02 2.59 -9.93
C VAL A 10 1.04 3.46 -10.61
N ILE A 11 1.16 4.72 -10.11
CA ILE A 11 2.03 5.80 -10.60
C ILE A 11 1.69 6.03 -12.09
N GLY A 12 0.90 7.13 -12.33
CA GLY A 12 0.51 7.43 -13.70
C GLY A 12 -0.03 8.86 -13.79
N SER A 13 0.82 9.74 -13.22
CA SER A 13 0.59 11.15 -13.13
C SER A 13 1.60 11.73 -14.13
N ASP A 14 2.83 11.95 -13.60
CA ASP A 14 3.93 12.46 -14.40
C ASP A 14 4.52 11.20 -15.05
N CYS A 15 4.08 10.98 -16.32
CA CYS A 15 4.52 9.82 -17.09
C CYS A 15 3.98 8.58 -16.33
N HIS A 16 4.88 7.59 -16.15
CA HIS A 16 4.58 6.36 -15.44
C HIS A 16 5.90 5.97 -14.77
N ALA A 17 5.81 4.80 -14.08
CA ALA A 17 6.92 4.19 -13.36
C ALA A 17 7.18 5.04 -12.12
N VAL A 18 8.33 4.74 -11.48
CA VAL A 18 8.82 5.40 -10.27
C VAL A 18 8.14 4.78 -9.01
N GLY A 19 7.54 3.58 -9.21
CA GLY A 19 6.88 2.84 -8.15
C GLY A 19 7.78 1.67 -7.72
N ASN A 20 8.43 1.13 -8.78
CA ASN A 20 9.38 0.02 -8.70
C ASN A 20 10.38 0.34 -7.58
N LYS A 21 10.67 1.68 -7.55
CA LYS A 21 11.49 2.58 -6.76
C LYS A 21 11.52 2.07 -5.33
N ILE A 22 12.29 1.00 -5.37
CA ILE A 22 12.72 0.15 -4.28
C ILE A 22 11.52 -0.44 -3.51
N LEU A 23 10.27 -0.40 -4.05
CA LEU A 23 9.19 -1.02 -3.27
C LEU A 23 9.34 -2.54 -3.46
N ASP A 24 9.67 -2.90 -4.72
CA ASP A 24 9.88 -4.31 -5.01
C ASP A 24 11.30 -4.69 -4.53
N HIS A 25 12.05 -3.70 -3.98
CA HIS A 25 13.39 -4.03 -3.52
C HIS A 25 13.24 -4.64 -2.12
N SER A 26 12.24 -4.10 -1.42
CA SER A 26 11.95 -4.50 -0.06
C SER A 26 11.46 -5.94 -0.01
N PHE A 27 10.82 -6.38 -1.12
CA PHE A 27 10.30 -7.77 -1.11
C PHE A 27 11.49 -8.73 -1.06
N THR A 28 12.47 -8.35 -1.86
CA THR A 28 13.68 -9.13 -2.06
C THR A 28 14.60 -9.11 -0.85
N ASN A 29 14.48 -7.99 -0.16
CA ASN A 29 15.25 -7.64 1.00
C ASN A 29 14.44 -7.96 2.26
N ALA A 30 13.37 -8.78 2.15
CA ALA A 30 12.63 -9.13 3.32
C ALA A 30 12.23 -10.60 3.20
N GLY A 31 12.68 -11.26 2.10
CA GLY A 31 12.30 -12.66 1.89
C GLY A 31 10.78 -12.81 1.79
N PHE A 32 10.18 -11.71 1.29
CA PHE A 32 8.74 -11.61 1.14
C PHE A 32 8.44 -11.90 -0.32
N ASN A 33 7.17 -12.34 -0.49
CA ASN A 33 6.65 -12.71 -1.80
C ASN A 33 6.24 -11.40 -2.46
N VAL A 34 6.54 -11.38 -3.78
CA VAL A 34 6.24 -10.24 -4.63
C VAL A 34 4.95 -10.57 -5.40
N VAL A 35 4.12 -9.52 -5.44
CA VAL A 35 2.84 -9.53 -6.12
C VAL A 35 2.80 -8.24 -6.95
N ASN A 36 3.75 -8.22 -7.90
CA ASN A 36 3.82 -7.02 -8.74
C ASN A 36 2.76 -7.19 -9.83
N ILE A 37 1.82 -6.21 -9.85
CA ILE A 37 0.75 -6.23 -10.83
C ILE A 37 1.30 -5.44 -12.04
N GLY A 38 1.24 -4.10 -11.87
CA GLY A 38 1.71 -3.20 -12.91
C GLY A 38 1.49 -1.76 -12.45
N VAL A 39 1.45 -0.86 -13.46
CA VAL A 39 1.25 0.56 -13.16
C VAL A 39 -0.26 0.89 -13.12
N LEU A 40 -0.91 0.17 -12.18
CA LEU A 40 -2.34 0.30 -11.95
C LEU A 40 -2.58 -0.38 -10.61
N SER A 41 -3.19 0.43 -9.71
CA SER A 41 -3.56 0.02 -8.37
C SER A 41 -5.03 -0.37 -8.51
N SER A 42 -5.15 -1.65 -8.95
CA SER A 42 -6.41 -2.30 -9.22
C SER A 42 -6.95 -2.71 -7.85
N GLN A 43 -8.18 -2.20 -7.61
CA GLN A 43 -8.85 -2.43 -6.35
C GLN A 43 -9.50 -3.81 -6.38
N GLU A 44 -10.80 -3.79 -6.75
CA GLU A 44 -11.68 -4.95 -6.80
C GLU A 44 -11.13 -6.04 -7.73
N ASP A 45 -10.18 -5.67 -8.62
CA ASP A 45 -9.65 -6.64 -9.54
C ASP A 45 -8.52 -7.39 -8.86
N PHE A 46 -7.59 -6.64 -8.23
CA PHE A 46 -6.49 -7.36 -7.58
C PHE A 46 -6.94 -7.78 -6.17
N ILE A 47 -8.19 -7.45 -5.80
CA ILE A 47 -8.70 -7.89 -4.51
C ILE A 47 -9.21 -9.32 -4.77
N ASN A 48 -9.62 -9.53 -6.05
CA ASN A 48 -10.08 -10.85 -6.45
C ASN A 48 -8.82 -11.72 -6.61
N ALA A 49 -7.69 -11.04 -6.97
CA ALA A 49 -6.44 -11.75 -7.14
C ALA A 49 -5.65 -11.69 -5.80
N ALA A 50 -6.30 -11.13 -4.74
CA ALA A 50 -5.66 -11.07 -3.43
C ALA A 50 -6.05 -12.37 -2.72
N ILE A 51 -7.14 -12.99 -3.20
CA ILE A 51 -7.58 -14.27 -2.66
C ILE A 51 -6.62 -15.30 -3.28
N GLU A 52 -6.32 -15.02 -4.57
CA GLU A 52 -5.45 -15.81 -5.41
C GLU A 52 -4.04 -15.91 -4.81
N THR A 53 -3.31 -14.76 -4.80
CA THR A 53 -1.94 -14.78 -4.32
C THR A 53 -1.94 -14.88 -2.81
N LYS A 54 -2.47 -13.78 -2.23
CA LYS A 54 -2.61 -13.57 -0.79
C LYS A 54 -2.03 -12.18 -0.48
N ALA A 55 -2.42 -11.18 -1.28
CA ALA A 55 -1.95 -9.81 -1.08
C ALA A 55 -2.39 -9.39 0.33
N ASP A 56 -1.34 -9.32 1.19
CA ASP A 56 -1.52 -8.96 2.59
C ASP A 56 -1.47 -7.45 2.62
N LEU A 57 -0.22 -6.94 2.63
CA LEU A 57 0.00 -5.50 2.67
C LEU A 57 0.04 -5.07 1.20
N ILE A 58 -0.55 -3.88 0.95
CA ILE A 58 -0.60 -3.35 -0.40
C ILE A 58 -0.04 -1.94 -0.29
N CYS A 59 0.67 -1.58 -1.38
CA CYS A 59 1.31 -0.28 -1.48
C CYS A 59 1.00 0.26 -2.88
N VAL A 60 0.52 1.51 -2.80
CA VAL A 60 0.13 2.35 -3.91
C VAL A 60 1.34 3.28 -4.08
N SER A 61 1.73 3.48 -5.36
CA SER A 61 2.88 4.32 -5.60
C SER A 61 2.34 5.39 -6.51
N SER A 62 1.83 6.46 -5.86
CA SER A 62 1.25 7.55 -6.61
C SER A 62 1.14 8.70 -5.61
N LEU A 63 0.46 9.76 -6.08
CA LEU A 63 0.18 10.97 -5.35
C LEU A 63 -1.31 11.24 -5.60
N TYR A 64 -2.07 10.12 -5.53
CA TYR A 64 -3.51 10.08 -5.71
C TYR A 64 -3.76 10.06 -7.23
N GLY A 65 -3.93 8.82 -7.70
CA GLY A 65 -4.20 8.53 -9.11
C GLY A 65 -4.70 7.09 -9.29
N GLN A 66 -5.17 6.55 -8.15
CA GLN A 66 -5.73 5.21 -8.04
C GLN A 66 -7.25 5.40 -7.81
N GLY A 67 -7.67 6.69 -7.77
CA GLY A 67 -9.07 7.01 -7.53
C GLY A 67 -9.37 6.85 -6.04
N GLU A 68 -10.48 7.52 -5.65
CA GLU A 68 -10.90 7.45 -4.26
C GLU A 68 -11.69 6.13 -4.05
N ILE A 69 -11.69 5.28 -5.11
CA ILE A 69 -12.37 4.00 -5.10
C ILE A 69 -11.39 3.01 -4.48
N ASP A 70 -10.13 3.05 -4.99
CA ASP A 70 -9.10 2.16 -4.49
C ASP A 70 -8.72 2.62 -3.07
N CYS A 71 -8.95 3.92 -2.82
CA CYS A 71 -8.65 4.53 -1.53
C CYS A 71 -9.61 3.93 -0.51
N LYS A 72 -10.93 4.09 -0.80
CA LYS A 72 -11.97 3.58 0.09
C LYS A 72 -12.32 2.15 -0.32
N GLY A 73 -11.34 1.50 -0.95
CA GLY A 73 -11.46 0.14 -1.43
C GLY A 73 -10.69 -0.82 -0.52
N LEU A 74 -9.59 -0.25 0.02
CA LEU A 74 -8.72 -0.96 0.93
C LEU A 74 -9.31 -0.79 2.34
N ARG A 75 -10.04 0.35 2.49
CA ARG A 75 -10.72 0.65 3.74
C ARG A 75 -11.92 -0.32 3.79
N GLU A 76 -12.44 -0.60 2.56
CA GLU A 76 -13.57 -1.50 2.37
C GLU A 76 -13.05 -2.96 2.42
N LYS A 77 -11.72 -3.15 2.21
CA LYS A 77 -11.10 -4.47 2.24
C LYS A 77 -10.94 -4.93 3.70
N CYS A 78 -10.98 -3.94 4.62
CA CYS A 78 -10.82 -4.16 6.04
C CYS A 78 -12.18 -4.40 6.62
N ASP A 79 -13.04 -3.53 6.09
CA ASP A 79 -14.45 -3.48 6.38
C ASP A 79 -15.14 -4.63 5.61
N GLU A 80 -14.29 -5.38 4.89
CA GLU A 80 -14.70 -6.54 4.13
C GLU A 80 -14.80 -7.65 5.17
N ALA A 81 -13.64 -7.78 5.85
CA ALA A 81 -13.42 -8.75 6.90
C ALA A 81 -13.52 -10.14 6.24
N GLY A 82 -12.95 -10.19 5.02
CA GLY A 82 -12.90 -11.38 4.19
C GLY A 82 -11.56 -11.38 3.46
N LEU A 83 -11.29 -10.20 2.87
CA LEU A 83 -10.05 -9.96 2.16
C LEU A 83 -9.10 -9.49 3.27
N LYS A 84 -8.02 -10.28 3.42
CA LYS A 84 -7.05 -10.00 4.47
C LYS A 84 -6.07 -8.96 3.91
N GLY A 85 -6.03 -7.83 4.67
CA GLY A 85 -5.17 -6.73 4.31
C GLY A 85 -5.60 -5.47 5.05
N ILE A 86 -5.11 -5.42 6.32
CA ILE A 86 -5.38 -4.30 7.21
C ILE A 86 -4.02 -3.61 7.41
N LYS A 87 -3.29 -3.56 6.28
CA LYS A 87 -1.99 -2.95 6.20
C LYS A 87 -1.98 -2.37 4.78
N LEU A 88 -1.93 -1.03 4.76
CA LEU A 88 -1.93 -0.33 3.49
C LEU A 88 -0.95 0.81 3.65
N PHE A 89 0.28 0.56 3.15
CA PHE A 89 1.31 1.58 3.25
C PHE A 89 1.27 2.21 1.85
N VAL A 90 0.40 3.25 1.83
CA VAL A 90 0.09 3.98 0.62
C VAL A 90 1.09 5.14 0.45
N GLY A 91 2.12 4.76 -0.31
CA GLY A 91 3.18 5.70 -0.62
C GLY A 91 2.76 6.81 -1.59
N GLY A 92 2.87 8.05 -1.03
CA GLY A 92 2.56 9.30 -1.71
C GLY A 92 1.06 9.63 -1.76
N ASN A 93 0.29 8.57 -2.12
CA ASN A 93 -1.16 8.53 -2.27
C ASN A 93 -1.76 9.24 -1.05
N ILE A 94 -2.67 10.18 -1.40
CA ILE A 94 -3.37 11.02 -0.44
C ILE A 94 -2.27 11.80 0.28
N VAL A 95 -1.71 12.74 -0.51
CA VAL A 95 -0.61 13.59 -0.07
C VAL A 95 -1.16 14.71 0.84
N VAL A 96 -0.30 15.74 0.97
CA VAL A 96 -0.47 16.97 1.76
C VAL A 96 -0.63 16.61 3.25
N GLY A 97 0.34 17.13 4.03
CA GLY A 97 0.39 16.89 5.47
C GLY A 97 0.88 15.45 5.75
N LYS A 98 1.35 15.25 6.99
CA LYS A 98 1.83 13.94 7.41
C LYS A 98 1.59 13.93 8.92
N GLN A 99 0.58 13.09 9.27
CA GLN A 99 0.07 12.86 10.62
C GLN A 99 -1.18 13.75 10.69
N ASN A 100 -0.93 15.03 10.35
CA ASN A 100 -1.96 16.06 10.32
C ASN A 100 -2.47 16.06 8.87
N TRP A 101 -3.28 15.01 8.61
CA TRP A 101 -3.86 14.83 7.29
C TRP A 101 -5.11 15.72 7.25
N PRO A 102 -5.59 16.05 6.01
CA PRO A 102 -6.80 16.86 5.86
C PRO A 102 -8.01 16.01 6.32
N ASP A 103 -9.18 16.41 5.74
CA ASP A 103 -10.47 15.78 6.03
C ASP A 103 -10.45 14.35 5.45
N VAL A 104 -9.54 14.14 4.47
CA VAL A 104 -9.41 12.86 3.81
C VAL A 104 -9.06 11.76 4.82
N GLU A 105 -7.82 11.81 5.38
CA GLU A 105 -7.46 10.77 6.33
C GLU A 105 -7.85 11.24 7.74
N GLN A 106 -8.88 12.10 7.84
CA GLN A 106 -9.38 12.50 9.15
C GLN A 106 -10.29 11.32 9.56
N ARG A 107 -11.04 10.86 8.52
CA ARG A 107 -11.94 9.74 8.66
C ARG A 107 -11.08 8.47 8.55
N PHE A 108 -9.98 8.55 7.76
CA PHE A 108 -9.09 7.39 7.63
C PHE A 108 -8.00 7.50 8.71
N LYS A 109 -8.21 8.39 9.72
CA LYS A 109 -7.27 8.53 10.83
C LYS A 109 -7.79 7.54 11.88
N ALA A 110 -9.15 7.55 11.97
CA ALA A 110 -9.90 6.69 12.87
C ALA A 110 -9.58 5.23 12.50
N MET A 111 -9.43 5.03 11.17
CA MET A 111 -9.08 3.72 10.65
C MET A 111 -7.57 3.60 10.93
N GLY A 112 -6.86 4.56 10.29
CA GLY A 112 -5.42 4.77 10.37
C GLY A 112 -4.50 3.54 10.39
N PHE A 113 -5.00 2.44 9.80
CA PHE A 113 -4.19 1.23 9.71
C PHE A 113 -3.33 1.36 8.43
N ASP A 114 -3.57 2.50 7.72
CA ASP A 114 -2.92 2.88 6.51
C ASP A 114 -1.93 4.00 6.88
N ARG A 115 -0.67 3.80 6.44
CA ARG A 115 0.38 4.78 6.64
C ARG A 115 0.64 5.32 5.23
N VAL A 116 1.49 6.37 5.16
CA VAL A 116 1.80 6.96 3.86
C VAL A 116 3.30 7.31 3.83
N TYR A 117 3.83 7.28 2.59
CA TYR A 117 5.25 7.59 2.38
C TYR A 117 5.22 9.05 1.90
N PRO A 118 6.28 9.83 2.23
CA PRO A 118 6.33 11.23 1.80
C PRO A 118 6.55 11.21 0.27
N PRO A 119 6.15 12.31 -0.42
CA PRO A 119 6.31 12.42 -1.86
C PRO A 119 7.79 12.73 -2.08
N GLY A 120 8.44 11.78 -2.80
CA GLY A 120 9.86 11.90 -3.08
C GLY A 120 10.66 11.59 -1.81
N THR A 121 10.35 10.37 -1.33
CA THR A 121 10.94 9.84 -0.11
C THR A 121 12.23 9.14 -0.48
N SER A 122 12.77 8.68 0.65
CA SER A 122 13.97 7.92 0.84
C SER A 122 13.60 6.50 0.40
N PRO A 123 14.62 5.62 0.30
CA PRO A 123 14.38 4.23 -0.01
C PRO A 123 14.25 3.51 1.36
N GLU A 124 14.45 4.30 2.44
CA GLU A 124 14.41 3.88 3.83
C GLU A 124 12.97 3.67 4.24
N THR A 125 12.03 4.13 3.38
CA THR A 125 10.63 4.02 3.67
C THR A 125 10.23 2.56 3.44
N THR A 126 10.97 1.89 2.51
CA THR A 126 10.62 0.53 2.19
C THR A 126 11.33 -0.44 3.13
N ILE A 127 12.43 0.05 3.73
CA ILE A 127 13.06 -0.80 4.73
C ILE A 127 12.04 -0.77 5.90
N ALA A 128 11.32 0.38 5.92
CA ALA A 128 10.30 0.64 6.89
C ALA A 128 8.99 0.02 6.41
N ASP A 129 8.96 -0.57 5.18
CA ASP A 129 7.72 -1.18 4.69
C ASP A 129 7.39 -2.34 5.64
N MET A 130 8.41 -3.21 5.70
CA MET A 130 8.37 -4.43 6.48
C MET A 130 8.84 -4.17 7.93
N LYS A 131 9.17 -2.91 8.30
CA LYS A 131 9.62 -2.72 9.67
C LYS A 131 8.41 -2.54 10.60
N GLU A 132 7.47 -1.67 10.18
CA GLU A 132 6.34 -1.36 11.04
C GLU A 132 5.22 -2.39 10.89
N VAL A 133 5.00 -2.80 9.64
CA VAL A 133 3.93 -3.76 9.32
C VAL A 133 4.21 -5.16 9.88
N LEU A 134 5.52 -5.53 9.95
CA LEU A 134 5.84 -6.85 10.47
C LEU A 134 6.03 -6.71 11.99
N GLY A 135 6.54 -5.52 12.38
CA GLY A 135 6.82 -5.22 13.78
C GLY A 135 5.55 -5.20 14.65
N VAL A 136 5.00 -3.97 14.77
CA VAL A 136 3.80 -3.79 15.57
C VAL A 136 3.26 -2.38 15.31
N GLU A 137 1.96 -2.26 15.66
CA GLU A 137 1.22 -1.01 15.53
C GLU A 137 0.53 -0.81 16.88
N MET A 1 2.20 -12.62 12.52
CA MET A 1 1.66 -11.67 11.58
C MET A 1 2.88 -11.13 10.83
N GLU A 2 3.48 -12.05 10.05
CA GLU A 2 4.65 -11.70 9.26
C GLU A 2 4.63 -12.66 8.07
N LYS A 3 3.81 -12.26 7.07
CA LYS A 3 3.64 -12.99 5.85
C LYS A 3 4.73 -12.49 4.90
N LYS A 4 4.45 -12.73 3.60
CA LYS A 4 5.40 -12.35 2.58
C LYS A 4 4.62 -12.12 1.27
N THR A 5 3.72 -11.11 1.31
CA THR A 5 2.96 -10.73 0.11
C THR A 5 2.69 -9.23 0.25
N ILE A 6 3.40 -8.52 -0.66
CA ILE A 6 3.32 -7.09 -0.77
C ILE A 6 3.08 -6.84 -2.25
N VAL A 7 1.83 -6.39 -2.54
CA VAL A 7 1.40 -6.09 -3.89
C VAL A 7 1.74 -4.60 -4.12
N LEU A 8 2.73 -4.41 -5.03
CA LEU A 8 3.21 -3.05 -5.32
C LEU A 8 3.12 -2.79 -6.82
N GLY A 9 2.87 -1.48 -7.08
CA GLY A 9 2.79 -0.95 -8.44
C GLY A 9 2.05 0.38 -8.44
N VAL A 10 1.67 0.77 -9.68
CA VAL A 10 0.92 1.99 -10.06
C VAL A 10 1.77 3.03 -10.85
N ILE A 11 1.99 4.20 -10.20
CA ILE A 11 2.71 5.41 -10.66
C ILE A 11 2.11 5.93 -11.97
N GLY A 12 2.34 7.26 -12.11
CA GLY A 12 1.94 8.09 -13.23
C GLY A 12 2.57 9.47 -13.02
N SER A 13 3.88 9.48 -13.34
CA SER A 13 4.72 10.65 -13.20
C SER A 13 5.80 10.49 -14.28
N ASP A 14 7.05 10.24 -13.80
CA ASP A 14 8.19 10.08 -14.69
C ASP A 14 9.33 9.66 -13.73
N CYS A 15 10.56 10.16 -14.03
CA CYS A 15 11.72 9.88 -13.18
C CYS A 15 12.13 8.41 -13.39
N HIS A 16 11.87 7.56 -12.35
CA HIS A 16 12.28 6.15 -12.48
C HIS A 16 11.09 5.34 -12.03
N ALA A 17 9.92 5.83 -12.50
CA ALA A 17 8.62 5.24 -12.17
C ALA A 17 8.54 5.33 -10.64
N VAL A 18 8.93 6.54 -10.16
CA VAL A 18 8.95 6.90 -8.73
C VAL A 18 7.98 6.04 -7.86
N GLY A 19 8.59 5.34 -6.87
CA GLY A 19 7.87 4.46 -5.96
C GLY A 19 8.13 3.00 -6.32
N ASN A 20 7.69 2.66 -7.56
CA ASN A 20 7.85 1.32 -8.14
C ASN A 20 9.36 0.97 -8.08
N LYS A 21 10.11 2.12 -8.12
CA LYS A 21 11.48 2.58 -8.03
C LYS A 21 12.12 1.72 -6.96
N ILE A 22 12.21 0.53 -7.54
CA ILE A 22 12.73 -0.69 -7.06
C ILE A 22 12.18 -0.97 -5.64
N LEU A 23 10.84 -0.73 -5.52
CA LEU A 23 10.08 -1.07 -4.33
C LEU A 23 10.07 -2.62 -4.35
N ASP A 24 10.32 -3.21 -5.55
CA ASP A 24 10.41 -4.67 -5.61
C ASP A 24 11.67 -5.11 -4.81
N HIS A 25 12.60 -4.14 -4.57
CA HIS A 25 13.79 -4.47 -3.80
C HIS A 25 13.36 -4.64 -2.34
N SER A 26 12.25 -3.94 -2.00
CA SER A 26 11.68 -3.95 -0.67
C SER A 26 11.36 -5.39 -0.24
N PHE A 27 10.86 -6.15 -1.22
CA PHE A 27 10.47 -7.54 -0.97
C PHE A 27 11.70 -8.32 -0.48
N THR A 28 12.78 -7.99 -1.17
CA THR A 28 14.09 -8.60 -0.97
C THR A 28 14.79 -8.09 0.28
N ASN A 29 14.34 -6.92 0.69
CA ASN A 29 14.82 -6.18 1.82
C ASN A 29 14.14 -6.69 3.09
N ALA A 30 13.20 -7.65 2.91
CA ALA A 30 12.51 -8.21 4.03
C ALA A 30 12.66 -9.73 3.96
N GLY A 31 13.25 -10.20 2.83
CA GLY A 31 13.38 -11.63 2.61
C GLY A 31 11.99 -12.28 2.44
N PHE A 32 11.04 -11.39 2.05
CA PHE A 32 9.64 -11.80 1.87
C PHE A 32 9.49 -11.99 0.34
N ASN A 33 8.24 -11.82 -0.14
CA ASN A 33 7.96 -11.98 -1.56
C ASN A 33 6.95 -10.89 -1.90
N VAL A 34 7.16 -10.38 -3.13
CA VAL A 34 6.32 -9.33 -3.66
C VAL A 34 5.30 -10.00 -4.58
N VAL A 35 4.40 -9.11 -5.02
CA VAL A 35 3.33 -9.47 -5.93
C VAL A 35 3.23 -8.29 -6.90
N ASN A 36 3.96 -8.47 -8.02
CA ASN A 36 3.97 -7.42 -9.03
C ASN A 36 2.57 -7.37 -9.66
N ILE A 37 1.94 -6.18 -9.46
CA ILE A 37 0.59 -5.92 -9.97
C ILE A 37 0.78 -5.32 -11.38
N GLY A 38 1.79 -4.41 -11.46
CA GLY A 38 2.12 -3.72 -12.70
C GLY A 38 2.24 -2.21 -12.44
N VAL A 39 1.51 -1.47 -13.30
CA VAL A 39 1.48 -0.01 -13.22
C VAL A 39 0.02 0.48 -13.23
N LEU A 40 -0.79 -0.23 -12.43
CA LEU A 40 -2.20 0.10 -12.32
C LEU A 40 -2.67 -0.60 -11.03
N SER A 41 -2.94 0.27 -10.03
CA SER A 41 -3.40 -0.16 -8.72
C SER A 41 -4.92 -0.31 -8.84
N SER A 42 -5.28 -1.58 -9.12
CA SER A 42 -6.67 -1.98 -9.28
C SER A 42 -7.15 -2.39 -7.89
N GLN A 43 -8.39 -1.96 -7.62
CA GLN A 43 -8.99 -2.24 -6.32
C GLN A 43 -9.52 -3.68 -6.35
N GLU A 44 -10.80 -3.79 -6.76
CA GLU A 44 -11.54 -5.04 -6.78
C GLU A 44 -10.92 -6.09 -7.73
N ASP A 45 -9.94 -5.70 -8.59
CA ASP A 45 -9.37 -6.68 -9.48
C ASP A 45 -8.20 -7.34 -8.75
N PHE A 46 -7.35 -6.49 -8.14
CA PHE A 46 -6.20 -7.06 -7.43
C PHE A 46 -6.63 -7.41 -6.00
N ILE A 47 -7.96 -7.28 -5.71
CA ILE A 47 -8.50 -7.69 -4.42
C ILE A 47 -8.89 -9.16 -4.62
N ASN A 48 -9.24 -9.46 -5.91
CA ASN A 48 -9.60 -10.82 -6.27
C ASN A 48 -8.26 -11.61 -6.33
N ALA A 49 -7.16 -10.85 -6.57
CA ALA A 49 -5.84 -11.45 -6.64
C ALA A 49 -5.22 -11.40 -5.23
N ALA A 50 -5.94 -10.77 -4.26
CA ALA A 50 -5.43 -10.67 -2.90
C ALA A 50 -5.93 -11.89 -2.12
N ILE A 51 -6.90 -12.62 -2.72
CA ILE A 51 -7.39 -13.84 -2.09
C ILE A 51 -6.44 -14.94 -2.60
N GLU A 52 -6.10 -14.76 -3.89
CA GLU A 52 -5.25 -15.61 -4.69
C GLU A 52 -3.86 -15.71 -4.05
N THR A 53 -3.12 -14.58 -4.01
CA THR A 53 -1.76 -14.62 -3.51
C THR A 53 -1.80 -14.62 -1.98
N LYS A 54 -2.62 -13.67 -1.46
CA LYS A 54 -2.86 -13.48 -0.04
C LYS A 54 -2.20 -12.15 0.39
N ALA A 55 -2.38 -11.12 -0.47
CA ALA A 55 -1.82 -9.78 -0.26
C ALA A 55 -2.21 -9.30 1.15
N ASP A 56 -1.14 -9.03 1.91
CA ASP A 56 -1.27 -8.54 3.27
C ASP A 56 -1.27 -7.02 3.15
N LEU A 57 -0.11 -6.47 2.71
CA LEU A 57 0.00 -5.03 2.64
C LEU A 57 -0.03 -4.60 1.18
N ILE A 58 -0.61 -3.37 1.08
CA ILE A 58 -0.75 -2.69 -0.20
C ILE A 58 0.43 -1.71 -0.25
N CYS A 59 0.86 -1.48 -1.50
CA CYS A 59 1.96 -0.57 -1.79
C CYS A 59 1.55 0.14 -3.09
N VAL A 60 1.13 1.41 -2.90
CA VAL A 60 0.74 2.24 -4.02
C VAL A 60 1.97 3.10 -4.28
N SER A 61 2.32 3.13 -5.58
CA SER A 61 3.47 3.86 -6.04
C SER A 61 2.92 5.04 -6.84
N SER A 62 1.89 5.72 -6.27
CA SER A 62 1.32 6.83 -7.03
C SER A 62 0.73 7.75 -5.99
N LEU A 63 0.38 8.93 -6.54
CA LEU A 63 -0.25 9.97 -5.80
C LEU A 63 -1.69 9.48 -5.62
N TYR A 64 -2.66 10.33 -6.02
CA TYR A 64 -4.05 9.97 -5.93
C TYR A 64 -4.42 9.39 -7.31
N GLY A 65 -3.56 8.42 -7.73
CA GLY A 65 -3.72 7.70 -8.99
C GLY A 65 -4.39 6.34 -8.75
N GLN A 66 -5.07 6.29 -7.58
CA GLN A 66 -5.82 5.13 -7.14
C GLN A 66 -7.26 5.61 -6.89
N GLY A 67 -7.34 6.89 -6.49
CA GLY A 67 -8.61 7.52 -6.20
C GLY A 67 -9.04 7.23 -4.76
N GLU A 68 -10.05 8.00 -4.32
CA GLU A 68 -10.58 7.85 -2.96
C GLU A 68 -11.51 6.61 -2.94
N ILE A 69 -11.66 5.97 -4.11
CA ILE A 69 -12.49 4.78 -4.27
C ILE A 69 -11.62 3.60 -3.82
N ASP A 70 -10.36 3.61 -4.34
CA ASP A 70 -9.43 2.54 -4.02
C ASP A 70 -8.95 2.75 -2.57
N CYS A 71 -8.96 4.03 -2.12
CA CYS A 71 -8.52 4.32 -0.76
C CYS A 71 -9.57 3.72 0.18
N LYS A 72 -10.86 4.06 -0.09
CA LYS A 72 -11.95 3.55 0.75
C LYS A 72 -12.45 2.21 0.18
N GLY A 73 -11.57 1.58 -0.59
CA GLY A 73 -11.82 0.29 -1.21
C GLY A 73 -11.13 -0.79 -0.39
N LEU A 74 -10.05 -0.33 0.28
CA LEU A 74 -9.22 -1.14 1.13
C LEU A 74 -9.83 -1.07 2.53
N ARG A 75 -10.42 0.10 2.86
CA ARG A 75 -11.07 0.24 4.16
C ARG A 75 -12.39 -0.53 4.06
N GLU A 76 -12.86 -0.71 2.81
CA GLU A 76 -14.07 -1.48 2.53
C GLU A 76 -13.69 -2.96 2.66
N LYS A 77 -12.41 -3.26 2.32
CA LYS A 77 -11.85 -4.60 2.36
C LYS A 77 -11.56 -4.98 3.84
N CYS A 78 -11.64 -3.97 4.74
CA CYS A 78 -11.37 -4.15 6.15
C CYS A 78 -12.65 -4.51 6.83
N ASP A 79 -13.61 -3.67 6.44
CA ASP A 79 -14.98 -3.76 6.89
C ASP A 79 -15.69 -4.87 6.12
N GLU A 80 -14.88 -5.55 5.29
CA GLU A 80 -15.30 -6.68 4.50
C GLU A 80 -15.21 -7.85 5.49
N ALA A 81 -13.98 -7.91 6.06
CA ALA A 81 -13.60 -8.90 7.05
C ALA A 81 -13.79 -10.30 6.43
N GLY A 82 -13.41 -10.35 5.14
CA GLY A 82 -13.49 -11.55 4.32
C GLY A 82 -12.23 -11.60 3.45
N LEU A 83 -12.00 -10.42 2.84
CA LEU A 83 -10.84 -10.21 2.00
C LEU A 83 -9.78 -9.74 2.99
N LYS A 84 -8.70 -10.56 3.03
CA LYS A 84 -7.61 -10.28 3.95
C LYS A 84 -6.70 -9.25 3.26
N GLY A 85 -6.45 -8.19 4.04
CA GLY A 85 -5.61 -7.09 3.60
C GLY A 85 -5.99 -5.81 4.34
N ILE A 86 -5.86 -5.94 5.69
CA ILE A 86 -6.17 -4.86 6.60
C ILE A 86 -4.96 -3.94 6.70
N LYS A 87 -3.82 -4.40 6.11
CA LYS A 87 -2.60 -3.63 6.15
C LYS A 87 -2.54 -2.89 4.82
N LEU A 88 -2.31 -1.57 4.95
CA LEU A 88 -2.22 -0.73 3.77
C LEU A 88 -1.08 0.23 4.08
N PHE A 89 -0.31 0.46 3.01
CA PHE A 89 0.81 1.38 3.08
C PHE A 89 0.70 2.09 1.72
N VAL A 90 -0.03 3.23 1.77
CA VAL A 90 -0.30 4.01 0.57
C VAL A 90 0.82 5.04 0.36
N GLY A 91 1.75 4.54 -0.47
CA GLY A 91 2.90 5.36 -0.86
C GLY A 91 2.50 6.48 -1.84
N GLY A 92 2.78 7.71 -1.34
CA GLY A 92 2.48 8.94 -2.06
C GLY A 92 1.11 9.44 -1.59
N ASN A 93 0.10 8.84 -2.27
CA ASN A 93 -1.32 9.06 -2.05
C ASN A 93 -1.58 10.57 -2.17
N ILE A 94 -1.92 11.17 -1.01
CA ILE A 94 -2.19 12.60 -0.93
C ILE A 94 -0.84 13.22 -0.56
N VAL A 95 -0.48 14.21 -1.40
CA VAL A 95 0.77 14.94 -1.27
C VAL A 95 0.64 15.91 -0.08
N VAL A 96 1.85 16.26 0.44
CA VAL A 96 2.09 17.16 1.55
C VAL A 96 1.18 16.87 2.77
N GLY A 97 1.80 16.14 3.71
CA GLY A 97 1.15 15.76 4.95
C GLY A 97 1.77 14.46 5.46
N LYS A 98 1.68 14.31 6.80
CA LYS A 98 2.22 13.13 7.47
C LYS A 98 1.83 13.31 8.93
N GLN A 99 1.12 12.27 9.43
CA GLN A 99 0.62 12.16 10.79
C GLN A 99 -0.74 12.87 10.80
N ASN A 100 -0.65 14.21 10.61
CA ASN A 100 -1.80 15.08 10.59
C ASN A 100 -2.15 15.21 9.11
N TRP A 101 -3.48 15.08 8.87
CA TRP A 101 -4.01 15.17 7.52
C TRP A 101 -5.30 15.98 7.66
N PRO A 102 -5.87 16.43 6.50
CA PRO A 102 -7.12 17.19 6.50
C PRO A 102 -8.27 16.25 6.95
N ASP A 103 -9.44 16.49 6.34
CA ASP A 103 -10.66 15.75 6.63
C ASP A 103 -10.52 14.34 6.04
N VAL A 104 -9.66 14.25 4.99
CA VAL A 104 -9.42 12.98 4.30
C VAL A 104 -8.99 11.90 5.30
N GLU A 105 -7.74 11.98 5.82
CA GLU A 105 -7.33 10.95 6.75
C GLU A 105 -7.69 11.38 8.17
N GLN A 106 -8.74 12.23 8.33
CA GLN A 106 -9.17 12.54 9.68
C GLN A 106 -9.87 11.25 10.15
N ARG A 107 -10.65 10.73 9.18
CA ARG A 107 -11.42 9.51 9.34
C ARG A 107 -10.54 8.32 8.90
N PHE A 108 -9.52 8.56 8.02
CA PHE A 108 -8.70 7.43 7.58
C PHE A 108 -7.56 7.21 8.59
N LYS A 109 -7.33 8.20 9.49
CA LYS A 109 -6.31 8.02 10.53
C LYS A 109 -7.03 7.40 11.74
N ALA A 110 -8.38 7.56 11.77
CA ALA A 110 -9.19 6.99 12.84
C ALA A 110 -8.99 5.47 12.78
N MET A 111 -8.83 5.01 11.53
CA MET A 111 -8.56 3.62 11.22
C MET A 111 -7.03 3.49 11.31
N GLY A 112 -6.39 4.41 10.56
CA GLY A 112 -4.94 4.57 10.45
C GLY A 112 -4.11 3.30 10.23
N PHE A 113 -4.75 2.28 9.62
CA PHE A 113 -4.01 1.05 9.32
C PHE A 113 -3.29 1.29 7.96
N ASP A 114 -3.59 2.47 7.39
CA ASP A 114 -3.06 2.99 6.15
C ASP A 114 -2.07 4.07 6.57
N ARG A 115 -0.80 3.82 6.16
CA ARG A 115 0.31 4.72 6.43
C ARG A 115 0.62 5.29 5.04
N VAL A 116 1.63 6.20 4.98
CA VAL A 116 1.98 6.78 3.69
C VAL A 116 3.51 6.88 3.62
N TYR A 117 3.97 6.79 2.35
CA TYR A 117 5.41 6.89 2.06
C TYR A 117 5.58 8.35 1.61
N PRO A 118 6.81 8.92 1.82
CA PRO A 118 7.08 10.31 1.44
C PRO A 118 6.98 10.40 -0.10
N PRO A 119 6.30 11.50 -0.58
CA PRO A 119 6.14 11.72 -2.01
C PRO A 119 7.50 12.28 -2.47
N GLY A 120 8.16 11.40 -3.25
CA GLY A 120 9.48 11.63 -3.81
C GLY A 120 10.28 10.33 -3.69
N THR A 121 11.19 10.35 -2.69
CA THR A 121 12.02 9.24 -2.37
C THR A 121 11.24 8.44 -1.32
N SER A 122 11.75 7.21 -1.10
CA SER A 122 11.22 6.35 -0.07
C SER A 122 12.21 5.19 0.08
N PRO A 123 13.42 5.51 0.66
CA PRO A 123 14.48 4.52 0.88
C PRO A 123 14.12 3.63 2.08
N GLU A 124 14.48 4.17 3.28
CA GLU A 124 14.31 3.59 4.59
C GLU A 124 12.83 3.24 4.85
N THR A 125 11.95 3.87 4.06
CA THR A 125 10.52 3.68 4.22
C THR A 125 10.13 2.29 3.73
N THR A 126 10.93 1.68 2.81
CA THR A 126 10.56 0.35 2.37
C THR A 126 11.11 -0.68 3.32
N ILE A 127 12.19 -0.26 4.01
CA ILE A 127 12.71 -1.15 5.04
C ILE A 127 11.58 -1.19 6.10
N ALA A 128 10.81 -0.07 6.10
CA ALA A 128 9.69 0.12 6.96
C ALA A 128 8.43 -0.44 6.29
N ASP A 129 8.52 -0.87 4.99
CA ASP A 129 7.37 -1.43 4.28
C ASP A 129 6.82 -2.59 5.13
N MET A 130 7.68 -3.60 5.21
CA MET A 130 7.38 -4.83 5.91
C MET A 130 7.80 -4.77 7.38
N LYS A 131 8.50 -3.71 7.83
CA LYS A 131 8.89 -3.70 9.24
C LYS A 131 7.76 -3.04 10.03
N GLU A 132 7.28 -1.89 9.51
CA GLU A 132 6.22 -1.13 10.17
C GLU A 132 4.99 -2.01 10.34
N VAL A 133 4.68 -2.70 9.23
CA VAL A 133 3.53 -3.59 9.20
C VAL A 133 3.83 -4.97 9.81
N LEU A 134 4.65 -5.75 9.06
CA LEU A 134 4.99 -7.11 9.44
C LEU A 134 6.27 -7.09 10.29
N GLY A 135 6.22 -6.32 11.40
CA GLY A 135 7.35 -6.27 12.31
C GLY A 135 6.93 -5.76 13.68
N VAL A 136 6.62 -4.45 13.70
CA VAL A 136 6.20 -3.77 14.92
C VAL A 136 5.73 -2.36 14.52
N GLU A 137 4.82 -1.87 15.39
CA GLU A 137 4.22 -0.55 15.27
C GLU A 137 3.41 -0.53 13.96
N MET A 1 -0.40 -14.24 10.03
CA MET A 1 -0.24 -13.17 10.99
C MET A 1 0.51 -12.07 10.25
N GLU A 2 1.76 -12.42 9.89
CA GLU A 2 2.65 -11.53 9.16
C GLU A 2 3.19 -12.39 8.02
N LYS A 3 2.26 -12.57 7.05
CA LYS A 3 2.52 -13.35 5.86
C LYS A 3 3.46 -12.55 4.97
N LYS A 4 3.88 -13.27 3.91
CA LYS A 4 4.84 -12.78 2.97
C LYS A 4 4.17 -12.46 1.62
N THR A 5 3.32 -11.41 1.62
CA THR A 5 2.67 -11.01 0.38
C THR A 5 2.44 -9.50 0.50
N ILE A 6 3.25 -8.79 -0.33
CA ILE A 6 3.29 -7.35 -0.46
C ILE A 6 3.03 -7.15 -1.95
N VAL A 7 2.16 -6.17 -2.25
CA VAL A 7 1.83 -5.86 -3.63
C VAL A 7 1.97 -4.37 -3.85
N LEU A 8 2.66 -4.06 -4.98
CA LEU A 8 2.91 -2.68 -5.34
C LEU A 8 2.18 -2.44 -6.66
N GLY A 9 1.70 -1.17 -6.76
CA GLY A 9 0.96 -0.68 -7.93
C GLY A 9 1.56 0.65 -8.37
N VAL A 10 1.52 0.86 -9.70
CA VAL A 10 2.07 2.08 -10.28
C VAL A 10 0.98 2.85 -11.03
N ILE A 11 0.88 4.13 -10.62
CA ILE A 11 -0.06 5.03 -11.28
C ILE A 11 0.56 6.41 -11.10
N GLY A 12 0.44 7.19 -12.19
CA GLY A 12 1.01 8.53 -12.16
C GLY A 12 1.72 8.69 -13.48
N SER A 13 0.88 9.07 -14.45
CA SER A 13 1.31 9.21 -15.81
C SER A 13 1.59 10.68 -16.03
N ASP A 14 2.35 11.23 -15.04
CA ASP A 14 2.74 12.63 -15.10
C ASP A 14 3.83 12.74 -16.19
N CYS A 15 4.69 11.70 -16.17
CA CYS A 15 5.82 11.52 -17.05
C CYS A 15 6.23 10.03 -16.91
N HIS A 16 6.27 9.54 -15.64
CA HIS A 16 6.67 8.15 -15.44
C HIS A 16 5.93 7.70 -14.19
N ALA A 17 5.38 6.48 -14.37
CA ALA A 17 4.65 5.83 -13.30
C ALA A 17 5.61 4.77 -12.72
N VAL A 18 6.91 4.81 -13.13
CA VAL A 18 7.87 3.84 -12.62
C VAL A 18 7.91 3.83 -11.07
N GLY A 19 7.51 2.66 -10.53
CA GLY A 19 7.47 2.41 -9.09
C GLY A 19 8.64 1.54 -8.64
N ASN A 20 9.75 1.75 -9.40
CA ASN A 20 11.03 1.06 -9.22
C ASN A 20 11.21 1.02 -7.72
N LYS A 21 11.31 2.30 -7.22
CA LYS A 21 11.43 3.00 -5.92
C LYS A 21 11.72 2.00 -4.81
N ILE A 22 12.46 1.00 -5.29
CA ILE A 22 12.92 -0.20 -4.73
C ILE A 22 11.76 -0.72 -3.86
N LEU A 23 10.54 -0.69 -4.48
CA LEU A 23 9.40 -1.23 -3.74
C LEU A 23 9.54 -2.77 -3.85
N ASP A 24 10.21 -3.18 -4.96
CA ASP A 24 10.52 -4.58 -5.14
C ASP A 24 11.54 -4.96 -4.03
N HIS A 25 12.18 -3.91 -3.47
CA HIS A 25 13.16 -4.11 -2.41
C HIS A 25 12.41 -4.59 -1.19
N SER A 26 11.13 -4.14 -1.04
CA SER A 26 10.23 -4.50 0.06
C SER A 26 10.33 -6.02 0.29
N PHE A 27 10.30 -6.70 -0.88
CA PHE A 27 10.34 -8.16 -0.90
C PHE A 27 11.57 -8.66 -0.13
N THR A 28 12.68 -8.02 -0.48
CA THR A 28 14.00 -8.32 0.03
C THR A 28 14.26 -7.73 1.42
N ASN A 29 13.40 -6.80 1.79
CA ASN A 29 13.44 -6.02 3.01
C ASN A 29 12.99 -6.87 4.17
N ALA A 30 12.36 -8.03 3.88
CA ALA A 30 11.98 -8.87 4.97
C ALA A 30 11.93 -10.31 4.47
N GLY A 31 12.62 -10.56 3.33
CA GLY A 31 12.66 -11.90 2.74
C GLY A 31 11.26 -12.47 2.45
N PHE A 32 10.34 -11.51 2.20
CA PHE A 32 8.96 -11.85 1.92
C PHE A 32 8.83 -11.78 0.41
N ASN A 33 7.76 -12.46 -0.05
CA ASN A 33 7.45 -12.55 -1.47
C ASN A 33 6.55 -11.35 -1.78
N VAL A 34 6.93 -10.74 -2.93
CA VAL A 34 6.19 -9.60 -3.45
C VAL A 34 5.28 -10.13 -4.54
N VAL A 35 4.41 -9.21 -4.95
CA VAL A 35 3.41 -9.43 -5.97
C VAL A 35 3.37 -8.15 -6.79
N ASN A 36 3.95 -8.26 -8.01
CA ASN A 36 3.98 -7.10 -8.89
C ASN A 36 2.65 -7.13 -9.66
N ILE A 37 1.91 -6.00 -9.54
CA ILE A 37 0.62 -5.87 -10.22
C ILE A 37 0.90 -5.26 -11.60
N GLY A 38 1.99 -4.45 -11.63
CA GLY A 38 2.41 -3.73 -12.82
C GLY A 38 1.91 -2.29 -12.71
N VAL A 39 1.25 -1.87 -13.81
CA VAL A 39 0.69 -0.52 -13.89
C VAL A 39 -0.81 -0.56 -13.55
N LEU A 40 -1.35 -1.80 -13.51
CA LEU A 40 -2.75 -2.01 -13.20
C LEU A 40 -2.84 -1.98 -11.67
N SER A 41 -3.00 -0.74 -11.18
CA SER A 41 -3.09 -0.48 -9.74
C SER A 41 -4.58 -0.53 -9.42
N SER A 42 -5.15 -1.70 -9.75
CA SER A 42 -6.54 -2.02 -9.50
C SER A 42 -6.45 -2.64 -8.11
N GLN A 43 -7.11 -1.94 -7.17
CA GLN A 43 -7.05 -2.39 -5.79
C GLN A 43 -8.21 -3.35 -5.54
N GLU A 44 -9.43 -2.86 -5.86
CA GLU A 44 -10.67 -3.59 -5.64
C GLU A 44 -10.68 -4.88 -6.47
N ASP A 45 -10.04 -4.86 -7.67
CA ASP A 45 -10.04 -6.06 -8.48
C ASP A 45 -8.97 -7.00 -7.92
N PHE A 46 -7.95 -6.40 -7.26
CA PHE A 46 -6.90 -7.22 -6.69
C PHE A 46 -7.33 -7.66 -5.29
N ILE A 47 -8.57 -7.29 -4.89
CA ILE A 47 -9.10 -7.74 -3.61
C ILE A 47 -9.53 -9.20 -3.91
N ASN A 48 -10.06 -9.33 -5.16
CA ASN A 48 -10.50 -10.62 -5.65
C ASN A 48 -9.23 -11.44 -5.97
N ALA A 49 -8.13 -10.72 -6.33
CA ALA A 49 -6.90 -11.44 -6.64
C ALA A 49 -6.11 -11.59 -5.32
N ALA A 50 -6.65 -11.08 -4.20
CA ALA A 50 -5.96 -11.21 -2.92
C ALA A 50 -6.45 -12.51 -2.29
N ILE A 51 -7.47 -13.11 -2.93
CA ILE A 51 -7.95 -14.40 -2.49
C ILE A 51 -7.00 -15.40 -3.18
N GLU A 52 -6.69 -15.03 -4.44
CA GLU A 52 -5.84 -15.76 -5.37
C GLU A 52 -4.40 -15.83 -4.83
N THR A 53 -3.67 -14.68 -4.95
CA THR A 53 -2.27 -14.61 -4.58
C THR A 53 -2.12 -14.61 -3.07
N LYS A 54 -3.21 -14.27 -2.36
CA LYS A 54 -3.21 -14.25 -0.90
C LYS A 54 -2.37 -13.03 -0.50
N ALA A 55 -2.74 -11.87 -1.11
CA ALA A 55 -2.09 -10.60 -0.90
C ALA A 55 -2.67 -9.99 0.37
N ASP A 56 -1.75 -9.53 1.28
CA ASP A 56 -2.18 -8.92 2.53
C ASP A 56 -1.99 -7.41 2.39
N LEU A 57 -0.71 -7.00 2.50
CA LEU A 57 -0.41 -5.58 2.45
C LEU A 57 -0.23 -5.18 1.00
N ILE A 58 -0.64 -3.91 0.77
CA ILE A 58 -0.58 -3.31 -0.55
C ILE A 58 0.03 -1.91 -0.35
N CYS A 59 0.43 -1.33 -1.50
CA CYS A 59 1.06 -0.03 -1.56
C CYS A 59 0.93 0.42 -3.03
N VAL A 60 1.04 1.76 -3.22
CA VAL A 60 0.97 2.35 -4.55
C VAL A 60 2.20 3.25 -4.72
N SER A 61 2.34 3.64 -6.00
CA SER A 61 3.42 4.50 -6.41
C SER A 61 2.69 5.66 -7.07
N SER A 62 2.01 6.41 -6.16
CA SER A 62 1.23 7.56 -6.59
C SER A 62 0.73 8.22 -5.32
N LEU A 63 0.21 9.43 -5.58
CA LEU A 63 -0.38 10.27 -4.59
C LEU A 63 -1.77 9.67 -4.39
N TYR A 64 -2.73 10.42 -4.95
CA TYR A 64 -4.12 10.05 -4.92
C TYR A 64 -4.46 9.50 -6.33
N GLY A 65 -3.40 8.95 -6.99
CA GLY A 65 -3.55 8.35 -8.31
C GLY A 65 -4.24 6.97 -8.23
N GLN A 66 -4.35 6.50 -6.96
CA GLN A 66 -5.00 5.24 -6.65
C GLN A 66 -6.52 5.52 -6.68
N GLY A 67 -6.84 6.75 -6.24
CA GLY A 67 -8.21 7.24 -6.22
C GLY A 67 -8.93 6.86 -4.91
N GLU A 68 -10.22 7.28 -4.89
CA GLU A 68 -11.12 7.05 -3.78
C GLU A 68 -11.61 5.59 -3.84
N ILE A 69 -11.36 4.93 -4.99
CA ILE A 69 -11.79 3.56 -5.19
C ILE A 69 -10.81 2.67 -4.42
N ASP A 70 -9.52 2.94 -4.67
CA ASP A 70 -8.47 2.15 -4.05
C ASP A 70 -8.38 2.51 -2.57
N CYS A 71 -8.74 3.77 -2.24
CA CYS A 71 -8.69 4.20 -0.85
C CYS A 71 -9.74 3.39 -0.09
N LYS A 72 -11.00 3.50 -0.59
CA LYS A 72 -12.13 2.82 0.03
C LYS A 72 -12.27 1.40 -0.57
N GLY A 73 -11.13 0.89 -1.02
CA GLY A 73 -11.00 -0.45 -1.57
C GLY A 73 -10.45 -1.34 -0.45
N LEU A 74 -9.67 -0.64 0.41
CA LEU A 74 -9.01 -1.21 1.58
C LEU A 74 -9.98 -1.07 2.76
N ARG A 75 -10.75 0.04 2.74
CA ARG A 75 -11.71 0.29 3.81
C ARG A 75 -12.86 -0.72 3.59
N GLU A 76 -12.98 -1.15 2.31
CA GLU A 76 -13.96 -2.13 1.90
C GLU A 76 -13.40 -3.51 2.26
N LYS A 77 -12.05 -3.64 2.22
CA LYS A 77 -11.36 -4.88 2.53
C LYS A 77 -11.32 -5.09 4.05
N CYS A 78 -11.63 -4.00 4.79
CA CYS A 78 -11.63 -3.97 6.26
C CYS A 78 -13.01 -4.34 6.70
N ASP A 79 -13.89 -3.64 5.99
CA ASP A 79 -15.32 -3.73 6.12
C ASP A 79 -15.80 -5.05 5.51
N GLU A 80 -14.81 -5.77 4.95
CA GLU A 80 -15.01 -7.08 4.37
C GLU A 80 -15.00 -8.03 5.56
N ALA A 81 -13.85 -7.91 6.26
CA ALA A 81 -13.54 -8.70 7.45
C ALA A 81 -13.53 -10.17 7.01
N GLY A 82 -12.80 -10.39 5.91
CA GLY A 82 -12.68 -11.72 5.32
C GLY A 82 -11.42 -11.79 4.45
N LEU A 83 -11.22 -10.69 3.69
CA LEU A 83 -10.07 -10.56 2.82
C LEU A 83 -8.91 -10.17 3.74
N LYS A 84 -7.84 -11.01 3.65
CA LYS A 84 -6.65 -10.78 4.46
C LYS A 84 -5.96 -9.59 3.81
N GLY A 85 -5.88 -8.52 4.63
CA GLY A 85 -5.26 -7.28 4.20
C GLY A 85 -5.92 -6.10 4.92
N ILE A 86 -5.13 -5.57 5.86
CA ILE A 86 -5.53 -4.44 6.68
C ILE A 86 -4.22 -3.81 7.15
N LYS A 87 -3.34 -3.66 6.15
CA LYS A 87 -2.01 -3.09 6.31
C LYS A 87 -1.74 -2.48 4.94
N LEU A 88 -1.53 -1.17 4.98
CA LEU A 88 -1.30 -0.46 3.75
C LEU A 88 -0.21 0.55 4.05
N PHE A 89 0.57 0.79 2.97
CA PHE A 89 1.64 1.76 3.03
C PHE A 89 1.55 2.45 1.66
N VAL A 90 0.81 3.56 1.74
CA VAL A 90 0.48 4.37 0.59
C VAL A 90 1.56 5.44 0.38
N GLY A 91 2.38 5.02 -0.59
CA GLY A 91 3.50 5.80 -1.10
C GLY A 91 3.06 7.02 -1.91
N GLY A 92 2.72 8.07 -1.13
CA GLY A 92 2.25 9.34 -1.66
C GLY A 92 1.02 9.81 -0.88
N ASN A 93 -0.13 9.28 -1.35
CA ASN A 93 -1.44 9.56 -0.78
C ASN A 93 -1.73 11.06 -1.01
N ILE A 94 -1.85 11.78 0.13
CA ILE A 94 -2.11 13.20 0.13
C ILE A 94 -0.74 13.83 0.48
N VAL A 95 -0.39 14.80 -0.39
CA VAL A 95 0.86 15.54 -0.25
C VAL A 95 0.65 16.64 0.79
N VAL A 96 1.80 17.23 1.17
CA VAL A 96 1.93 18.30 2.16
C VAL A 96 1.10 18.01 3.43
N GLY A 97 1.31 16.77 3.92
CA GLY A 97 0.63 16.29 5.10
C GLY A 97 1.06 14.85 5.37
N LYS A 98 1.28 14.57 6.67
CA LYS A 98 1.69 13.26 7.10
C LYS A 98 1.36 13.22 8.59
N GLN A 99 0.35 12.35 8.88
CA GLN A 99 -0.21 12.09 10.20
C GLN A 99 -1.46 12.99 10.30
N ASN A 100 -1.28 14.25 9.89
CA ASN A 100 -2.32 15.26 9.89
C ASN A 100 -2.97 15.12 8.52
N TRP A 101 -4.32 14.94 8.57
CA TRP A 101 -5.07 14.78 7.34
C TRP A 101 -6.35 15.61 7.50
N PRO A 102 -7.02 15.95 6.34
CA PRO A 102 -8.26 16.71 6.37
C PRO A 102 -9.38 15.78 6.89
N ASP A 103 -10.61 16.04 6.37
CA ASP A 103 -11.80 15.30 6.74
C ASP A 103 -11.76 13.92 6.04
N VAL A 104 -10.94 13.85 4.97
CA VAL A 104 -10.80 12.64 4.19
C VAL A 104 -10.27 11.48 5.04
N GLU A 105 -9.02 11.61 5.55
CA GLU A 105 -8.53 10.52 6.37
C GLU A 105 -8.93 10.80 7.83
N GLN A 106 -9.93 11.68 8.08
CA GLN A 106 -10.36 11.87 9.47
C GLN A 106 -11.14 10.59 9.83
N ARG A 107 -11.91 10.15 8.81
CA ARG A 107 -12.71 8.93 8.93
C ARG A 107 -11.76 7.75 8.70
N PHE A 108 -10.73 7.97 7.83
CA PHE A 108 -9.79 6.87 7.57
C PHE A 108 -8.61 6.99 8.56
N LYS A 109 -8.78 7.79 9.64
CA LYS A 109 -7.76 7.91 10.70
C LYS A 109 -8.15 6.84 11.71
N ALA A 110 -9.49 6.79 11.92
CA ALA A 110 -10.14 5.85 12.82
C ALA A 110 -9.79 4.43 12.34
N MET A 111 -9.70 4.30 10.99
CA MET A 111 -9.34 3.04 10.38
C MET A 111 -7.81 3.03 10.47
N GLY A 112 -7.24 4.09 9.85
CA GLY A 112 -5.81 4.41 9.77
C GLY A 112 -4.82 3.25 9.85
N PHE A 113 -5.18 2.18 9.10
CA PHE A 113 -4.32 1.01 9.04
C PHE A 113 -3.32 1.24 7.88
N ASP A 114 -3.51 2.40 7.20
CA ASP A 114 -2.69 2.81 6.08
C ASP A 114 -1.80 3.92 6.64
N ARG A 115 -0.49 3.76 6.33
CA ARG A 115 0.51 4.73 6.72
C ARG A 115 0.89 5.34 5.38
N VAL A 116 1.66 6.44 5.45
CA VAL A 116 2.05 7.09 4.20
C VAL A 116 3.53 7.46 4.32
N TYR A 117 4.12 7.66 3.12
CA TYR A 117 5.52 7.98 3.04
C TYR A 117 5.56 9.51 2.84
N PRO A 118 6.75 10.13 3.12
CA PRO A 118 6.92 11.57 2.99
C PRO A 118 6.82 11.89 1.48
N PRO A 119 6.48 13.19 1.16
CA PRO A 119 6.36 13.66 -0.22
C PRO A 119 7.79 13.66 -0.76
N GLY A 120 7.94 12.88 -1.86
CA GLY A 120 9.23 12.69 -2.50
C GLY A 120 9.74 11.33 -2.04
N THR A 121 10.37 10.58 -2.98
CA THR A 121 10.83 9.26 -2.60
C THR A 121 12.07 9.41 -1.75
N SER A 122 12.23 8.25 -1.11
CA SER A 122 13.26 7.93 -0.18
C SER A 122 13.09 6.43 -0.05
N PRO A 123 14.09 5.66 -0.54
CA PRO A 123 14.02 4.21 -0.52
C PRO A 123 14.36 3.71 0.90
N GLU A 124 14.67 4.68 1.80
CA GLU A 124 15.00 4.46 3.18
C GLU A 124 13.72 4.01 3.89
N THR A 125 12.58 4.52 3.36
CA THR A 125 11.30 4.21 3.94
C THR A 125 10.87 2.82 3.45
N THR A 126 11.49 2.27 2.36
CA THR A 126 11.04 0.96 1.95
C THR A 126 11.65 -0.10 2.86
N ILE A 127 12.81 0.26 3.44
CA ILE A 127 13.46 -0.63 4.37
C ILE A 127 12.49 -0.69 5.59
N ALA A 128 11.72 0.44 5.69
CA ALA A 128 10.74 0.61 6.73
C ALA A 128 9.38 0.12 6.19
N ASP A 129 9.28 -0.31 4.91
CA ASP A 129 8.01 -0.77 4.38
C ASP A 129 7.57 -2.00 5.20
N MET A 130 8.53 -2.93 5.24
CA MET A 130 8.30 -4.20 5.92
C MET A 130 8.65 -4.09 7.41
N LYS A 131 9.52 -3.13 7.76
CA LYS A 131 9.95 -3.05 9.16
C LYS A 131 8.96 -2.20 9.97
N GLU A 132 8.06 -1.46 9.28
CA GLU A 132 7.11 -0.65 10.03
C GLU A 132 5.87 -1.50 10.29
N VAL A 133 5.40 -2.05 9.16
CA VAL A 133 4.20 -2.87 9.13
C VAL A 133 4.39 -4.24 9.81
N LEU A 134 5.36 -5.01 9.27
CA LEU A 134 5.58 -6.35 9.80
C LEU A 134 6.61 -6.30 10.94
N GLY A 135 7.34 -5.17 11.09
CA GLY A 135 8.32 -5.10 12.17
C GLY A 135 7.70 -4.57 13.46
N VAL A 136 7.42 -3.25 13.43
CA VAL A 136 6.83 -2.58 14.58
C VAL A 136 6.51 -1.13 14.17
N GLU A 137 5.49 -0.60 14.86
CA GLU A 137 5.03 0.75 14.62
C GLU A 137 4.46 1.22 15.97
N MET A 1 0.17 -14.11 10.66
CA MET A 1 -0.15 -12.71 10.81
C MET A 1 0.76 -11.98 9.83
N GLU A 2 2.08 -12.19 10.06
CA GLU A 2 3.10 -11.57 9.23
C GLU A 2 3.41 -12.61 8.14
N LYS A 3 2.49 -12.61 7.15
CA LYS A 3 2.56 -13.52 6.03
C LYS A 3 3.39 -12.85 4.94
N LYS A 4 3.52 -13.68 3.90
CA LYS A 4 4.31 -13.39 2.72
C LYS A 4 3.38 -13.05 1.54
N THR A 5 3.29 -11.72 1.24
CA THR A 5 2.47 -11.23 0.14
C THR A 5 2.46 -9.70 0.23
N ILE A 6 3.09 -9.05 -0.78
CA ILE A 6 3.17 -7.61 -0.84
C ILE A 6 3.15 -7.26 -2.33
N VAL A 7 2.03 -6.65 -2.75
CA VAL A 7 1.89 -6.25 -4.12
C VAL A 7 2.43 -4.83 -4.29
N LEU A 8 3.28 -4.67 -5.32
CA LEU A 8 3.82 -3.32 -5.56
C LEU A 8 3.53 -2.94 -7.01
N GLY A 9 2.95 -1.73 -7.14
CA GLY A 9 2.62 -1.15 -8.46
C GLY A 9 2.95 0.35 -8.50
N VAL A 10 2.85 0.93 -9.72
CA VAL A 10 3.12 2.35 -9.92
C VAL A 10 2.27 2.92 -11.07
N ILE A 11 1.72 4.13 -10.85
CA ILE A 11 0.88 4.66 -11.95
C ILE A 11 0.82 6.19 -11.87
N GLY A 12 1.84 6.79 -12.55
CA GLY A 12 1.99 8.24 -12.64
C GLY A 12 3.48 8.51 -12.83
N SER A 13 3.86 8.94 -14.06
CA SER A 13 5.28 9.11 -14.34
C SER A 13 5.73 10.48 -13.87
N ASP A 14 7.07 10.47 -13.71
CA ASP A 14 7.88 11.60 -13.30
C ASP A 14 9.32 11.05 -13.42
N CYS A 15 9.62 10.57 -14.65
CA CYS A 15 10.90 9.96 -15.03
C CYS A 15 10.81 8.46 -14.68
N HIS A 16 10.50 8.19 -13.39
CA HIS A 16 10.40 6.83 -12.87
C HIS A 16 9.14 6.77 -12.01
N ALA A 17 8.90 7.91 -11.31
CA ALA A 17 7.79 8.12 -10.39
C ALA A 17 8.33 7.95 -8.98
N VAL A 18 9.58 7.41 -8.88
CA VAL A 18 10.21 7.13 -7.59
C VAL A 18 9.48 5.98 -6.84
N GLY A 19 8.65 5.24 -7.61
CA GLY A 19 7.90 4.11 -7.07
C GLY A 19 8.70 2.81 -7.23
N ASN A 20 9.34 2.76 -8.43
CA ASN A 20 10.18 1.65 -8.85
C ASN A 20 11.10 1.34 -7.68
N LYS A 21 11.77 2.48 -7.28
CA LYS A 21 12.72 2.94 -6.26
C LYS A 21 12.80 1.90 -5.17
N ILE A 22 13.15 0.78 -5.78
CA ILE A 22 13.36 -0.54 -5.33
C ILE A 22 12.41 -0.80 -4.15
N LEU A 23 11.12 -0.51 -4.47
CA LEU A 23 10.02 -0.80 -3.56
C LEU A 23 9.92 -2.35 -3.63
N ASP A 24 10.37 -2.89 -4.79
CA ASP A 24 10.39 -4.33 -4.94
C ASP A 24 11.48 -4.88 -3.96
N HIS A 25 12.37 -3.97 -3.46
CA HIS A 25 13.41 -4.38 -2.52
C HIS A 25 12.73 -4.65 -1.18
N SER A 26 11.59 -3.94 -0.98
CA SER A 26 10.78 -4.02 0.22
C SER A 26 10.47 -5.49 0.53
N PHE A 27 10.13 -6.20 -0.56
CA PHE A 27 9.79 -7.62 -0.44
C PHE A 27 10.95 -8.38 0.21
N THR A 28 12.11 -8.06 -0.36
CA THR A 28 13.38 -8.67 0.00
C THR A 28 13.91 -8.20 1.37
N ASN A 29 13.32 -7.10 1.78
CA ASN A 29 13.60 -6.33 2.98
C ASN A 29 13.05 -7.06 4.18
N ALA A 30 12.11 -7.99 3.94
CA ALA A 30 11.54 -8.74 5.03
C ALA A 30 11.42 -10.19 4.60
N GLY A 31 12.07 -10.52 3.45
CA GLY A 31 12.04 -11.88 2.92
C GLY A 31 10.62 -12.40 2.68
N PHE A 32 9.70 -11.42 2.45
CA PHE A 32 8.31 -11.77 2.21
C PHE A 32 8.14 -11.70 0.69
N ASN A 33 7.27 -12.63 0.25
CA ASN A 33 6.94 -12.85 -1.15
C ASN A 33 6.14 -11.66 -1.65
N VAL A 34 6.53 -11.26 -2.88
CA VAL A 34 5.86 -10.15 -3.54
C VAL A 34 4.90 -10.69 -4.58
N VAL A 35 4.17 -9.68 -5.06
CA VAL A 35 3.21 -9.81 -6.12
C VAL A 35 3.43 -8.55 -6.95
N ASN A 36 4.55 -8.61 -7.68
CA ASN A 36 4.86 -7.48 -8.55
C ASN A 36 3.80 -7.56 -9.67
N ILE A 37 3.00 -6.47 -9.71
CA ILE A 37 1.92 -6.37 -10.67
C ILE A 37 2.53 -5.71 -11.91
N GLY A 38 2.47 -4.38 -11.93
CA GLY A 38 3.03 -3.64 -13.04
C GLY A 38 2.74 -2.15 -12.82
N VAL A 39 1.88 -1.66 -13.72
CA VAL A 39 1.46 -0.26 -13.67
C VAL A 39 0.24 -0.14 -12.75
N LEU A 40 -0.78 -0.95 -13.08
CA LEU A 40 -2.00 -0.92 -12.32
C LEU A 40 -1.78 -1.84 -11.11
N SER A 41 -2.56 -1.46 -10.08
CA SER A 41 -2.60 -2.15 -8.81
C SER A 41 -4.02 -1.80 -8.34
N SER A 42 -4.94 -2.24 -9.23
CA SER A 42 -6.38 -2.08 -9.19
C SER A 42 -6.89 -2.51 -7.81
N GLN A 43 -8.09 -1.96 -7.52
CA GLN A 43 -8.72 -2.20 -6.24
C GLN A 43 -9.45 -3.55 -6.29
N GLU A 44 -10.72 -3.49 -6.74
CA GLU A 44 -11.63 -4.62 -6.79
C GLU A 44 -11.12 -5.73 -7.72
N ASP A 45 -10.11 -5.45 -8.59
CA ASP A 45 -9.63 -6.52 -9.46
C ASP A 45 -8.50 -7.22 -8.73
N PHE A 46 -7.65 -6.43 -8.02
CA PHE A 46 -6.55 -7.07 -7.33
C PHE A 46 -7.06 -7.64 -5.99
N ILE A 47 -8.30 -7.27 -5.61
CA ILE A 47 -8.86 -7.78 -4.37
C ILE A 47 -9.34 -9.22 -4.68
N ASN A 48 -9.69 -9.41 -5.99
CA ASN A 48 -10.12 -10.72 -6.44
C ASN A 48 -8.82 -11.57 -6.55
N ALA A 49 -7.69 -10.87 -6.82
CA ALA A 49 -6.42 -11.55 -6.93
C ALA A 49 -5.75 -11.57 -5.55
N ALA A 50 -6.45 -11.05 -4.51
CA ALA A 50 -5.92 -11.06 -3.15
C ALA A 50 -6.40 -12.37 -2.51
N ILE A 51 -7.40 -12.99 -3.15
CA ILE A 51 -7.89 -14.27 -2.69
C ILE A 51 -6.87 -15.30 -3.26
N GLU A 52 -6.45 -14.98 -4.51
CA GLU A 52 -5.52 -15.74 -5.31
C GLU A 52 -4.14 -15.81 -4.64
N THR A 53 -3.41 -14.67 -4.63
CA THR A 53 -2.05 -14.65 -4.12
C THR A 53 -2.05 -14.72 -2.60
N LYS A 54 -3.03 -14.01 -2.00
CA LYS A 54 -3.21 -13.90 -0.55
C LYS A 54 -2.56 -12.57 -0.18
N ALA A 55 -2.82 -11.56 -1.04
CA ALA A 55 -2.26 -10.23 -0.90
C ALA A 55 -2.56 -9.70 0.50
N ASP A 56 -1.47 -9.27 1.18
CA ASP A 56 -1.59 -8.75 2.54
C ASP A 56 -1.40 -7.23 2.44
N LEU A 57 -0.11 -6.85 2.34
CA LEU A 57 0.23 -5.44 2.28
C LEU A 57 0.04 -5.00 0.83
N ILE A 58 -0.96 -4.09 0.67
CA ILE A 58 -1.28 -3.58 -0.66
C ILE A 58 -0.62 -2.19 -0.72
N CYS A 59 0.24 -2.03 -1.75
CA CYS A 59 0.97 -0.79 -1.93
C CYS A 59 1.13 -0.55 -3.43
N VAL A 60 1.08 0.77 -3.70
CA VAL A 60 1.25 1.32 -5.05
C VAL A 60 2.09 2.59 -4.86
N SER A 61 2.44 3.29 -5.97
CA SER A 61 3.23 4.50 -5.78
C SER A 61 2.70 5.53 -6.75
N SER A 62 1.93 6.48 -6.15
CA SER A 62 1.35 7.59 -6.90
C SER A 62 0.52 8.39 -5.88
N LEU A 63 0.03 9.53 -6.43
CA LEU A 63 -0.82 10.46 -5.72
C LEU A 63 -2.24 9.85 -5.80
N TYR A 64 -3.28 10.72 -5.87
CA TYR A 64 -4.64 10.25 -5.98
C TYR A 64 -4.86 9.97 -7.47
N GLY A 65 -4.59 8.68 -7.77
CA GLY A 65 -4.72 8.11 -9.10
C GLY A 65 -5.76 6.97 -9.05
N GLN A 66 -5.81 6.37 -7.83
CA GLN A 66 -6.71 5.28 -7.52
C GLN A 66 -8.04 5.91 -7.06
N GLY A 67 -7.92 7.15 -6.57
CA GLY A 67 -9.07 7.92 -6.10
C GLY A 67 -9.39 7.61 -4.63
N GLU A 68 -10.44 8.33 -4.18
CA GLU A 68 -10.94 8.24 -2.83
C GLU A 68 -11.83 6.98 -2.72
N ILE A 69 -12.17 6.41 -3.90
CA ILE A 69 -13.02 5.23 -3.97
C ILE A 69 -12.14 4.03 -3.59
N ASP A 70 -10.95 3.99 -4.26
CA ASP A 70 -10.01 2.92 -4.00
C ASP A 70 -9.38 3.16 -2.63
N CYS A 71 -9.53 4.41 -2.12
CA CYS A 71 -9.01 4.73 -0.81
C CYS A 71 -9.95 4.03 0.18
N LYS A 72 -11.27 4.11 -0.15
CA LYS A 72 -12.31 3.47 0.66
C LYS A 72 -12.55 2.05 0.12
N GLY A 73 -11.55 1.56 -0.61
CA GLY A 73 -11.57 0.24 -1.21
C GLY A 73 -10.83 -0.76 -0.33
N LEU A 74 -9.77 -0.22 0.32
CA LEU A 74 -8.94 -0.99 1.22
C LEU A 74 -9.56 -0.87 2.61
N ARG A 75 -10.35 0.21 2.82
CA ARG A 75 -11.03 0.42 4.09
C ARG A 75 -12.24 -0.55 4.07
N GLU A 76 -12.68 -0.85 2.83
CA GLU A 76 -13.78 -1.76 2.58
C GLU A 76 -13.24 -3.20 2.66
N LYS A 77 -11.90 -3.35 2.42
CA LYS A 77 -11.23 -4.63 2.46
C LYS A 77 -11.01 -5.04 3.94
N CYS A 78 -11.13 -4.03 4.83
CA CYS A 78 -10.94 -4.20 6.27
C CYS A 78 -12.30 -4.55 6.86
N ASP A 79 -13.21 -3.75 6.33
CA ASP A 79 -14.62 -3.79 6.61
C ASP A 79 -15.22 -5.00 5.89
N GLU A 80 -14.33 -5.70 5.15
CA GLU A 80 -14.67 -6.90 4.43
C GLU A 80 -14.66 -7.99 5.50
N ALA A 81 -13.49 -7.98 6.17
CA ALA A 81 -13.17 -8.91 7.25
C ALA A 81 -13.21 -10.33 6.66
N GLY A 82 -12.63 -10.40 5.45
CA GLY A 82 -12.53 -11.62 4.67
C GLY A 82 -11.21 -11.58 3.89
N LEU A 83 -11.04 -10.39 3.26
CA LEU A 83 -9.85 -10.10 2.50
C LEU A 83 -8.88 -9.52 3.53
N LYS A 84 -7.77 -10.27 3.67
CA LYS A 84 -6.71 -9.93 4.61
C LYS A 84 -5.92 -8.79 3.95
N GLY A 85 -6.04 -7.62 4.59
CA GLY A 85 -5.33 -6.46 4.07
C GLY A 85 -5.68 -5.21 4.86
N ILE A 86 -5.36 -5.33 6.18
CA ILE A 86 -5.57 -4.24 7.12
C ILE A 86 -4.26 -3.43 7.15
N LYS A 87 -3.28 -3.89 6.34
CA LYS A 87 -1.99 -3.26 6.21
C LYS A 87 -1.99 -2.70 4.78
N LEU A 88 -1.89 -1.37 4.72
CA LEU A 88 -1.87 -0.68 3.43
C LEU A 88 -0.82 0.42 3.59
N PHE A 89 0.22 0.39 2.72
CA PHE A 89 1.22 1.45 2.83
C PHE A 89 0.87 2.32 1.63
N VAL A 90 0.49 3.54 2.02
CA VAL A 90 0.00 4.57 1.12
C VAL A 90 1.19 5.38 0.63
N GLY A 91 1.68 4.83 -0.48
CA GLY A 91 2.79 5.44 -1.17
C GLY A 91 2.34 6.75 -1.79
N GLY A 92 2.85 7.84 -1.16
CA GLY A 92 2.49 9.18 -1.59
C GLY A 92 1.03 9.40 -1.21
N ASN A 93 0.23 9.71 -2.27
CA ASN A 93 -1.20 9.91 -2.15
C ASN A 93 -1.44 11.20 -1.35
N ILE A 94 -2.55 11.86 -1.77
CA ILE A 94 -3.02 13.07 -1.14
C ILE A 94 -1.88 14.10 -1.19
N VAL A 95 -1.78 14.72 -2.38
CA VAL A 95 -0.76 15.73 -2.65
C VAL A 95 -1.01 16.93 -1.73
N VAL A 96 0.12 17.66 -1.50
CA VAL A 96 0.19 18.84 -0.65
C VAL A 96 -0.53 18.63 0.69
N GLY A 97 -0.12 17.51 1.32
CA GLY A 97 -0.66 17.11 2.61
C GLY A 97 0.28 16.08 3.24
N LYS A 98 0.46 16.27 4.57
CA LYS A 98 1.32 15.38 5.35
C LYS A 98 1.01 15.72 6.80
N GLN A 99 0.96 14.62 7.60
CA GLN A 99 0.69 14.64 9.03
C GLN A 99 -0.83 14.79 9.17
N ASN A 100 -1.26 16.06 9.04
CA ASN A 100 -2.67 16.41 9.13
C ASN A 100 -3.19 16.24 7.69
N TRP A 101 -4.10 15.26 7.59
CA TRP A 101 -4.70 14.92 6.30
C TRP A 101 -6.03 15.70 6.25
N PRO A 102 -6.59 15.87 5.02
CA PRO A 102 -7.85 16.58 4.82
C PRO A 102 -9.00 15.75 5.44
N ASP A 103 -10.19 15.93 4.81
CA ASP A 103 -11.41 15.27 5.21
C ASP A 103 -11.29 13.78 4.83
N VAL A 104 -10.46 13.54 3.79
CA VAL A 104 -10.22 12.20 3.26
C VAL A 104 -9.78 11.26 4.39
N GLU A 105 -8.57 11.45 4.96
CA GLU A 105 -8.15 10.56 6.03
C GLU A 105 -8.61 11.11 7.37
N GLN A 106 -9.61 12.02 7.37
CA GLN A 106 -10.07 12.49 8.67
C GLN A 106 -10.71 11.23 9.32
N ARG A 107 -11.62 10.65 8.50
CA ARG A 107 -12.35 9.46 8.88
C ARG A 107 -11.57 8.20 8.45
N PHE A 108 -10.55 8.31 7.53
CA PHE A 108 -9.87 7.07 7.12
C PHE A 108 -8.69 6.82 8.07
N LYS A 109 -7.94 7.92 8.32
CA LYS A 109 -6.79 7.84 9.23
C LYS A 109 -7.32 7.84 10.67
N ALA A 110 -8.67 7.95 10.83
CA ALA A 110 -9.28 7.85 12.17
C ALA A 110 -8.88 6.45 12.68
N MET A 111 -8.87 5.51 11.70
CA MET A 111 -8.45 4.14 11.95
C MET A 111 -6.92 4.18 11.84
N GLY A 112 -6.45 4.72 10.66
CA GLY A 112 -5.02 4.85 10.41
C GLY A 112 -4.18 3.58 10.58
N PHE A 113 -4.76 2.46 10.11
CA PHE A 113 -4.04 1.19 10.17
C PHE A 113 -3.07 1.14 8.95
N ASP A 114 -3.23 2.17 8.09
CA ASP A 114 -2.48 2.41 6.88
C ASP A 114 -1.52 3.57 7.23
N ARG A 115 -0.25 3.44 6.77
CA ARG A 115 0.75 4.48 7.00
C ARG A 115 0.97 5.08 5.62
N VAL A 116 1.77 6.17 5.58
CA VAL A 116 2.08 6.81 4.30
C VAL A 116 3.56 7.22 4.34
N TYR A 117 4.12 7.43 3.11
CA TYR A 117 5.50 7.81 2.97
C TYR A 117 5.48 9.33 2.77
N PRO A 118 6.64 9.99 3.01
CA PRO A 118 6.75 11.43 2.83
C PRO A 118 6.75 11.63 1.30
N PRO A 119 6.20 12.79 0.83
CA PRO A 119 6.15 13.09 -0.59
C PRO A 119 7.59 13.44 -0.98
N GLY A 120 8.14 12.48 -1.75
CA GLY A 120 9.50 12.55 -2.24
C GLY A 120 10.12 11.15 -2.21
N THR A 121 11.17 11.01 -3.03
CA THR A 121 11.90 9.76 -3.17
C THR A 121 12.73 9.62 -1.90
N SER A 122 12.79 8.32 -1.51
CA SER A 122 13.50 7.89 -0.33
C SER A 122 13.20 6.39 -0.17
N PRO A 123 14.16 5.50 -0.59
CA PRO A 123 14.00 4.06 -0.44
C PRO A 123 14.27 3.70 1.04
N GLU A 124 14.64 4.74 1.83
CA GLU A 124 14.94 4.67 3.24
C GLU A 124 13.65 4.29 3.98
N THR A 125 12.55 4.84 3.46
CA THR A 125 11.25 4.61 4.04
C THR A 125 10.80 3.20 3.62
N THR A 126 11.38 2.64 2.52
CA THR A 126 10.92 1.32 2.14
C THR A 126 11.61 0.25 2.99
N ILE A 127 12.72 0.66 3.65
CA ILE A 127 13.37 -0.28 4.54
C ILE A 127 12.35 -0.44 5.70
N ALA A 128 11.62 0.68 5.91
CA ALA A 128 10.60 0.76 6.91
C ALA A 128 9.26 0.34 6.28
N ASP A 129 9.26 -0.07 4.97
CA ASP A 129 8.03 -0.50 4.32
C ASP A 129 7.49 -1.71 5.09
N MET A 130 8.37 -2.73 5.07
CA MET A 130 8.03 -4.01 5.64
C MET A 130 8.44 -4.09 7.11
N LYS A 131 9.30 -3.16 7.58
CA LYS A 131 9.70 -3.24 8.99
C LYS A 131 8.67 -2.47 9.84
N GLU A 132 7.80 -1.67 9.19
CA GLU A 132 6.80 -0.92 9.94
C GLU A 132 5.55 -1.79 10.04
N VAL A 133 5.10 -2.15 8.83
CA VAL A 133 3.88 -2.93 8.66
C VAL A 133 3.90 -4.29 9.38
N LEU A 134 4.98 -5.06 9.15
CA LEU A 134 5.06 -6.39 9.76
C LEU A 134 5.74 -6.25 11.13
N GLY A 135 6.73 -5.33 11.21
CA GLY A 135 7.43 -5.17 12.48
C GLY A 135 6.53 -4.60 13.59
N VAL A 136 6.27 -3.28 13.47
CA VAL A 136 5.43 -2.63 14.47
C VAL A 136 5.03 -1.24 13.95
N GLU A 137 3.80 -0.89 14.40
CA GLU A 137 3.13 0.37 14.10
C GLU A 137 2.88 0.42 12.58
N MET A 1 -0.33 -13.66 9.82
CA MET A 1 -0.05 -12.55 10.70
C MET A 1 0.88 -11.63 9.90
N GLU A 2 2.08 -12.19 9.65
CA GLU A 2 3.13 -11.51 8.91
C GLU A 2 3.51 -12.51 7.83
N LYS A 3 2.65 -12.50 6.79
CA LYS A 3 2.76 -13.36 5.64
C LYS A 3 3.89 -12.80 4.76
N LYS A 4 4.01 -13.52 3.63
CA LYS A 4 5.02 -13.25 2.64
C LYS A 4 4.33 -12.92 1.31
N THR A 5 3.56 -11.81 1.33
CA THR A 5 2.89 -11.34 0.11
C THR A 5 2.82 -9.81 0.28
N ILE A 6 3.71 -9.21 -0.53
CA ILE A 6 4.01 -7.81 -0.65
C ILE A 6 3.73 -7.54 -2.12
N VAL A 7 2.85 -6.54 -2.36
CA VAL A 7 2.47 -6.16 -3.70
C VAL A 7 2.67 -4.66 -3.88
N LEU A 8 3.29 -4.34 -5.04
CA LEU A 8 3.54 -2.94 -5.35
C LEU A 8 2.94 -2.65 -6.73
N GLY A 9 2.32 -1.45 -6.75
CA GLY A 9 1.65 -0.88 -7.92
C GLY A 9 2.21 0.53 -8.13
N VAL A 10 1.96 1.09 -9.34
CA VAL A 10 2.49 2.43 -9.59
C VAL A 10 1.75 3.09 -10.76
N ILE A 11 1.14 4.22 -10.36
CA ILE A 11 0.37 5.07 -11.24
C ILE A 11 1.22 6.36 -11.29
N GLY A 12 0.76 7.36 -12.06
CA GLY A 12 1.49 8.61 -12.21
C GLY A 12 2.39 8.50 -13.43
N SER A 13 1.85 9.08 -14.52
CA SER A 13 2.50 9.05 -15.82
C SER A 13 3.58 10.14 -15.86
N ASP A 14 3.72 10.89 -14.74
CA ASP A 14 4.70 11.94 -14.65
C ASP A 14 6.04 11.22 -14.50
N CYS A 15 6.92 11.47 -15.50
CA CYS A 15 8.25 10.86 -15.52
C CYS A 15 8.09 9.49 -16.18
N HIS A 16 7.44 8.52 -15.47
CA HIS A 16 7.32 7.23 -16.12
C HIS A 16 6.14 6.52 -15.48
N ALA A 17 6.40 6.15 -14.21
CA ALA A 17 5.55 5.43 -13.29
C ALA A 17 6.45 4.28 -12.82
N VAL A 18 7.76 4.61 -12.67
CA VAL A 18 8.72 3.61 -12.20
C VAL A 18 8.51 3.34 -10.68
N GLY A 19 8.04 2.10 -10.40
CA GLY A 19 7.79 1.64 -9.03
C GLY A 19 8.94 0.76 -8.48
N ASN A 20 10.04 0.83 -9.29
CA ASN A 20 11.28 0.10 -9.03
C ASN A 20 11.52 0.34 -7.56
N LYS A 21 11.72 1.68 -7.31
CA LYS A 21 11.93 2.57 -6.13
C LYS A 21 12.19 1.73 -4.89
N ILE A 22 12.93 0.67 -5.22
CA ILE A 22 13.37 -0.43 -4.48
C ILE A 22 12.29 -0.79 -3.46
N LEU A 23 11.04 -0.82 -4.01
CA LEU A 23 9.90 -1.24 -3.21
C LEU A 23 10.06 -2.76 -3.08
N ASP A 24 10.42 -3.33 -4.25
CA ASP A 24 10.65 -4.76 -4.32
C ASP A 24 12.00 -5.08 -3.61
N HIS A 25 12.70 -4.03 -3.11
CA HIS A 25 13.97 -4.30 -2.46
C HIS A 25 13.68 -4.82 -1.07
N SER A 26 12.73 -4.11 -0.44
CA SER A 26 12.34 -4.37 0.93
C SER A 26 11.65 -5.73 1.05
N PHE A 27 11.15 -6.26 -0.10
CA PHE A 27 10.49 -7.57 -0.04
C PHE A 27 11.55 -8.58 0.36
N THR A 28 12.69 -8.36 -0.32
CA THR A 28 13.87 -9.19 -0.22
C THR A 28 14.56 -9.03 1.13
N ASN A 29 14.35 -7.83 1.65
CA ASN A 29 14.91 -7.38 2.90
C ASN A 29 13.98 -7.78 4.03
N ALA A 30 12.89 -8.52 3.69
CA ALA A 30 11.97 -8.93 4.72
C ALA A 30 11.75 -10.44 4.54
N GLY A 31 12.52 -11.04 3.61
CA GLY A 31 12.44 -12.46 3.33
C GLY A 31 11.02 -12.90 2.93
N PHE A 32 10.31 -11.94 2.30
CA PHE A 32 8.94 -12.21 1.89
C PHE A 32 8.99 -12.46 0.38
N ASN A 33 7.75 -12.63 -0.16
CA ASN A 33 7.59 -12.88 -1.58
C ASN A 33 7.01 -11.58 -2.14
N VAL A 34 7.39 -11.40 -3.42
CA VAL A 34 7.00 -10.25 -4.20
C VAL A 34 5.82 -10.66 -5.10
N VAL A 35 4.97 -9.63 -5.28
CA VAL A 35 3.76 -9.71 -6.09
C VAL A 35 3.70 -8.36 -6.83
N ASN A 36 4.45 -8.32 -7.95
CA ASN A 36 4.45 -7.08 -8.73
C ASN A 36 3.27 -7.22 -9.71
N ILE A 37 2.38 -6.20 -9.61
CA ILE A 37 1.19 -6.15 -10.45
C ILE A 37 1.59 -5.40 -11.71
N GLY A 38 1.34 -4.07 -11.67
CA GLY A 38 1.65 -3.22 -12.81
C GLY A 38 1.41 -1.75 -12.42
N VAL A 39 0.50 -1.15 -13.22
CA VAL A 39 0.13 0.26 -13.03
C VAL A 39 -1.41 0.40 -13.00
N LEU A 40 -2.09 -0.76 -12.91
CA LEU A 40 -3.54 -0.82 -12.90
C LEU A 40 -3.97 -0.66 -11.43
N SER A 41 -4.91 0.30 -11.25
CA SER A 41 -5.46 0.63 -9.94
C SER A 41 -6.79 -0.11 -9.78
N SER A 42 -6.77 -1.38 -10.26
CA SER A 42 -7.94 -2.23 -10.15
C SER A 42 -7.76 -2.93 -8.82
N GLN A 43 -8.13 -2.15 -7.78
CA GLN A 43 -7.99 -2.57 -6.41
C GLN A 43 -9.13 -3.54 -6.08
N GLU A 44 -10.33 -3.24 -6.65
CA GLU A 44 -11.50 -4.06 -6.39
C GLU A 44 -11.27 -5.44 -7.03
N ASP A 45 -10.59 -5.44 -8.20
CA ASP A 45 -10.33 -6.70 -8.89
C ASP A 45 -9.13 -7.35 -8.20
N PHE A 46 -8.29 -6.50 -7.54
CA PHE A 46 -7.14 -7.05 -6.85
C PHE A 46 -7.60 -7.58 -5.49
N ILE A 47 -8.86 -7.28 -5.10
CA ILE A 47 -9.35 -7.79 -3.82
C ILE A 47 -9.62 -9.29 -4.05
N ASN A 48 -10.08 -9.58 -5.30
CA ASN A 48 -10.37 -10.95 -5.69
C ASN A 48 -9.03 -11.67 -5.88
N ALA A 49 -8.01 -10.90 -6.32
CA ALA A 49 -6.69 -11.49 -6.54
C ALA A 49 -5.90 -11.42 -5.23
N ALA A 50 -6.51 -10.85 -4.15
CA ALA A 50 -5.84 -10.75 -2.87
C ALA A 50 -6.18 -12.01 -2.08
N ILE A 51 -7.20 -12.76 -2.58
CA ILE A 51 -7.57 -14.03 -1.95
C ILE A 51 -6.53 -15.03 -2.48
N GLU A 52 -6.28 -14.86 -3.80
CA GLU A 52 -5.35 -15.65 -4.59
C GLU A 52 -3.95 -15.49 -3.98
N THR A 53 -3.51 -14.21 -3.96
CA THR A 53 -2.21 -13.79 -3.47
C THR A 53 -2.12 -14.17 -2.00
N LYS A 54 -2.99 -13.48 -1.25
CA LYS A 54 -3.16 -13.55 0.20
C LYS A 54 -2.45 -12.28 0.72
N ALA A 55 -2.61 -11.21 -0.11
CA ALA A 55 -2.06 -9.86 0.02
C ALA A 55 -2.24 -9.38 1.46
N ASP A 56 -1.09 -9.34 2.17
CA ASP A 56 -1.11 -8.90 3.57
C ASP A 56 -0.92 -7.38 3.53
N LEU A 57 0.01 -6.91 2.66
CA LEU A 57 0.20 -5.47 2.57
C LEU A 57 0.49 -5.13 1.12
N ILE A 58 -0.05 -3.93 0.79
CA ILE A 58 0.02 -3.36 -0.54
C ILE A 58 0.49 -1.91 -0.31
N CYS A 59 1.28 -1.43 -1.31
CA CYS A 59 1.82 -0.09 -1.28
C CYS A 59 1.96 0.32 -2.74
N VAL A 60 1.36 1.49 -3.07
CA VAL A 60 1.45 1.99 -4.45
C VAL A 60 2.55 3.06 -4.49
N SER A 61 2.68 3.61 -5.71
CA SER A 61 3.64 4.68 -5.93
C SER A 61 2.92 5.73 -6.78
N SER A 62 2.40 6.75 -6.04
CA SER A 62 1.72 7.90 -6.59
C SER A 62 0.80 8.45 -5.50
N LEU A 63 0.58 9.79 -5.64
CA LEU A 63 -0.26 10.60 -4.78
C LEU A 63 -1.68 10.08 -5.00
N TYR A 64 -2.50 10.93 -5.64
CA TYR A 64 -3.87 10.57 -5.96
C TYR A 64 -3.81 10.05 -7.40
N GLY A 65 -3.14 8.89 -7.43
CA GLY A 65 -2.92 8.09 -8.61
C GLY A 65 -3.30 6.67 -8.20
N GLN A 66 -4.56 6.62 -7.72
CA GLN A 66 -5.16 5.39 -7.26
C GLN A 66 -6.67 5.65 -7.10
N GLY A 67 -6.97 6.94 -6.83
CA GLY A 67 -8.34 7.42 -6.66
C GLY A 67 -8.96 7.00 -5.33
N GLU A 68 -10.25 7.41 -5.24
CA GLU A 68 -11.10 7.16 -4.08
C GLU A 68 -11.56 5.69 -4.14
N ILE A 69 -11.17 4.98 -5.23
CA ILE A 69 -11.50 3.58 -5.45
C ILE A 69 -10.66 2.81 -4.43
N ASP A 70 -9.35 3.11 -4.50
CA ASP A 70 -8.35 2.45 -3.67
C ASP A 70 -8.46 3.00 -2.24
N CYS A 71 -9.05 4.21 -2.09
CA CYS A 71 -9.17 4.78 -0.76
C CYS A 71 -10.18 3.91 0.01
N LYS A 72 -11.44 3.93 -0.49
CA LYS A 72 -12.51 3.18 0.16
C LYS A 72 -12.58 1.77 -0.45
N GLY A 73 -11.42 1.31 -0.93
CA GLY A 73 -11.28 -0.03 -1.51
C GLY A 73 -10.75 -0.98 -0.45
N LEU A 74 -9.79 -0.41 0.31
CA LEU A 74 -9.12 -1.13 1.37
C LEU A 74 -9.92 -0.95 2.67
N ARG A 75 -10.73 0.15 2.71
CA ARG A 75 -11.55 0.40 3.89
C ARG A 75 -12.76 -0.55 3.76
N GLU A 76 -13.07 -0.88 2.48
CA GLU A 76 -14.16 -1.79 2.16
C GLU A 76 -13.64 -3.21 2.39
N LYS A 77 -12.30 -3.39 2.25
CA LYS A 77 -11.64 -4.66 2.43
C LYS A 77 -11.53 -4.99 3.93
N CYS A 78 -11.73 -3.94 4.76
CA CYS A 78 -11.66 -4.03 6.21
C CYS A 78 -13.03 -4.36 6.72
N ASP A 79 -13.91 -3.56 6.10
CA ASP A 79 -15.33 -3.60 6.29
C ASP A 79 -15.90 -4.86 5.65
N GLU A 80 -14.98 -5.59 4.99
CA GLU A 80 -15.29 -6.85 4.36
C GLU A 80 -15.25 -7.87 5.50
N ALA A 81 -14.08 -7.83 6.15
CA ALA A 81 -13.74 -8.69 7.28
C ALA A 81 -13.76 -10.14 6.74
N GLY A 82 -13.08 -10.27 5.58
CA GLY A 82 -12.97 -11.55 4.89
C GLY A 82 -11.72 -11.56 4.00
N LEU A 83 -11.54 -10.40 3.33
CA LEU A 83 -10.40 -10.22 2.44
C LEU A 83 -9.22 -9.88 3.37
N LYS A 84 -8.19 -10.73 3.24
CA LYS A 84 -6.98 -10.61 4.04
C LYS A 84 -6.20 -9.44 3.43
N GLY A 85 -5.84 -8.52 4.36
CA GLY A 85 -5.10 -7.32 4.04
C GLY A 85 -5.80 -6.12 4.70
N ILE A 86 -5.06 -5.54 5.67
CA ILE A 86 -5.56 -4.39 6.42
C ILE A 86 -4.34 -3.53 6.76
N LYS A 87 -3.40 -3.52 5.79
CA LYS A 87 -2.17 -2.77 5.91
C LYS A 87 -1.94 -2.22 4.52
N LEU A 88 -2.06 -0.88 4.44
CA LEU A 88 -1.92 -0.18 3.19
C LEU A 88 -0.94 0.95 3.48
N PHE A 89 0.29 0.76 2.96
CA PHE A 89 1.32 1.75 3.17
C PHE A 89 1.27 2.48 1.83
N VAL A 90 0.32 3.45 1.82
CA VAL A 90 0.06 4.19 0.61
C VAL A 90 0.97 5.41 0.52
N GLY A 91 1.98 5.14 -0.32
CA GLY A 91 2.95 6.16 -0.62
C GLY A 91 2.35 7.16 -1.59
N GLY A 92 2.26 8.37 -1.03
CA GLY A 92 1.64 9.50 -1.70
C GLY A 92 0.28 9.69 -1.04
N ASN A 93 -0.69 8.90 -1.58
CA ASN A 93 -2.07 8.84 -1.11
C ASN A 93 -2.76 10.14 -1.55
N ILE A 94 -2.56 11.16 -0.69
CA ILE A 94 -3.10 12.50 -0.88
C ILE A 94 -1.96 13.40 -0.42
N VAL A 95 -1.73 14.43 -1.27
CA VAL A 95 -0.68 15.41 -1.04
C VAL A 95 -0.99 16.22 0.23
N VAL A 96 0.13 16.80 0.75
CA VAL A 96 0.18 17.62 1.95
C VAL A 96 -0.67 17.06 3.10
N GLY A 97 -0.09 15.99 3.70
CA GLY A 97 -0.74 15.30 4.81
C GLY A 97 0.07 14.05 5.16
N LYS A 98 0.26 13.89 6.48
CA LYS A 98 1.00 12.76 7.02
C LYS A 98 0.84 12.91 8.53
N GLN A 99 0.06 11.94 9.08
CA GLN A 99 -0.29 11.82 10.49
C GLN A 99 -1.60 12.61 10.66
N ASN A 100 -1.49 13.91 10.34
CA ASN A 100 -2.60 14.84 10.40
C ASN A 100 -3.15 14.86 8.98
N TRP A 101 -4.49 14.79 8.91
CA TRP A 101 -5.16 14.75 7.62
C TRP A 101 -6.44 15.58 7.77
N PRO A 102 -7.04 15.99 6.61
CA PRO A 102 -8.29 16.74 6.61
C PRO A 102 -9.43 15.77 7.03
N ASP A 103 -10.63 16.08 6.51
CA ASP A 103 -11.85 15.32 6.79
C ASP A 103 -11.76 13.95 6.10
N VAL A 104 -10.90 13.89 5.06
CA VAL A 104 -10.70 12.66 4.29
C VAL A 104 -10.26 11.51 5.19
N GLU A 105 -9.00 11.60 5.71
CA GLU A 105 -8.55 10.52 6.56
C GLU A 105 -8.93 10.86 8.01
N GLN A 106 -9.97 11.70 8.22
CA GLN A 106 -10.41 11.98 9.60
C GLN A 106 -11.21 10.73 10.01
N ARG A 107 -12.01 10.27 9.02
CA ARG A 107 -12.83 9.09 9.17
C ARG A 107 -11.90 7.89 8.98
N PHE A 108 -10.87 8.06 8.11
CA PHE A 108 -9.95 6.95 7.89
C PHE A 108 -8.76 7.10 8.87
N LYS A 109 -8.93 7.96 9.91
CA LYS A 109 -7.91 8.12 10.96
C LYS A 109 -8.28 7.07 12.02
N ALA A 110 -9.63 6.98 12.21
CA ALA A 110 -10.25 6.06 13.13
C ALA A 110 -9.86 4.65 12.70
N MET A 111 -9.76 4.49 11.35
CA MET A 111 -9.35 3.23 10.77
C MET A 111 -7.83 3.24 10.93
N GLY A 112 -7.24 4.28 10.29
CA GLY A 112 -5.83 4.65 10.25
C GLY A 112 -4.80 3.51 10.37
N PHE A 113 -5.15 2.38 9.74
CA PHE A 113 -4.24 1.23 9.73
C PHE A 113 -3.33 1.36 8.50
N ASP A 114 -3.57 2.46 7.74
CA ASP A 114 -2.83 2.79 6.54
C ASP A 114 -1.91 3.95 6.92
N ARG A 115 -0.63 3.81 6.48
CA ARG A 115 0.39 4.82 6.72
C ARG A 115 0.64 5.43 5.33
N VAL A 116 1.52 6.47 5.33
CA VAL A 116 1.85 7.13 4.08
C VAL A 116 3.35 7.45 4.04
N TYR A 117 3.77 7.70 2.78
CA TYR A 117 5.17 8.06 2.54
C TYR A 117 5.16 9.59 2.38
N PRO A 118 6.34 10.22 2.68
CA PRO A 118 6.48 11.67 2.59
C PRO A 118 6.57 12.01 1.08
N PRO A 119 6.32 13.33 0.76
CA PRO A 119 6.37 13.82 -0.60
C PRO A 119 7.86 13.84 -0.98
N GLY A 120 8.12 13.16 -2.11
CA GLY A 120 9.47 13.00 -2.63
C GLY A 120 9.93 11.59 -2.24
N THR A 121 10.58 10.91 -3.22
CA THR A 121 11.03 9.55 -2.91
C THR A 121 12.21 9.65 -1.99
N SER A 122 12.24 8.52 -1.30
CA SER A 122 13.17 8.16 -0.28
C SER A 122 12.88 6.66 -0.17
N PRO A 123 13.83 5.81 -0.65
CA PRO A 123 13.60 4.38 -0.62
C PRO A 123 13.85 3.87 0.82
N GLU A 124 14.22 4.82 1.71
CA GLU A 124 14.52 4.61 3.11
C GLU A 124 13.20 4.18 3.80
N THR A 125 12.11 4.83 3.34
CA THR A 125 10.79 4.58 3.87
C THR A 125 10.32 3.22 3.35
N THR A 126 10.88 2.78 2.20
CA THR A 126 10.43 1.53 1.66
C THR A 126 11.15 0.36 2.30
N ILE A 127 12.34 0.62 2.91
CA ILE A 127 12.98 -0.50 3.57
C ILE A 127 12.02 -0.88 4.72
N ALA A 128 11.32 0.19 5.18
CA ALA A 128 10.33 0.15 6.22
C ALA A 128 9.00 -0.31 5.61
N ASP A 129 8.92 -0.43 4.27
CA ASP A 129 7.70 -0.87 3.59
C ASP A 129 7.25 -2.19 4.19
N MET A 130 8.04 -3.22 3.85
CA MET A 130 7.67 -4.56 4.28
C MET A 130 8.24 -4.84 5.69
N LYS A 131 9.06 -3.90 6.23
CA LYS A 131 9.65 -4.15 7.54
C LYS A 131 8.71 -3.59 8.62
N GLU A 132 8.57 -2.24 8.62
CA GLU A 132 7.76 -1.50 9.59
C GLU A 132 6.38 -2.12 9.76
N VAL A 133 5.79 -2.45 8.61
CA VAL A 133 4.46 -3.06 8.65
C VAL A 133 4.49 -4.45 9.32
N LEU A 134 5.19 -5.40 8.67
CA LEU A 134 5.30 -6.75 9.23
C LEU A 134 6.55 -6.82 10.12
N GLY A 135 6.60 -5.89 11.10
CA GLY A 135 7.71 -5.86 12.04
C GLY A 135 7.29 -5.13 13.32
N VAL A 136 7.40 -3.79 13.22
CA VAL A 136 7.04 -2.94 14.35
C VAL A 136 6.88 -1.50 13.83
N GLU A 137 6.03 -0.76 14.57
CA GLU A 137 5.75 0.61 14.22
C GLU A 137 5.38 1.30 15.54
N MET A 1 1.51 -13.28 11.17
CA MET A 1 1.61 -11.87 11.47
C MET A 1 2.50 -11.27 10.37
N GLU A 2 3.81 -11.61 10.51
CA GLU A 2 4.82 -11.14 9.58
C GLU A 2 4.91 -12.21 8.49
N LYS A 3 3.89 -12.11 7.61
CA LYS A 3 3.70 -12.96 6.47
C LYS A 3 4.74 -12.57 5.42
N LYS A 4 4.44 -13.00 4.18
CA LYS A 4 5.33 -12.74 3.07
C LYS A 4 4.45 -12.64 1.83
N THR A 5 4.18 -11.38 1.44
CA THR A 5 3.34 -11.11 0.27
C THR A 5 3.18 -9.58 0.23
N ILE A 6 3.99 -8.96 -0.66
CA ILE A 6 4.00 -7.54 -0.90
C ILE A 6 3.75 -7.40 -2.39
N VAL A 7 2.59 -6.76 -2.65
CA VAL A 7 2.13 -6.48 -3.97
C VAL A 7 2.26 -4.99 -4.26
N LEU A 8 3.20 -4.71 -5.20
CA LEU A 8 3.52 -3.35 -5.60
C LEU A 8 2.96 -3.18 -7.03
N GLY A 9 2.28 -2.01 -7.18
CA GLY A 9 1.70 -1.64 -8.46
C GLY A 9 0.81 -0.42 -8.30
N VAL A 10 0.39 0.19 -9.45
CA VAL A 10 -0.45 1.40 -9.39
C VAL A 10 -0.64 2.21 -10.70
N ILE A 11 -0.24 3.53 -10.61
CA ILE A 11 -0.39 4.48 -11.71
C ILE A 11 0.84 5.39 -11.70
N GLY A 12 0.74 6.48 -12.52
CA GLY A 12 1.85 7.43 -12.61
C GLY A 12 1.54 8.53 -13.63
N SER A 13 2.36 9.59 -13.45
CA SER A 13 2.35 10.81 -14.20
C SER A 13 3.57 10.79 -15.13
N ASP A 14 4.59 10.01 -14.72
CA ASP A 14 5.82 9.90 -15.47
C ASP A 14 6.14 8.41 -15.52
N CYS A 15 6.93 8.04 -16.55
CA CYS A 15 7.32 6.64 -16.66
C CYS A 15 8.74 6.57 -16.08
N HIS A 16 8.86 6.99 -14.79
CA HIS A 16 10.21 6.99 -14.22
C HIS A 16 10.08 7.35 -12.73
N ALA A 17 10.78 6.47 -11.98
CA ALA A 17 11.01 6.41 -10.55
C ALA A 17 9.93 7.17 -9.77
N VAL A 18 8.70 6.64 -9.93
CA VAL A 18 7.53 7.20 -9.22
C VAL A 18 7.02 6.15 -8.22
N GLY A 19 7.87 5.87 -7.21
CA GLY A 19 7.56 4.90 -6.15
C GLY A 19 7.92 3.45 -6.53
N ASN A 20 7.73 3.20 -7.85
CA ASN A 20 7.98 1.93 -8.51
C ASN A 20 9.26 1.37 -7.91
N LYS A 21 10.24 2.36 -7.89
CA LYS A 21 11.63 2.61 -7.44
C LYS A 21 12.10 1.40 -6.68
N ILE A 22 11.82 0.34 -7.42
CA ILE A 22 11.99 -1.03 -7.14
C ILE A 22 11.70 -1.18 -5.63
N LEU A 23 10.48 -0.68 -5.25
CA LEU A 23 10.01 -0.87 -3.90
C LEU A 23 9.77 -2.40 -3.79
N ASP A 24 9.59 -3.03 -4.98
CA ASP A 24 9.44 -4.49 -4.93
C ASP A 24 10.82 -5.07 -4.48
N HIS A 25 11.90 -4.29 -4.65
CA HIS A 25 13.25 -4.77 -4.26
C HIS A 25 13.27 -4.94 -2.75
N SER A 26 12.44 -4.09 -2.10
CA SER A 26 12.35 -4.09 -0.65
C SER A 26 11.71 -5.40 -0.18
N PHE A 27 11.02 -6.10 -1.11
CA PHE A 27 10.41 -7.41 -0.80
C PHE A 27 11.54 -8.31 -0.29
N THR A 28 12.61 -8.23 -1.10
CA THR A 28 13.82 -9.02 -0.96
C THR A 28 14.63 -8.62 0.26
N ASN A 29 14.49 -7.34 0.54
CA ASN A 29 15.16 -6.67 1.62
C ASN A 29 14.35 -6.87 2.90
N ALA A 30 13.30 -7.73 2.82
CA ALA A 30 12.49 -8.02 3.96
C ALA A 30 12.41 -9.54 4.08
N GLY A 31 13.07 -10.24 3.13
CA GLY A 31 13.08 -11.70 3.10
C GLY A 31 11.65 -12.27 2.95
N PHE A 32 10.82 -11.44 2.28
CA PHE A 32 9.42 -11.82 2.09
C PHE A 32 9.25 -12.25 0.63
N ASN A 33 7.95 -12.38 0.27
CA ASN A 33 7.52 -12.84 -1.05
C ASN A 33 7.28 -11.61 -1.92
N VAL A 34 7.56 -11.92 -3.20
CA VAL A 34 7.46 -11.02 -4.32
C VAL A 34 6.14 -11.25 -5.04
N VAL A 35 5.43 -10.12 -5.14
CA VAL A 35 4.17 -10.05 -5.83
C VAL A 35 4.19 -8.70 -6.58
N ASN A 36 3.81 -8.79 -7.86
CA ASN A 36 3.77 -7.59 -8.70
C ASN A 36 2.48 -7.76 -9.52
N ILE A 37 1.70 -6.65 -9.56
CA ILE A 37 0.44 -6.64 -10.28
C ILE A 37 0.59 -5.75 -11.53
N GLY A 38 1.62 -4.87 -11.51
CA GLY A 38 1.88 -3.99 -12.65
C GLY A 38 1.34 -2.58 -12.35
N VAL A 39 0.45 -2.11 -13.26
CA VAL A 39 -0.16 -0.79 -13.10
C VAL A 39 -1.61 -0.83 -13.61
N LEU A 40 -2.50 -0.65 -12.62
CA LEU A 40 -3.94 -0.63 -12.81
C LEU A 40 -4.46 -0.28 -11.40
N SER A 41 -5.47 0.62 -11.37
CA SER A 41 -6.07 1.07 -10.13
C SER A 41 -7.32 0.17 -9.90
N SER A 42 -7.11 -1.12 -10.23
CA SER A 42 -8.08 -2.20 -10.13
C SER A 42 -7.84 -2.75 -8.71
N GLN A 43 -8.60 -2.20 -7.75
CA GLN A 43 -8.42 -2.60 -6.37
C GLN A 43 -9.36 -3.79 -6.08
N GLU A 44 -10.66 -3.52 -6.28
CA GLU A 44 -11.75 -4.47 -6.02
C GLU A 44 -11.61 -5.76 -6.84
N ASP A 45 -10.84 -5.71 -7.96
CA ASP A 45 -10.73 -6.90 -8.78
C ASP A 45 -9.55 -7.71 -8.25
N PHE A 46 -8.49 -6.99 -7.86
CA PHE A 46 -7.32 -7.69 -7.37
C PHE A 46 -7.47 -7.89 -5.85
N ILE A 47 -8.70 -7.64 -5.34
CA ILE A 47 -9.01 -7.88 -3.94
C ILE A 47 -9.54 -9.32 -3.94
N ASN A 48 -10.24 -9.64 -5.07
CA ASN A 48 -10.75 -11.00 -5.24
C ASN A 48 -9.51 -11.88 -5.55
N ALA A 49 -8.49 -11.22 -6.16
CA ALA A 49 -7.25 -11.91 -6.49
C ALA A 49 -6.37 -11.89 -5.25
N ALA A 50 -6.66 -11.02 -4.25
CA ALA A 50 -5.85 -10.97 -3.04
C ALA A 50 -6.26 -12.11 -2.12
N ILE A 51 -7.35 -12.83 -2.48
CA ILE A 51 -7.75 -13.98 -1.68
C ILE A 51 -6.86 -15.13 -2.20
N GLU A 52 -6.77 -15.13 -3.55
CA GLU A 52 -6.00 -16.10 -4.32
C GLU A 52 -4.51 -16.02 -3.91
N THR A 53 -3.89 -14.85 -4.18
CA THR A 53 -2.48 -14.61 -3.91
C THR A 53 -2.25 -14.73 -2.41
N LYS A 54 -3.16 -14.03 -1.70
CA LYS A 54 -3.17 -13.98 -0.25
C LYS A 54 -2.18 -12.85 0.10
N ALA A 55 -2.49 -11.68 -0.52
CA ALA A 55 -1.70 -10.47 -0.38
C ALA A 55 -1.88 -9.97 1.05
N ASP A 56 -0.71 -9.81 1.72
CA ASP A 56 -0.68 -9.34 3.09
C ASP A 56 -0.72 -7.82 2.99
N LEU A 57 0.48 -7.22 2.79
CA LEU A 57 0.57 -5.78 2.68
C LEU A 57 0.62 -5.47 1.18
N ILE A 58 -0.01 -4.31 0.87
CA ILE A 58 -0.09 -3.85 -0.51
C ILE A 58 0.35 -2.37 -0.45
N CYS A 59 1.10 -2.02 -1.53
CA CYS A 59 1.64 -0.70 -1.71
C CYS A 59 1.24 -0.27 -3.13
N VAL A 60 0.70 0.97 -3.14
CA VAL A 60 0.25 1.65 -4.34
C VAL A 60 1.14 2.88 -4.53
N SER A 61 1.63 3.08 -5.78
CA SER A 61 2.50 4.24 -6.03
C SER A 61 1.70 5.21 -6.91
N SER A 62 1.02 6.10 -6.14
CA SER A 62 0.18 7.08 -6.80
C SER A 62 0.52 8.43 -6.17
N LEU A 63 -0.17 9.41 -6.77
CA LEU A 63 -0.05 10.80 -6.42
C LEU A 63 -1.45 11.41 -6.67
N TYR A 64 -2.43 10.72 -6.05
CA TYR A 64 -3.85 11.04 -6.07
C TYR A 64 -4.35 10.99 -7.53
N GLY A 65 -3.99 9.87 -8.17
CA GLY A 65 -4.36 9.56 -9.55
C GLY A 65 -4.96 8.13 -9.62
N GLN A 66 -5.01 7.50 -8.42
CA GLN A 66 -5.55 6.17 -8.25
C GLN A 66 -7.02 6.34 -7.81
N GLY A 67 -7.44 7.62 -7.64
CA GLY A 67 -8.79 7.96 -7.23
C GLY A 67 -9.08 7.50 -5.80
N GLU A 68 -10.32 7.85 -5.37
CA GLU A 68 -10.78 7.47 -4.05
C GLU A 68 -11.48 6.09 -4.15
N ILE A 69 -11.07 5.32 -5.18
CA ILE A 69 -11.58 3.99 -5.45
C ILE A 69 -10.65 3.06 -4.66
N ASP A 70 -9.34 3.29 -4.94
CA ASP A 70 -8.28 2.52 -4.30
C ASP A 70 -8.20 2.98 -2.84
N CYS A 71 -8.63 4.24 -2.60
CA CYS A 71 -8.59 4.78 -1.25
C CYS A 71 -9.64 4.01 -0.44
N LYS A 72 -10.91 4.07 -0.93
CA LYS A 72 -12.01 3.39 -0.24
C LYS A 72 -12.14 1.96 -0.80
N GLY A 73 -11.00 1.42 -1.23
CA GLY A 73 -10.92 0.08 -1.78
C GLY A 73 -10.42 -0.88 -0.71
N LEU A 74 -9.46 -0.32 0.08
CA LEU A 74 -8.84 -1.05 1.17
C LEU A 74 -9.67 -0.80 2.43
N ARG A 75 -10.41 0.34 2.43
CA ARG A 75 -11.26 0.66 3.57
C ARG A 75 -12.48 -0.25 3.44
N GLU A 76 -12.81 -0.57 2.16
CA GLU A 76 -13.92 -1.45 1.85
C GLU A 76 -13.47 -2.89 2.15
N LYS A 77 -12.15 -3.14 2.03
CA LYS A 77 -11.55 -4.44 2.25
C LYS A 77 -11.49 -4.72 3.77
N CYS A 78 -11.65 -3.63 4.57
CA CYS A 78 -11.58 -3.67 6.02
C CYS A 78 -12.97 -3.92 6.53
N ASP A 79 -13.81 -3.10 5.89
CA ASP A 79 -15.23 -3.07 6.09
C ASP A 79 -15.87 -4.28 5.41
N GLU A 80 -14.98 -5.11 4.83
CA GLU A 80 -15.34 -6.34 4.19
C GLU A 80 -15.39 -7.35 5.32
N ALA A 81 -14.20 -7.37 5.98
CA ALA A 81 -13.94 -8.27 7.11
C ALA A 81 -14.04 -9.70 6.57
N GLY A 82 -13.42 -9.87 5.39
CA GLY A 82 -13.40 -11.15 4.69
C GLY A 82 -12.12 -11.25 3.84
N LEU A 83 -11.84 -10.12 3.18
CA LEU A 83 -10.66 -10.00 2.35
C LEU A 83 -9.51 -9.72 3.34
N LYS A 84 -8.54 -10.65 3.30
CA LYS A 84 -7.38 -10.56 4.19
C LYS A 84 -6.40 -9.59 3.53
N GLY A 85 -5.79 -8.77 4.42
CA GLY A 85 -4.82 -7.76 4.03
C GLY A 85 -5.29 -6.37 4.48
N ILE A 86 -5.22 -6.20 5.81
CA ILE A 86 -5.61 -4.94 6.45
C ILE A 86 -4.30 -4.21 6.82
N LYS A 87 -3.30 -4.41 5.93
CA LYS A 87 -1.99 -3.80 6.09
C LYS A 87 -1.76 -3.11 4.76
N LEU A 88 -1.63 -1.79 4.88
CA LEU A 88 -1.43 -0.99 3.69
C LEU A 88 -0.41 0.07 4.06
N PHE A 89 0.30 0.45 2.99
CA PHE A 89 1.29 1.49 3.08
C PHE A 89 1.05 2.23 1.75
N VAL A 90 0.43 3.41 1.92
CA VAL A 90 0.01 4.24 0.81
C VAL A 90 1.14 5.20 0.43
N GLY A 91 1.85 4.64 -0.53
CA GLY A 91 2.96 5.31 -1.17
C GLY A 91 2.48 6.55 -1.93
N GLY A 92 3.03 7.70 -1.47
CA GLY A 92 2.68 8.99 -2.04
C GLY A 92 1.37 9.48 -1.41
N ASN A 93 0.27 9.12 -2.13
CA ASN A 93 -1.09 9.43 -1.72
C ASN A 93 -1.28 10.94 -1.95
N ILE A 94 -2.03 11.56 -1.00
CA ILE A 94 -2.32 12.98 -1.02
C ILE A 94 -1.19 13.61 -0.19
N VAL A 95 -0.88 14.86 -0.60
CA VAL A 95 0.16 15.67 0.02
C VAL A 95 -0.46 16.41 1.22
N VAL A 96 0.31 17.42 1.64
CA VAL A 96 0.03 18.33 2.75
C VAL A 96 -0.54 17.60 3.98
N GLY A 97 0.40 16.90 4.64
CA GLY A 97 0.06 16.14 5.85
C GLY A 97 1.13 15.09 6.10
N LYS A 98 0.88 14.38 7.23
CA LYS A 98 1.77 13.32 7.69
C LYS A 98 0.92 12.48 8.63
N GLN A 99 0.24 13.22 9.52
CA GLN A 99 -0.66 12.67 10.53
C GLN A 99 -1.95 13.47 10.37
N ASN A 100 -1.76 14.80 10.23
CA ASN A 100 -2.85 15.74 10.06
C ASN A 100 -3.13 15.75 8.55
N TRP A 101 -4.13 14.91 8.20
CA TRP A 101 -4.55 14.76 6.82
C TRP A 101 -5.86 15.57 6.71
N PRO A 102 -6.30 15.86 5.44
CA PRO A 102 -7.53 16.60 5.20
C PRO A 102 -8.73 15.71 5.65
N ASP A 103 -9.87 15.98 4.97
CA ASP A 103 -11.13 15.30 5.24
C ASP A 103 -11.00 13.84 4.77
N VAL A 104 -10.08 13.65 3.78
CA VAL A 104 -9.81 12.34 3.21
C VAL A 104 -9.47 11.33 4.31
N GLU A 105 -8.24 11.44 4.86
CA GLU A 105 -7.87 10.48 5.90
C GLU A 105 -8.28 11.02 7.27
N GLN A 106 -9.34 11.84 7.32
CA GLN A 106 -9.83 12.29 8.63
C GLN A 106 -10.60 11.05 9.14
N ARG A 107 -11.39 10.53 8.19
CA ARG A 107 -12.21 9.35 8.40
C ARG A 107 -11.30 8.12 8.25
N PHE A 108 -10.26 8.23 7.39
CA PHE A 108 -9.36 7.07 7.21
C PHE A 108 -8.22 7.17 8.24
N LYS A 109 -8.33 8.10 9.23
CA LYS A 109 -7.34 8.20 10.30
C LYS A 109 -7.88 7.27 11.39
N ALA A 110 -9.24 7.31 11.50
CA ALA A 110 -9.96 6.50 12.47
C ALA A 110 -9.69 5.03 12.15
N MET A 111 -9.53 4.76 10.83
CA MET A 111 -9.22 3.42 10.37
C MET A 111 -7.71 3.31 10.58
N GLY A 112 -7.02 4.23 9.87
CA GLY A 112 -5.57 4.43 9.87
C GLY A 112 -4.69 3.18 10.02
N PHE A 113 -5.15 2.08 9.37
CA PHE A 113 -4.39 0.83 9.39
C PHE A 113 -3.28 0.97 8.33
N ASP A 114 -3.49 2.00 7.48
CA ASP A 114 -2.62 2.36 6.38
C ASP A 114 -1.81 3.56 6.85
N ARG A 115 -0.52 3.52 6.48
CA ARG A 115 0.42 4.60 6.77
C ARG A 115 0.68 5.19 5.38
N VAL A 116 1.51 6.25 5.33
CA VAL A 116 1.84 6.84 4.02
C VAL A 116 3.33 7.20 4.07
N TYR A 117 3.93 7.30 2.85
CA TYR A 117 5.34 7.66 2.80
C TYR A 117 5.26 9.18 2.46
N PRO A 118 5.72 10.06 3.41
CA PRO A 118 5.65 11.52 3.25
C PRO A 118 6.35 11.96 1.95
N PRO A 119 5.97 13.17 1.45
CA PRO A 119 6.55 13.72 0.22
C PRO A 119 8.03 14.00 0.53
N GLY A 120 8.87 13.33 -0.28
CA GLY A 120 10.31 13.42 -0.15
C GLY A 120 10.78 12.23 0.69
N THR A 121 10.58 11.06 0.06
CA THR A 121 10.89 9.77 0.61
C THR A 121 12.38 9.53 0.38
N SER A 122 12.63 8.21 0.28
CA SER A 122 13.94 7.65 0.08
C SER A 122 13.71 6.13 0.12
N PRO A 123 14.74 5.35 -0.33
CA PRO A 123 14.65 3.89 -0.29
C PRO A 123 14.92 3.45 1.17
N GLU A 124 15.26 4.46 2.02
CA GLU A 124 15.52 4.24 3.43
C GLU A 124 14.16 4.06 4.11
N THR A 125 13.12 4.63 3.44
CA THR A 125 11.76 4.58 3.93
C THR A 125 11.20 3.18 3.63
N THR A 126 11.88 2.45 2.70
CA THR A 126 11.42 1.14 2.34
C THR A 126 11.98 0.10 3.28
N ILE A 127 13.08 0.45 3.95
CA ILE A 127 13.60 -0.49 4.92
C ILE A 127 12.51 -0.48 6.03
N ALA A 128 11.82 0.70 6.09
CA ALA A 128 10.76 0.94 7.01
C ALA A 128 9.42 0.56 6.35
N ASP A 129 9.41 0.10 5.08
CA ASP A 129 8.13 -0.28 4.48
C ASP A 129 7.66 -1.56 5.20
N MET A 130 8.43 -2.62 4.92
CA MET A 130 8.14 -3.94 5.44
C MET A 130 8.47 -4.04 6.94
N LYS A 131 9.23 -3.06 7.49
CA LYS A 131 9.58 -3.16 8.90
C LYS A 131 8.49 -2.47 9.73
N GLU A 132 8.05 -1.27 9.29
CA GLU A 132 7.04 -0.51 10.03
C GLU A 132 5.76 -1.34 10.16
N VAL A 133 5.53 -2.15 9.11
CA VAL A 133 4.37 -3.03 9.05
C VAL A 133 4.69 -4.41 9.68
N LEU A 134 5.43 -5.22 8.88
CA LEU A 134 5.84 -6.57 9.29
C LEU A 134 7.20 -6.48 10.00
N GLY A 135 7.20 -5.77 11.14
CA GLY A 135 8.42 -5.65 11.93
C GLY A 135 8.15 -5.05 13.30
N VAL A 136 7.21 -4.08 13.28
CA VAL A 136 6.78 -3.37 14.47
C VAL A 136 5.31 -2.99 14.26
N GLU A 137 4.66 -2.68 15.40
CA GLU A 137 3.27 -2.27 15.46
C GLU A 137 2.43 -3.48 15.00
N MET A 1 0.14 -10.93 9.30
CA MET A 1 0.80 -9.71 9.71
C MET A 1 2.26 -9.82 9.27
N GLU A 2 2.77 -11.08 9.34
CA GLU A 2 4.14 -11.36 8.97
C GLU A 2 4.13 -12.40 7.83
N LYS A 3 2.94 -12.56 7.20
CA LYS A 3 2.75 -13.49 6.11
C LYS A 3 3.51 -12.93 4.90
N LYS A 4 4.03 -13.92 4.15
CA LYS A 4 4.84 -13.75 2.97
C LYS A 4 3.93 -13.45 1.79
N THR A 5 3.78 -12.12 1.52
CA THR A 5 2.94 -11.67 0.43
C THR A 5 2.89 -10.14 0.60
N ILE A 6 3.51 -9.45 -0.39
CA ILE A 6 3.54 -8.02 -0.41
C ILE A 6 3.39 -7.71 -1.88
N VAL A 7 2.46 -6.76 -2.08
CA VAL A 7 2.07 -6.33 -3.37
C VAL A 7 2.23 -4.83 -3.52
N LEU A 8 2.69 -4.47 -4.73
CA LEU A 8 2.87 -3.06 -5.06
C LEU A 8 2.08 -2.84 -6.34
N GLY A 9 1.91 -1.51 -6.62
CA GLY A 9 1.22 -1.13 -7.83
C GLY A 9 1.08 0.40 -7.97
N VAL A 10 0.29 0.69 -9.04
CA VAL A 10 -0.15 2.00 -9.50
C VAL A 10 0.97 2.86 -10.13
N ILE A 11 1.12 4.10 -9.59
CA ILE A 11 2.06 5.16 -9.96
C ILE A 11 1.86 5.51 -11.45
N GLY A 12 1.38 6.76 -11.69
CA GLY A 12 1.12 7.22 -13.04
C GLY A 12 1.04 8.73 -13.03
N SER A 13 2.27 9.28 -12.97
CA SER A 13 2.48 10.70 -12.88
C SER A 13 3.50 11.06 -13.98
N ASP A 14 4.46 10.13 -14.19
CA ASP A 14 5.49 10.32 -15.19
C ASP A 14 5.97 8.90 -15.50
N CYS A 15 7.23 8.79 -16.00
CA CYS A 15 7.81 7.49 -16.30
C CYS A 15 8.19 6.94 -14.91
N HIS A 16 7.27 6.06 -14.45
CA HIS A 16 7.31 5.41 -13.15
C HIS A 16 6.78 6.48 -12.18
N ALA A 17 7.75 7.28 -11.68
CA ALA A 17 7.56 8.39 -10.74
C ALA A 17 7.78 7.81 -9.33
N VAL A 18 8.71 6.82 -9.28
CA VAL A 18 9.13 6.12 -8.06
C VAL A 18 7.88 5.41 -7.42
N GLY A 19 7.96 4.07 -7.44
CA GLY A 19 6.90 3.25 -6.87
C GLY A 19 7.37 1.80 -6.83
N ASN A 20 7.30 1.20 -8.03
CA ASN A 20 7.71 -0.18 -8.26
C ASN A 20 9.27 -0.24 -8.27
N LYS A 21 9.86 0.97 -8.07
CA LYS A 21 11.22 1.42 -8.04
C LYS A 21 11.71 1.11 -6.63
N ILE A 22 11.88 -0.20 -6.56
CA ILE A 22 12.39 -1.01 -5.49
C ILE A 22 11.31 -1.54 -4.59
N LEU A 23 9.99 -1.39 -4.93
CA LEU A 23 9.05 -2.03 -4.01
C LEU A 23 9.13 -3.54 -4.27
N ASP A 24 9.43 -3.92 -5.54
CA ASP A 24 9.60 -5.36 -5.80
C ASP A 24 10.98 -5.77 -5.26
N HIS A 25 11.83 -4.77 -4.94
CA HIS A 25 13.15 -5.14 -4.46
C HIS A 25 13.01 -5.58 -3.00
N SER A 26 12.04 -4.93 -2.35
CA SER A 26 11.74 -5.12 -0.95
C SER A 26 11.03 -6.46 -0.72
N PHE A 27 10.44 -7.05 -1.80
CA PHE A 27 9.77 -8.33 -1.60
C PHE A 27 10.84 -9.38 -1.30
N THR A 28 11.93 -9.16 -2.06
CA THR A 28 13.10 -10.00 -2.08
C THR A 28 13.94 -9.86 -0.82
N ASN A 29 13.85 -8.64 -0.30
CA ASN A 29 14.58 -8.20 0.86
C ASN A 29 13.79 -8.52 2.12
N ALA A 30 12.59 -9.13 1.96
CA ALA A 30 11.78 -9.46 3.09
C ALA A 30 11.66 -10.97 3.15
N GLY A 31 12.15 -11.64 2.07
CA GLY A 31 12.03 -13.08 1.96
C GLY A 31 10.55 -13.47 1.86
N PHE A 32 9.78 -12.46 1.37
CA PHE A 32 8.33 -12.61 1.23
C PHE A 32 8.09 -12.91 -0.24
N ASN A 33 6.80 -13.26 -0.46
CA ASN A 33 6.31 -13.60 -1.78
C ASN A 33 6.03 -12.26 -2.45
N VAL A 34 6.16 -12.33 -3.79
CA VAL A 34 5.96 -11.21 -4.68
C VAL A 34 4.56 -11.33 -5.28
N VAL A 35 3.91 -10.16 -5.28
CA VAL A 35 2.56 -10.00 -5.80
C VAL A 35 2.58 -8.69 -6.62
N ASN A 36 2.84 -8.88 -7.92
CA ASN A 36 2.89 -7.68 -8.77
C ASN A 36 1.51 -7.54 -9.45
N ILE A 37 0.92 -6.33 -9.27
CA ILE A 37 -0.39 -6.03 -9.87
C ILE A 37 -0.14 -5.24 -11.17
N GLY A 38 1.04 -4.57 -11.21
CA GLY A 38 1.41 -3.74 -12.35
C GLY A 38 1.10 -2.28 -12.01
N VAL A 39 0.83 -1.50 -13.08
CA VAL A 39 0.52 -0.10 -12.92
C VAL A 39 -0.98 0.12 -12.62
N LEU A 40 -1.65 -1.00 -12.26
CA LEU A 40 -3.07 -0.98 -11.95
C LEU A 40 -3.18 -1.74 -10.63
N SER A 41 -3.34 -0.96 -9.53
CA SER A 41 -3.50 -1.58 -8.23
C SER A 41 -5.01 -1.88 -8.15
N SER A 42 -5.27 -3.04 -8.78
CA SER A 42 -6.57 -3.65 -8.99
C SER A 42 -7.14 -3.94 -7.59
N GLN A 43 -8.36 -3.37 -7.42
CA GLN A 43 -9.09 -3.47 -6.17
C GLN A 43 -9.84 -4.80 -6.17
N GLU A 44 -11.12 -4.74 -6.62
CA GLU A 44 -12.04 -5.86 -6.64
C GLU A 44 -11.52 -7.01 -7.52
N ASP A 45 -10.55 -6.69 -8.41
CA ASP A 45 -10.03 -7.74 -9.28
C ASP A 45 -8.91 -8.44 -8.53
N PHE A 46 -8.03 -7.64 -7.86
CA PHE A 46 -6.95 -8.31 -7.15
C PHE A 46 -7.45 -8.70 -5.74
N ILE A 47 -8.76 -8.47 -5.46
CA ILE A 47 -9.32 -8.89 -4.19
C ILE A 47 -9.71 -10.36 -4.43
N ASN A 48 -9.99 -10.66 -5.73
CA ASN A 48 -10.32 -12.03 -6.10
C ASN A 48 -8.97 -12.78 -6.17
N ALA A 49 -7.89 -12.03 -6.51
CA ALA A 49 -6.57 -12.63 -6.57
C ALA A 49 -5.89 -12.42 -5.21
N ALA A 50 -6.68 -11.95 -4.21
CA ALA A 50 -6.15 -11.78 -2.86
C ALA A 50 -6.42 -13.12 -2.17
N ILE A 51 -7.48 -13.81 -2.66
CA ILE A 51 -7.81 -15.12 -2.13
C ILE A 51 -6.67 -16.03 -2.59
N GLU A 52 -6.23 -15.73 -3.84
CA GLU A 52 -5.17 -16.44 -4.52
C GLU A 52 -3.84 -16.32 -3.74
N THR A 53 -3.23 -15.10 -3.74
CA THR A 53 -1.93 -14.93 -3.11
C THR A 53 -2.07 -14.89 -1.60
N LYS A 54 -2.84 -13.87 -1.17
CA LYS A 54 -3.16 -13.58 0.24
C LYS A 54 -2.22 -12.46 0.67
N ALA A 55 -2.51 -11.28 0.07
CA ALA A 55 -1.79 -10.04 0.29
C ALA A 55 -1.80 -9.74 1.80
N ASP A 56 -0.57 -9.75 2.36
CA ASP A 56 -0.40 -9.44 3.77
C ASP A 56 -0.52 -7.92 3.86
N LEU A 57 0.24 -7.26 2.97
CA LEU A 57 0.21 -5.80 2.95
C LEU A 57 0.38 -5.39 1.48
N ILE A 58 -0.23 -4.22 1.17
CA ILE A 58 -0.19 -3.65 -0.18
C ILE A 58 0.60 -2.35 -0.07
N CYS A 59 0.90 -1.81 -1.28
CA CYS A 59 1.64 -0.57 -1.40
C CYS A 59 1.20 0.04 -2.73
N VAL A 60 0.43 1.13 -2.58
CA VAL A 60 -0.04 1.89 -3.73
C VAL A 60 0.93 3.07 -3.80
N SER A 61 1.64 3.16 -4.95
CA SER A 61 2.63 4.21 -5.04
C SER A 61 2.03 5.34 -5.88
N SER A 62 1.81 6.47 -5.17
CA SER A 62 1.29 7.72 -5.72
C SER A 62 0.54 8.38 -4.57
N LEU A 63 0.34 9.70 -4.80
CA LEU A 63 -0.33 10.59 -3.89
C LEU A 63 -1.82 10.56 -4.26
N TYR A 64 -2.43 9.42 -3.86
CA TYR A 64 -3.85 9.15 -4.05
C TYR A 64 -4.07 8.86 -5.54
N GLY A 65 -3.22 7.95 -6.08
CA GLY A 65 -3.34 7.56 -7.49
C GLY A 65 -4.21 6.30 -7.66
N GLN A 66 -4.74 5.85 -6.51
CA GLN A 66 -5.57 4.65 -6.43
C GLN A 66 -7.03 5.03 -6.67
N GLY A 67 -7.32 6.33 -6.49
CA GLY A 67 -8.69 6.78 -6.65
C GLY A 67 -9.49 6.38 -5.41
N GLU A 68 -10.76 6.86 -5.39
CA GLU A 68 -11.64 6.59 -4.25
C GLU A 68 -12.21 5.16 -4.35
N ILE A 69 -11.72 4.37 -5.33
CA ILE A 69 -12.19 3.01 -5.53
C ILE A 69 -11.30 2.10 -4.68
N ASP A 70 -10.03 2.04 -5.11
CA ASP A 70 -9.03 1.19 -4.48
C ASP A 70 -8.65 1.77 -3.11
N CYS A 71 -8.92 3.08 -2.90
CA CYS A 71 -8.57 3.70 -1.62
C CYS A 71 -9.58 3.20 -0.59
N LYS A 72 -10.87 3.43 -0.91
CA LYS A 72 -11.95 3.05 -0.02
C LYS A 72 -12.40 1.62 -0.31
N GLY A 73 -11.48 0.89 -0.96
CA GLY A 73 -11.65 -0.49 -1.36
C GLY A 73 -10.87 -1.41 -0.41
N LEU A 74 -9.80 -0.79 0.15
CA LEU A 74 -8.93 -1.47 1.10
C LEU A 74 -9.60 -1.29 2.47
N ARG A 75 -10.35 -0.18 2.58
CA ARG A 75 -11.09 0.12 3.80
C ARG A 75 -12.25 -0.89 3.83
N GLU A 76 -12.71 -1.23 2.59
CA GLU A 76 -13.80 -2.17 2.39
C GLU A 76 -13.23 -3.60 2.55
N LYS A 77 -11.89 -3.77 2.35
CA LYS A 77 -11.22 -5.05 2.47
C LYS A 77 -11.03 -5.38 3.97
N CYS A 78 -11.18 -4.35 4.82
CA CYS A 78 -11.02 -4.46 6.26
C CYS A 78 -12.37 -4.80 6.83
N ASP A 79 -13.28 -4.04 6.24
CA ASP A 79 -14.70 -4.10 6.49
C ASP A 79 -15.27 -5.36 5.80
N GLU A 80 -14.35 -6.07 5.13
CA GLU A 80 -14.63 -7.32 4.45
C GLU A 80 -14.62 -8.35 5.57
N ALA A 81 -13.46 -8.30 6.27
CA ALA A 81 -13.15 -9.17 7.40
C ALA A 81 -13.20 -10.62 6.89
N GLY A 82 -12.65 -10.77 5.67
CA GLY A 82 -12.57 -12.05 4.98
C GLY A 82 -11.23 -12.12 4.27
N LEU A 83 -10.99 -11.03 3.50
CA LEU A 83 -9.74 -10.88 2.77
C LEU A 83 -8.84 -10.11 3.73
N LYS A 84 -7.71 -10.78 4.05
CA LYS A 84 -6.75 -10.22 4.96
C LYS A 84 -5.96 -9.17 4.17
N GLY A 85 -5.96 -7.96 4.77
CA GLY A 85 -5.27 -6.84 4.16
C GLY A 85 -5.63 -5.57 4.93
N ILE A 86 -5.35 -5.67 6.25
CA ILE A 86 -5.59 -4.58 7.19
C ILE A 86 -4.24 -3.89 7.42
N LYS A 87 -3.43 -3.91 6.34
CA LYS A 87 -2.12 -3.31 6.30
C LYS A 87 -2.04 -2.79 4.87
N LEU A 88 -2.02 -1.45 4.80
CA LEU A 88 -1.95 -0.78 3.52
C LEU A 88 -1.00 0.38 3.78
N PHE A 89 0.26 0.14 3.40
CA PHE A 89 1.30 1.13 3.59
C PHE A 89 1.39 1.75 2.19
N VAL A 90 0.47 2.72 2.06
CA VAL A 90 0.28 3.41 0.81
C VAL A 90 1.19 4.64 0.74
N GLY A 91 2.28 4.35 0.02
CA GLY A 91 3.30 5.35 -0.23
C GLY A 91 2.80 6.53 -1.06
N GLY A 92 3.16 7.73 -0.52
CA GLY A 92 2.80 9.01 -1.11
C GLY A 92 1.53 9.53 -0.45
N ASN A 93 0.44 8.86 -0.87
CA ASN A 93 -0.97 8.98 -0.54
C ASN A 93 -1.28 10.35 0.09
N ILE A 94 -1.88 11.19 -0.78
CA ILE A 94 -2.33 12.55 -0.52
C ILE A 94 -1.12 13.39 -0.06
N VAL A 95 -0.88 14.43 -0.88
CA VAL A 95 0.21 15.38 -0.66
C VAL A 95 -0.17 16.30 0.51
N VAL A 96 0.91 16.93 1.03
CA VAL A 96 0.90 17.89 2.14
C VAL A 96 -0.03 17.45 3.28
N GLY A 97 0.44 16.36 3.93
CA GLY A 97 -0.30 15.79 5.05
C GLY A 97 0.33 14.45 5.44
N LYS A 98 0.60 14.35 6.76
CA LYS A 98 1.19 13.15 7.35
C LYS A 98 0.80 13.27 8.82
N GLN A 99 -0.28 12.50 9.14
CA GLN A 99 -0.90 12.42 10.47
C GLN A 99 -2.08 13.40 10.40
N ASN A 100 -1.72 14.63 9.96
CA ASN A 100 -2.68 15.71 9.80
C ASN A 100 -3.25 15.49 8.38
N TRP A 101 -4.45 14.87 8.40
CA TRP A 101 -5.14 14.55 7.17
C TRP A 101 -6.41 15.41 7.16
N PRO A 102 -7.00 15.60 5.94
CA PRO A 102 -8.24 16.37 5.81
C PRO A 102 -9.37 15.49 6.40
N ASP A 103 -10.59 15.78 5.91
CA ASP A 103 -11.80 15.08 6.35
C ASP A 103 -11.76 13.65 5.80
N VAL A 104 -10.95 13.47 4.74
CA VAL A 104 -10.81 12.16 4.09
C VAL A 104 -10.28 11.11 5.07
N GLU A 105 -9.00 11.22 5.46
CA GLU A 105 -8.48 10.22 6.39
C GLU A 105 -8.72 10.67 7.82
N GLN A 106 -9.77 11.51 8.04
CA GLN A 106 -10.14 11.90 9.40
C GLN A 106 -10.94 10.69 9.92
N ARG A 107 -11.79 10.20 9.00
CA ARG A 107 -12.63 9.04 9.25
C ARG A 107 -11.74 7.80 9.07
N PHE A 108 -10.74 7.91 8.15
CA PHE A 108 -9.85 6.77 7.94
C PHE A 108 -8.65 6.93 8.89
N LYS A 109 -8.77 7.84 9.89
CA LYS A 109 -7.73 8.01 10.90
C LYS A 109 -8.12 7.04 12.02
N ALA A 110 -9.47 6.97 12.20
CA ALA A 110 -10.10 6.10 13.19
C ALA A 110 -9.76 4.66 12.79
N MET A 111 -9.67 4.47 11.45
CA MET A 111 -9.31 3.18 10.90
C MET A 111 -7.79 3.13 11.12
N GLY A 112 -7.14 4.10 10.42
CA GLY A 112 -5.70 4.37 10.43
C GLY A 112 -4.74 3.16 10.54
N PHE A 113 -5.21 2.03 9.98
CA PHE A 113 -4.40 0.81 9.98
C PHE A 113 -3.47 0.89 8.74
N ASP A 114 -3.74 1.94 7.93
CA ASP A 114 -3.02 2.25 6.72
C ASP A 114 -2.15 3.46 7.07
N ARG A 115 -0.84 3.31 6.74
CA ARG A 115 0.12 4.37 6.96
C ARG A 115 0.48 4.85 5.55
N VAL A 116 1.33 5.90 5.50
CA VAL A 116 1.73 6.46 4.21
C VAL A 116 3.24 6.76 4.24
N TYR A 117 3.78 6.83 3.00
CA TYR A 117 5.21 7.12 2.84
C TYR A 117 5.26 8.62 2.49
N PRO A 118 6.39 9.31 2.84
CA PRO A 118 6.55 10.73 2.56
C PRO A 118 6.59 10.88 1.02
N PRO A 119 6.08 12.03 0.51
CA PRO A 119 6.10 12.29 -0.93
C PRO A 119 7.53 12.80 -1.19
N GLY A 120 8.25 11.97 -1.97
CA GLY A 120 9.65 12.27 -2.31
C GLY A 120 10.58 11.73 -1.24
N THR A 121 10.24 10.49 -0.83
CA THR A 121 10.99 9.79 0.19
C THR A 121 12.08 8.99 -0.54
N SER A 122 12.76 8.33 0.39
CA SER A 122 13.86 7.43 0.25
C SER A 122 13.24 6.07 -0.11
N PRO A 123 14.13 5.11 -0.48
CA PRO A 123 13.72 3.73 -0.71
C PRO A 123 13.90 3.02 0.65
N GLU A 124 14.37 3.81 1.65
CA GLU A 124 14.64 3.36 2.99
C GLU A 124 13.30 3.20 3.71
N THR A 125 12.24 3.79 3.12
CA THR A 125 10.93 3.73 3.70
C THR A 125 10.36 2.33 3.41
N THR A 126 10.84 1.72 2.29
CA THR A 126 10.32 0.41 1.96
C THR A 126 11.02 -0.65 2.80
N ILE A 127 12.23 -0.33 3.30
CA ILE A 127 12.88 -1.28 4.18
C ILE A 127 12.01 -1.27 5.45
N ALA A 128 11.42 -0.06 5.66
CA ALA A 128 10.55 0.17 6.77
C ALA A 128 9.14 -0.33 6.41
N ASP A 129 8.94 -0.78 5.14
CA ASP A 129 7.63 -1.27 4.71
C ASP A 129 7.27 -2.46 5.60
N MET A 130 8.18 -3.45 5.53
CA MET A 130 8.02 -4.71 6.25
C MET A 130 8.63 -4.59 7.66
N LYS A 131 9.16 -3.40 8.04
CA LYS A 131 9.75 -3.34 9.38
C LYS A 131 8.63 -3.13 10.42
N GLU A 132 7.75 -2.15 10.14
CA GLU A 132 6.70 -1.78 11.10
C GLU A 132 5.45 -2.63 10.93
N VAL A 133 5.19 -3.03 9.68
CA VAL A 133 3.99 -3.83 9.39
C VAL A 133 4.12 -5.28 9.89
N LEU A 134 5.38 -5.75 10.00
CA LEU A 134 5.61 -7.10 10.48
C LEU A 134 5.74 -6.99 12.01
N GLY A 135 6.38 -5.87 12.43
CA GLY A 135 6.60 -5.60 13.84
C GLY A 135 5.29 -5.25 14.54
N VAL A 136 5.07 -3.92 14.63
CA VAL A 136 3.86 -3.42 15.27
C VAL A 136 3.75 -1.92 15.00
N GLU A 137 2.47 -1.49 15.04
CA GLU A 137 2.06 -0.11 14.83
C GLU A 137 0.77 0.03 15.65
N MET A 1 0.41 -10.48 9.18
CA MET A 1 1.08 -9.28 9.64
C MET A 1 2.54 -9.41 9.18
N GLU A 2 3.08 -10.62 9.41
CA GLU A 2 4.45 -10.95 9.05
C GLU A 2 4.40 -11.99 7.92
N LYS A 3 3.19 -12.15 7.33
CA LYS A 3 2.95 -13.08 6.26
C LYS A 3 3.64 -12.54 5.00
N LYS A 4 4.11 -13.56 4.24
CA LYS A 4 4.86 -13.41 3.01
C LYS A 4 3.88 -13.14 1.88
N THR A 5 3.74 -11.82 1.59
CA THR A 5 2.85 -11.35 0.54
C THR A 5 2.87 -9.82 0.71
N ILE A 6 3.47 -9.14 -0.29
CA ILE A 6 3.58 -7.71 -0.30
C ILE A 6 3.36 -7.38 -1.77
N VAL A 7 2.31 -6.56 -1.91
CA VAL A 7 1.83 -6.12 -3.18
C VAL A 7 2.17 -4.65 -3.40
N LEU A 8 2.41 -4.38 -4.70
CA LEU A 8 2.72 -3.04 -5.18
C LEU A 8 1.68 -2.77 -6.26
N GLY A 9 1.34 -1.47 -6.38
CA GLY A 9 0.37 -1.06 -7.38
C GLY A 9 0.34 0.47 -7.56
N VAL A 10 -0.13 0.80 -8.79
CA VAL A 10 -0.37 2.11 -9.39
C VAL A 10 0.83 2.82 -10.04
N ILE A 11 1.03 4.09 -9.61
CA ILE A 11 2.04 5.07 -10.07
C ILE A 11 1.56 5.54 -11.48
N GLY A 12 1.21 6.86 -11.56
CA GLY A 12 0.73 7.43 -12.81
C GLY A 12 0.77 8.94 -12.70
N SER A 13 2.04 9.37 -12.77
CA SER A 13 2.43 10.76 -12.65
C SER A 13 3.21 11.04 -13.93
N ASP A 14 4.09 10.05 -14.25
CA ASP A 14 4.88 10.16 -15.46
C ASP A 14 5.29 8.70 -15.73
N CYS A 15 6.62 8.49 -15.97
CA CYS A 15 7.14 7.15 -16.18
C CYS A 15 7.49 6.70 -14.76
N HIS A 16 6.38 6.33 -14.07
CA HIS A 16 6.37 5.92 -12.68
C HIS A 16 6.54 7.24 -11.92
N ALA A 17 7.31 7.18 -10.82
CA ALA A 17 7.60 8.32 -9.95
C ALA A 17 8.16 7.72 -8.66
N VAL A 18 9.10 6.76 -8.87
CA VAL A 18 9.77 6.04 -7.78
C VAL A 18 8.74 5.26 -6.93
N GLY A 19 9.31 4.56 -5.92
CA GLY A 19 8.50 3.76 -5.00
C GLY A 19 8.43 2.31 -5.43
N ASN A 20 7.66 2.13 -6.54
CA ASN A 20 7.38 0.85 -7.17
C ASN A 20 8.66 0.12 -7.56
N LYS A 21 9.73 0.93 -7.77
CA LYS A 21 11.03 0.43 -8.15
C LYS A 21 11.53 -0.50 -7.04
N ILE A 22 11.77 0.18 -5.91
CA ILE A 22 12.32 -0.51 -4.75
C ILE A 22 11.23 -1.23 -3.98
N LEU A 23 9.96 -1.22 -4.45
CA LEU A 23 8.97 -1.93 -3.65
C LEU A 23 8.99 -3.39 -4.07
N ASP A 24 9.16 -3.61 -5.39
CA ASP A 24 9.26 -4.98 -5.83
C ASP A 24 10.70 -5.45 -5.52
N HIS A 25 11.56 -4.48 -5.16
CA HIS A 25 12.93 -4.88 -4.84
C HIS A 25 12.90 -5.39 -3.40
N SER A 26 12.08 -4.67 -2.61
CA SER A 26 11.91 -4.92 -1.19
C SER A 26 11.12 -6.23 -0.99
N PHE A 27 10.47 -6.75 -2.06
CA PHE A 27 9.73 -8.01 -1.89
C PHE A 27 10.76 -9.12 -1.71
N THR A 28 11.78 -8.95 -2.57
CA THR A 28 12.89 -9.86 -2.72
C THR A 28 13.85 -9.81 -1.54
N ASN A 29 13.90 -8.61 -0.98
CA ASN A 29 14.75 -8.27 0.11
C ASN A 29 14.06 -8.58 1.44
N ALA A 30 12.80 -9.06 1.37
CA ALA A 30 12.07 -9.37 2.55
C ALA A 30 11.92 -10.89 2.61
N GLY A 31 12.30 -11.55 1.48
CA GLY A 31 12.15 -12.98 1.36
C GLY A 31 10.65 -13.34 1.38
N PHE A 32 9.85 -12.31 1.00
CA PHE A 32 8.41 -12.44 1.00
C PHE A 32 8.01 -12.70 -0.45
N ASN A 33 6.71 -13.09 -0.55
CA ASN A 33 6.09 -13.41 -1.81
C ASN A 33 5.76 -12.06 -2.46
N VAL A 34 5.83 -12.12 -3.81
CA VAL A 34 5.56 -10.98 -4.67
C VAL A 34 4.13 -11.11 -5.19
N VAL A 35 3.45 -9.95 -5.05
CA VAL A 35 2.08 -9.78 -5.49
C VAL A 35 2.07 -8.51 -6.35
N ASN A 36 2.63 -8.73 -7.57
CA ASN A 36 2.72 -7.57 -8.46
C ASN A 36 1.40 -7.48 -9.24
N ILE A 37 0.76 -6.29 -9.10
CA ILE A 37 -0.50 -5.99 -9.79
C ILE A 37 -0.12 -5.16 -11.04
N GLY A 38 1.02 -4.44 -10.90
CA GLY A 38 1.53 -3.58 -11.96
C GLY A 38 0.98 -2.16 -11.74
N VAL A 39 0.64 -1.52 -12.88
CA VAL A 39 0.10 -0.17 -12.82
C VAL A 39 -1.44 -0.22 -12.64
N LEU A 40 -1.98 -1.44 -12.86
CA LEU A 40 -3.41 -1.69 -12.73
C LEU A 40 -3.61 -2.12 -11.29
N SER A 41 -4.03 -1.11 -10.48
CA SER A 41 -4.32 -1.32 -9.08
C SER A 41 -5.75 -1.89 -9.07
N SER A 42 -5.75 -3.21 -9.34
CA SER A 42 -6.93 -4.03 -9.44
C SER A 42 -7.40 -4.24 -7.99
N GLN A 43 -8.64 -3.73 -7.78
CA GLN A 43 -9.27 -3.77 -6.48
C GLN A 43 -10.05 -5.08 -6.38
N GLU A 44 -11.32 -5.02 -6.86
CA GLU A 44 -12.23 -6.15 -6.80
C GLU A 44 -11.70 -7.33 -7.65
N ASP A 45 -10.76 -7.02 -8.57
CA ASP A 45 -10.22 -8.07 -9.41
C ASP A 45 -9.08 -8.72 -8.64
N PHE A 46 -8.25 -7.89 -7.96
CA PHE A 46 -7.16 -8.52 -7.23
C PHE A 46 -7.66 -8.92 -5.83
N ILE A 47 -8.98 -8.74 -5.58
CA ILE A 47 -9.54 -9.17 -4.31
C ILE A 47 -9.87 -10.66 -4.54
N ASN A 48 -10.11 -10.98 -5.84
CA ASN A 48 -10.38 -12.37 -6.21
C ASN A 48 -8.99 -13.06 -6.25
N ALA A 49 -7.96 -12.27 -6.61
CA ALA A 49 -6.61 -12.82 -6.67
C ALA A 49 -5.95 -12.55 -5.30
N ALA A 50 -6.76 -12.11 -4.30
CA ALA A 50 -6.24 -11.90 -2.96
C ALA A 50 -6.44 -13.24 -2.26
N ILE A 51 -7.47 -13.98 -2.72
CA ILE A 51 -7.75 -15.29 -2.18
C ILE A 51 -6.55 -16.16 -2.62
N GLU A 52 -6.12 -15.85 -3.86
CA GLU A 52 -5.01 -16.51 -4.53
C GLU A 52 -3.71 -16.32 -3.72
N THR A 53 -3.16 -15.07 -3.72
CA THR A 53 -1.88 -14.81 -3.06
C THR A 53 -2.08 -14.79 -1.55
N LYS A 54 -2.87 -13.78 -1.14
CA LYS A 54 -3.23 -13.48 0.25
C LYS A 54 -2.34 -12.31 0.68
N ALA A 55 -2.70 -11.15 0.07
CA ALA A 55 -2.06 -9.86 0.28
C ALA A 55 -2.11 -9.56 1.79
N ASP A 56 -0.90 -9.37 2.35
CA ASP A 56 -0.77 -9.08 3.76
C ASP A 56 -0.70 -7.55 3.88
N LEU A 57 0.33 -6.99 3.21
CA LEU A 57 0.54 -5.56 3.25
C LEU A 57 0.64 -5.08 1.80
N ILE A 58 -0.24 -4.10 1.49
CA ILE A 58 -0.30 -3.55 0.14
C ILE A 58 0.57 -2.28 0.17
N CYS A 59 0.81 -1.82 -1.08
CA CYS A 59 1.58 -0.62 -1.29
C CYS A 59 1.03 0.02 -2.56
N VAL A 60 0.58 1.26 -2.32
CA VAL A 60 0.05 2.15 -3.35
C VAL A 60 1.24 3.06 -3.62
N SER A 61 1.53 3.26 -4.93
CA SER A 61 2.68 4.07 -5.24
C SER A 61 2.14 5.23 -6.03
N SER A 62 1.91 6.34 -5.29
CA SER A 62 1.43 7.62 -5.83
C SER A 62 0.57 8.24 -4.73
N LEU A 63 0.41 9.56 -4.94
CA LEU A 63 -0.35 10.43 -4.08
C LEU A 63 -1.80 10.37 -4.56
N TYR A 64 -2.45 9.24 -4.16
CA TYR A 64 -3.84 8.95 -4.47
C TYR A 64 -3.95 8.80 -6.00
N GLY A 65 -3.06 7.94 -6.54
CA GLY A 65 -3.05 7.69 -7.99
C GLY A 65 -4.13 6.70 -8.43
N GLN A 66 -4.50 5.84 -7.46
CA GLN A 66 -5.48 4.80 -7.67
C GLN A 66 -6.88 5.32 -7.29
N GLY A 67 -6.95 6.62 -6.93
CA GLY A 67 -8.23 7.22 -6.56
C GLY A 67 -8.77 6.61 -5.26
N GLU A 68 -10.06 6.94 -5.04
CA GLU A 68 -10.81 6.51 -3.87
C GLU A 68 -11.50 5.17 -4.22
N ILE A 69 -10.95 4.48 -5.25
CA ILE A 69 -11.50 3.22 -5.71
C ILE A 69 -10.81 2.12 -4.91
N ASP A 70 -9.55 1.90 -5.33
CA ASP A 70 -8.70 0.87 -4.75
C ASP A 70 -8.28 1.30 -3.33
N CYS A 71 -8.30 2.63 -3.08
CA CYS A 71 -7.91 3.15 -1.78
C CYS A 71 -9.03 2.86 -0.78
N LYS A 72 -10.28 3.21 -1.16
CA LYS A 72 -11.40 2.96 -0.24
C LYS A 72 -11.98 1.56 -0.50
N GLY A 73 -11.18 0.77 -1.22
CA GLY A 73 -11.50 -0.59 -1.57
C GLY A 73 -10.82 -1.57 -0.61
N LEU A 74 -9.73 -1.06 0.00
CA LEU A 74 -8.94 -1.81 0.95
C LEU A 74 -9.54 -1.52 2.33
N ARG A 75 -10.20 -0.35 2.44
CA ARG A 75 -10.88 0.02 3.67
C ARG A 75 -12.13 -0.89 3.72
N GLU A 76 -12.62 -1.24 2.51
CA GLU A 76 -13.77 -2.10 2.32
C GLU A 76 -13.31 -3.56 2.52
N LYS A 77 -11.99 -3.81 2.30
CA LYS A 77 -11.39 -5.13 2.43
C LYS A 77 -11.18 -5.44 3.93
N CYS A 78 -11.33 -4.39 4.76
CA CYS A 78 -11.18 -4.48 6.21
C CYS A 78 -12.54 -4.80 6.77
N ASP A 79 -13.45 -4.05 6.14
CA ASP A 79 -14.86 -4.10 6.37
C ASP A 79 -15.43 -5.36 5.71
N GLU A 80 -14.51 -6.09 5.05
CA GLU A 80 -14.79 -7.35 4.39
C GLU A 80 -14.78 -8.36 5.51
N ALA A 81 -13.62 -8.31 6.21
CA ALA A 81 -13.31 -9.17 7.36
C ALA A 81 -13.39 -10.63 6.88
N GLY A 82 -12.86 -10.82 5.65
CA GLY A 82 -12.81 -12.10 4.99
C GLY A 82 -11.46 -12.23 4.29
N LEU A 83 -11.20 -11.17 3.49
CA LEU A 83 -9.93 -11.08 2.77
C LEU A 83 -9.04 -10.26 3.69
N LYS A 84 -7.89 -10.88 4.04
CA LYS A 84 -6.94 -10.24 4.94
C LYS A 84 -6.18 -9.21 4.10
N GLY A 85 -6.06 -8.02 4.72
CA GLY A 85 -5.38 -6.90 4.10
C GLY A 85 -5.74 -5.62 4.85
N ILE A 86 -5.48 -5.70 6.18
CA ILE A 86 -5.74 -4.59 7.09
C ILE A 86 -4.56 -3.64 7.00
N LYS A 87 -3.39 -4.26 6.77
CA LYS A 87 -2.15 -3.53 6.67
C LYS A 87 -2.13 -2.99 5.25
N LEU A 88 -2.13 -1.65 5.20
CA LEU A 88 -2.13 -0.96 3.92
C LEU A 88 -1.18 0.22 4.14
N PHE A 89 0.06 0.03 3.65
CA PHE A 89 1.06 1.07 3.80
C PHE A 89 1.02 1.73 2.41
N VAL A 90 0.16 2.76 2.42
CA VAL A 90 -0.18 3.50 1.21
C VAL A 90 0.80 4.66 1.00
N GLY A 91 1.77 4.30 0.13
CA GLY A 91 2.82 5.23 -0.25
C GLY A 91 2.31 6.40 -1.09
N GLY A 92 2.82 7.58 -0.67
CA GLY A 92 2.47 8.84 -1.28
C GLY A 92 1.26 9.43 -0.55
N ASN A 93 0.12 8.85 -0.99
CA ASN A 93 -1.27 9.05 -0.61
C ASN A 93 -1.44 10.42 0.06
N ILE A 94 -1.83 11.40 -0.80
CA ILE A 94 -2.07 12.78 -0.37
C ILE A 94 -0.68 13.43 -0.16
N VAL A 95 -0.59 14.64 -0.77
CA VAL A 95 0.61 15.45 -0.71
C VAL A 95 0.57 16.28 0.58
N VAL A 96 1.79 16.71 0.96
CA VAL A 96 2.10 17.53 2.13
C VAL A 96 1.22 17.20 3.33
N GLY A 97 1.40 15.94 3.77
CA GLY A 97 0.64 15.44 4.91
C GLY A 97 1.28 14.15 5.43
N LYS A 98 1.14 14.01 6.77
CA LYS A 98 1.66 12.86 7.49
C LYS A 98 1.16 13.09 8.91
N GLN A 99 0.17 12.23 9.27
CA GLN A 99 -0.52 12.21 10.56
C GLN A 99 -1.77 13.08 10.37
N ASN A 100 -1.49 14.34 9.95
CA ASN A 100 -2.52 15.31 9.70
C ASN A 100 -2.95 15.09 8.24
N TRP A 101 -4.16 14.51 8.13
CA TRP A 101 -4.74 14.21 6.83
C TRP A 101 -6.00 15.08 6.74
N PRO A 102 -6.53 15.24 5.48
CA PRO A 102 -7.74 16.03 5.26
C PRO A 102 -8.95 15.24 5.83
N ASP A 103 -10.12 15.50 5.21
CA ASP A 103 -11.38 14.87 5.63
C ASP A 103 -11.40 13.43 5.13
N VAL A 104 -10.54 13.17 4.12
CA VAL A 104 -10.43 11.86 3.52
C VAL A 104 -9.96 10.83 4.55
N GLU A 105 -8.69 10.96 5.02
CA GLU A 105 -8.24 9.99 6.00
C GLU A 105 -8.56 10.51 7.41
N GLN A 106 -9.60 11.37 7.54
CA GLN A 106 -10.03 11.83 8.86
C GLN A 106 -10.91 10.66 9.38
N ARG A 107 -11.71 10.15 8.42
CA ARG A 107 -12.59 9.02 8.67
C ARG A 107 -11.70 7.76 8.65
N PHE A 108 -10.63 7.81 7.81
CA PHE A 108 -9.72 6.66 7.75
C PHE A 108 -8.57 6.90 8.74
N LYS A 109 -8.78 7.85 9.70
CA LYS A 109 -7.82 8.11 10.75
C LYS A 109 -8.26 7.17 11.88
N ALA A 110 -9.61 7.11 12.00
CA ALA A 110 -10.30 6.27 12.98
C ALA A 110 -9.96 4.82 12.64
N MET A 111 -9.86 4.56 11.31
CA MET A 111 -9.48 3.24 10.85
C MET A 111 -7.98 3.19 11.17
N GLY A 112 -7.27 4.09 10.44
CA GLY A 112 -5.84 4.32 10.53
C GLY A 112 -4.93 3.09 10.71
N PHE A 113 -5.43 1.94 10.21
CA PHE A 113 -4.65 0.71 10.25
C PHE A 113 -3.69 0.76 9.04
N ASP A 114 -3.90 1.83 8.24
CA ASP A 114 -3.17 2.16 7.04
C ASP A 114 -2.26 3.33 7.45
N ARG A 115 -0.98 3.19 7.04
CA ARG A 115 0.02 4.21 7.28
C ARG A 115 0.29 4.76 5.87
N VAL A 116 1.10 5.83 5.81
CA VAL A 116 1.42 6.44 4.51
C VAL A 116 2.92 6.79 4.51
N TYR A 117 3.44 6.90 3.26
CA TYR A 117 4.86 7.19 3.07
C TYR A 117 4.90 8.71 2.78
N PRO A 118 5.99 9.40 3.22
CA PRO A 118 6.12 10.84 3.03
C PRO A 118 6.22 11.09 1.50
N PRO A 119 5.65 12.23 1.04
CA PRO A 119 5.71 12.58 -0.37
C PRO A 119 7.12 13.19 -0.53
N GLY A 120 7.96 12.44 -1.27
CA GLY A 120 9.34 12.84 -1.51
C GLY A 120 10.26 12.26 -0.43
N THR A 121 9.96 10.98 -0.13
CA THR A 121 10.70 10.23 0.87
C THR A 121 11.84 9.53 0.14
N SER A 122 12.52 8.83 1.04
CA SER A 122 13.66 7.98 0.86
C SER A 122 13.12 6.66 0.28
N PRO A 123 14.05 5.75 -0.09
CA PRO A 123 13.67 4.42 -0.54
C PRO A 123 13.74 3.53 0.73
N GLU A 124 14.21 4.16 1.84
CA GLU A 124 14.38 3.55 3.14
C GLU A 124 13.00 3.35 3.77
N THR A 125 11.99 3.96 3.12
CA THR A 125 10.64 3.88 3.60
C THR A 125 10.12 2.47 3.26
N THR A 126 10.64 1.90 2.14
CA THR A 126 10.17 0.60 1.74
C THR A 126 10.94 -0.48 2.49
N ILE A 127 12.16 -0.14 2.93
CA ILE A 127 12.88 -1.10 3.74
C ILE A 127 12.08 -1.11 5.07
N ALA A 128 11.47 0.08 5.31
CA ALA A 128 10.66 0.30 6.47
C ALA A 128 9.24 -0.21 6.17
N ASP A 129 8.98 -0.68 4.91
CA ASP A 129 7.65 -1.19 4.58
C ASP A 129 7.39 -2.40 5.50
N MET A 130 8.37 -3.31 5.42
CA MET A 130 8.32 -4.57 6.15
C MET A 130 8.91 -4.38 7.56
N LYS A 131 9.43 -3.18 7.90
CA LYS A 131 10.01 -3.05 9.23
C LYS A 131 8.90 -2.82 10.28
N GLU A 132 8.02 -1.84 9.98
CA GLU A 132 7.00 -1.46 10.93
C GLU A 132 5.76 -2.34 10.85
N VAL A 133 5.42 -2.72 9.60
CA VAL A 133 4.22 -3.55 9.41
C VAL A 133 4.38 -4.98 9.96
N LEU A 134 5.64 -5.47 9.93
CA LEU A 134 5.88 -6.81 10.43
C LEU A 134 6.05 -6.69 11.94
N GLY A 135 6.77 -5.60 12.33
CA GLY A 135 7.03 -5.32 13.74
C GLY A 135 5.73 -4.97 14.48
N VAL A 136 5.46 -3.65 14.51
CA VAL A 136 4.25 -3.16 15.16
C VAL A 136 4.00 -1.73 14.71
N GLU A 137 2.68 -1.43 14.73
CA GLU A 137 2.14 -0.13 14.35
C GLU A 137 0.84 -0.03 15.16
N MET A 1 -0.57 -14.74 9.83
CA MET A 1 -1.02 -13.41 10.17
C MET A 1 -0.29 -12.48 9.19
N GLU A 2 1.01 -12.30 9.49
CA GLU A 2 1.89 -11.45 8.70
C GLU A 2 2.57 -12.41 7.72
N LYS A 3 1.77 -12.75 6.68
CA LYS A 3 2.19 -13.66 5.65
C LYS A 3 2.76 -12.85 4.49
N LYS A 4 3.59 -13.65 3.79
CA LYS A 4 4.39 -13.35 2.62
C LYS A 4 3.46 -12.96 1.47
N THR A 5 3.26 -11.62 1.32
CA THR A 5 2.39 -11.13 0.26
C THR A 5 2.32 -9.60 0.44
N ILE A 6 3.02 -8.90 -0.48
CA ILE A 6 3.07 -7.45 -0.51
C ILE A 6 3.15 -7.10 -1.99
N VAL A 7 2.05 -6.50 -2.49
CA VAL A 7 1.98 -6.15 -3.90
C VAL A 7 2.53 -4.74 -4.09
N LEU A 8 3.17 -4.65 -5.28
CA LEU A 8 3.78 -3.41 -5.74
C LEU A 8 3.14 -3.19 -7.13
N GLY A 9 2.31 -2.13 -7.18
CA GLY A 9 1.62 -1.80 -8.42
C GLY A 9 1.14 -0.36 -8.37
N VAL A 10 1.26 0.29 -9.56
CA VAL A 10 0.84 1.68 -9.65
C VAL A 10 1.21 2.40 -10.96
N ILE A 11 2.00 3.51 -10.76
CA ILE A 11 2.51 4.42 -11.79
C ILE A 11 1.92 5.81 -11.45
N GLY A 12 2.44 6.80 -12.20
CA GLY A 12 1.98 8.17 -12.00
C GLY A 12 2.32 9.03 -13.22
N SER A 13 3.37 9.85 -13.00
CA SER A 13 3.88 10.78 -13.98
C SER A 13 5.37 10.84 -13.70
N ASP A 14 6.06 9.89 -14.36
CA ASP A 14 7.50 9.74 -14.30
C ASP A 14 7.75 8.45 -15.09
N CYS A 15 8.78 8.56 -15.97
CA CYS A 15 9.18 7.45 -16.83
C CYS A 15 10.11 6.56 -16.00
N HIS A 16 9.43 5.68 -15.23
CA HIS A 16 9.96 4.69 -14.32
C HIS A 16 8.84 4.57 -13.30
N ALA A 17 8.46 5.81 -12.88
CA ALA A 17 7.39 6.09 -11.94
C ALA A 17 7.82 5.52 -10.59
N VAL A 18 9.17 5.39 -10.37
CA VAL A 18 9.62 4.82 -9.09
C VAL A 18 8.92 3.44 -8.86
N GLY A 19 8.73 3.09 -7.56
CA GLY A 19 8.05 1.84 -7.17
C GLY A 19 9.01 0.65 -7.07
N ASN A 20 9.93 0.62 -8.08
CA ASN A 20 10.97 -0.40 -8.22
C ASN A 20 11.57 -0.58 -6.82
N LYS A 21 11.95 0.64 -6.32
CA LYS A 21 12.52 1.23 -5.11
C LYS A 21 12.43 0.22 -3.98
N ILE A 22 13.03 -0.88 -4.38
CA ILE A 22 13.23 -2.07 -3.67
C ILE A 22 11.91 -2.49 -2.94
N LEU A 23 10.77 -2.28 -3.66
CA LEU A 23 9.50 -2.76 -3.09
C LEU A 23 9.55 -4.30 -3.27
N ASP A 24 10.14 -4.65 -4.45
CA ASP A 24 10.35 -6.05 -4.79
C ASP A 24 11.46 -6.58 -3.85
N HIS A 25 12.12 -5.65 -3.13
CA HIS A 25 13.16 -6.04 -2.20
C HIS A 25 12.48 -6.36 -0.86
N SER A 26 11.15 -6.08 -0.75
CA SER A 26 10.36 -6.43 0.44
C SER A 26 10.48 -7.96 0.56
N PHE A 27 10.39 -8.54 -0.65
CA PHE A 27 10.46 -9.98 -0.84
C PHE A 27 11.81 -10.48 -0.33
N THR A 28 12.84 -9.71 -0.68
CA THR A 28 14.21 -10.07 -0.33
C THR A 28 14.58 -9.66 1.10
N ASN A 29 13.71 -8.88 1.71
CA ASN A 29 13.87 -8.33 3.04
C ASN A 29 13.82 -9.47 4.05
N ALA A 30 12.87 -10.39 3.83
CA ALA A 30 12.77 -11.50 4.76
C ALA A 30 11.89 -12.59 4.14
N GLY A 31 12.07 -12.79 2.83
CA GLY A 31 11.32 -13.83 2.10
C GLY A 31 9.80 -13.67 2.16
N PHE A 32 9.35 -12.39 2.30
CA PHE A 32 7.92 -12.14 2.37
C PHE A 32 7.55 -11.68 0.96
N ASN A 33 7.16 -12.73 0.21
CA ASN A 33 6.75 -12.77 -1.19
C ASN A 33 5.99 -11.50 -1.53
N VAL A 34 6.28 -11.05 -2.77
CA VAL A 34 5.64 -9.84 -3.31
C VAL A 34 4.94 -10.27 -4.59
N VAL A 35 3.70 -9.73 -4.70
CA VAL A 35 2.84 -9.99 -5.84
C VAL A 35 2.91 -8.73 -6.74
N ASN A 36 3.68 -8.88 -7.82
CA ASN A 36 3.82 -7.76 -8.74
C ASN A 36 2.53 -7.74 -9.57
N ILE A 37 1.79 -6.64 -9.33
CA ILE A 37 0.50 -6.40 -9.98
C ILE A 37 0.74 -5.45 -11.16
N GLY A 38 1.99 -5.00 -11.33
CA GLY A 38 2.35 -4.13 -12.45
C GLY A 38 2.03 -2.65 -12.20
N VAL A 39 0.89 -2.24 -12.79
CA VAL A 39 0.46 -0.85 -12.70
C VAL A 39 -0.98 -0.73 -12.19
N LEU A 40 -1.81 -1.74 -12.52
CA LEU A 40 -3.21 -1.69 -12.09
C LEU A 40 -3.28 -2.44 -10.76
N SER A 41 -3.57 -1.59 -9.74
CA SER A 41 -3.74 -2.04 -8.37
C SER A 41 -5.26 -2.06 -8.20
N SER A 42 -5.80 -3.18 -8.75
CA SER A 42 -7.22 -3.49 -8.82
C SER A 42 -7.72 -3.70 -7.38
N GLN A 43 -8.95 -3.18 -7.17
CA GLN A 43 -9.57 -3.29 -5.86
C GLN A 43 -10.37 -4.59 -5.80
N GLU A 44 -11.60 -4.51 -6.34
CA GLU A 44 -12.56 -5.59 -6.33
C GLU A 44 -12.02 -6.83 -7.06
N ASP A 45 -11.01 -6.64 -7.94
CA ASP A 45 -10.49 -7.79 -8.67
C ASP A 45 -9.33 -8.36 -7.90
N PHE A 46 -8.53 -7.50 -7.22
CA PHE A 46 -7.40 -8.06 -6.49
C PHE A 46 -7.86 -8.53 -5.11
N ILE A 47 -9.11 -8.21 -4.72
CA ILE A 47 -9.59 -8.66 -3.43
C ILE A 47 -10.08 -10.10 -3.65
N ASN A 48 -10.49 -10.37 -4.92
CA ASN A 48 -10.91 -11.72 -5.27
C ASN A 48 -9.61 -12.53 -5.42
N ALA A 49 -8.53 -11.82 -5.83
CA ALA A 49 -7.24 -12.47 -6.00
C ALA A 49 -6.48 -12.38 -4.66
N ALA A 50 -7.11 -11.79 -3.62
CA ALA A 50 -6.47 -11.69 -2.32
C ALA A 50 -6.80 -12.99 -1.58
N ILE A 51 -7.88 -13.66 -2.05
CA ILE A 51 -8.27 -14.93 -1.49
C ILE A 51 -7.23 -15.94 -2.03
N GLU A 52 -6.91 -15.71 -3.32
CA GLU A 52 -5.97 -16.49 -4.10
C GLU A 52 -4.57 -16.41 -3.45
N THR A 53 -3.94 -15.21 -3.52
CA THR A 53 -2.59 -15.02 -3.02
C THR A 53 -2.56 -15.21 -1.50
N LYS A 54 -3.30 -14.28 -0.86
CA LYS A 54 -3.46 -14.15 0.59
C LYS A 54 -2.73 -12.84 0.91
N ALA A 55 -3.13 -11.83 0.11
CA ALA A 55 -2.61 -10.47 0.14
C ALA A 55 -2.64 -9.96 1.58
N ASP A 56 -1.41 -9.81 2.15
CA ASP A 56 -1.29 -9.34 3.52
C ASP A 56 -1.41 -7.82 3.47
N LEU A 57 -0.72 -7.22 2.46
CA LEU A 57 -0.79 -5.77 2.39
C LEU A 57 -0.61 -5.37 0.92
N ILE A 58 -1.07 -4.12 0.69
CA ILE A 58 -1.03 -3.52 -0.64
C ILE A 58 -0.24 -2.22 -0.49
N CYS A 59 0.62 -2.01 -1.53
CA CYS A 59 1.45 -0.82 -1.62
C CYS A 59 1.36 -0.38 -3.08
N VAL A 60 0.94 0.91 -3.20
CA VAL A 60 0.85 1.55 -4.51
C VAL A 60 1.94 2.63 -4.53
N SER A 61 2.70 2.70 -5.66
CA SER A 61 3.77 3.69 -5.69
C SER A 61 3.40 4.85 -6.63
N SER A 62 3.07 5.98 -5.96
CA SER A 62 2.69 7.26 -6.55
C SER A 62 1.42 7.66 -5.77
N LEU A 63 0.87 8.81 -6.23
CA LEU A 63 -0.31 9.45 -5.68
C LEU A 63 -1.53 8.54 -5.92
N TYR A 64 -2.72 9.17 -5.77
CA TYR A 64 -4.00 8.51 -5.95
C TYR A 64 -4.11 8.10 -7.42
N GLY A 65 -3.75 6.81 -7.59
CA GLY A 65 -3.77 6.09 -8.87
C GLY A 65 -4.86 5.02 -8.76
N GLN A 66 -5.04 4.61 -7.48
CA GLN A 66 -6.01 3.62 -7.06
C GLN A 66 -7.34 4.38 -6.86
N GLY A 67 -7.18 5.64 -6.44
CA GLY A 67 -8.30 6.54 -6.19
C GLY A 67 -8.80 6.40 -4.75
N GLU A 68 -9.84 7.23 -4.46
CA GLU A 68 -10.45 7.27 -3.14
C GLU A 68 -11.44 6.08 -3.03
N ILE A 69 -11.69 5.40 -4.17
CA ILE A 69 -12.60 4.27 -4.21
C ILE A 69 -11.83 3.07 -3.68
N ASP A 70 -10.60 2.91 -4.23
CA ASP A 70 -9.74 1.80 -3.82
C ASP A 70 -9.23 2.11 -2.41
N CYS A 71 -9.28 3.41 -2.05
CA CYS A 71 -8.84 3.83 -0.72
C CYS A 71 -9.89 3.31 0.26
N LYS A 72 -11.18 3.50 -0.12
CA LYS A 72 -12.30 3.05 0.72
C LYS A 72 -12.68 1.62 0.31
N GLY A 73 -11.74 0.97 -0.38
CA GLY A 73 -11.91 -0.38 -0.86
C GLY A 73 -11.18 -1.37 0.06
N LEU A 74 -10.07 -0.84 0.62
CA LEU A 74 -9.24 -1.60 1.53
C LEU A 74 -9.79 -1.37 2.94
N ARG A 75 -10.48 -0.21 3.11
CA ARG A 75 -11.11 0.11 4.39
C ARG A 75 -12.35 -0.78 4.47
N GLU A 76 -12.89 -1.09 3.26
CA GLU A 76 -14.05 -1.94 3.10
C GLU A 76 -13.59 -3.40 3.25
N LYS A 77 -12.29 -3.66 2.95
CA LYS A 77 -11.69 -4.98 3.05
C LYS A 77 -11.43 -5.32 4.54
N CYS A 78 -11.47 -4.26 5.38
CA CYS A 78 -11.24 -4.36 6.82
C CYS A 78 -12.58 -4.62 7.47
N ASP A 79 -13.48 -3.79 6.94
CA ASP A 79 -14.87 -3.76 7.28
C ASP A 79 -15.57 -4.97 6.64
N GLU A 80 -14.75 -5.75 5.91
CA GLU A 80 -15.16 -6.97 5.26
C GLU A 80 -15.13 -8.01 6.38
N ALA A 81 -13.92 -8.04 6.99
CA ALA A 81 -13.59 -8.93 8.09
C ALA A 81 -13.74 -10.37 7.57
N GLY A 82 -13.21 -10.54 6.34
CA GLY A 82 -13.23 -11.81 5.63
C GLY A 82 -11.96 -11.89 4.78
N LEU A 83 -11.75 -10.75 4.08
CA LEU A 83 -10.59 -10.57 3.23
C LEU A 83 -9.55 -9.98 4.19
N LYS A 84 -8.42 -10.73 4.28
CA LYS A 84 -7.33 -10.32 5.16
C LYS A 84 -6.55 -9.25 4.38
N GLY A 85 -6.52 -8.06 5.01
CA GLY A 85 -5.82 -6.93 4.43
C GLY A 85 -6.20 -5.64 5.18
N ILE A 86 -5.58 -5.56 6.37
CA ILE A 86 -5.75 -4.44 7.28
C ILE A 86 -4.39 -3.75 7.38
N LYS A 87 -3.64 -3.83 6.27
CA LYS A 87 -2.31 -3.26 6.18
C LYS A 87 -2.21 -2.72 4.76
N LEU A 88 -2.00 -1.39 4.71
CA LEU A 88 -1.86 -0.71 3.43
C LEU A 88 -0.75 0.32 3.66
N PHE A 89 0.40 0.09 2.99
CA PHE A 89 1.52 1.00 3.14
C PHE A 89 1.53 1.73 1.78
N VAL A 90 0.65 2.76 1.76
CA VAL A 90 0.46 3.51 0.54
C VAL A 90 1.42 4.69 0.47
N GLY A 91 2.47 4.38 -0.31
CA GLY A 91 3.49 5.38 -0.57
C GLY A 91 2.96 6.45 -1.54
N GLY A 92 3.02 7.69 -1.01
CA GLY A 92 2.54 8.86 -1.74
C GLY A 92 1.05 9.01 -1.38
N ASN A 93 0.23 8.49 -2.31
CA ASN A 93 -1.22 8.44 -2.23
C ASN A 93 -1.73 9.89 -2.24
N ILE A 94 -1.99 10.39 -1.02
CA ILE A 94 -2.48 11.74 -0.80
C ILE A 94 -1.23 12.63 -0.77
N VAL A 95 -1.19 13.44 -1.84
CA VAL A 95 -0.13 14.39 -2.11
C VAL A 95 -0.36 15.64 -1.24
N VAL A 96 0.71 16.48 -1.23
CA VAL A 96 0.80 17.74 -0.51
C VAL A 96 0.17 17.67 0.89
N GLY A 97 0.73 16.70 1.65
CA GLY A 97 0.28 16.47 3.00
C GLY A 97 1.19 15.44 3.67
N LYS A 98 1.25 15.61 5.02
CA LYS A 98 2.06 14.75 5.87
C LYS A 98 1.70 15.19 7.28
N GLN A 99 1.42 14.14 8.10
CA GLN A 99 1.04 14.25 9.50
C GLN A 99 -0.48 14.43 9.51
N ASN A 100 -0.87 15.64 9.07
CA ASN A 100 -2.27 16.03 8.99
C ASN A 100 -2.68 15.67 7.56
N TRP A 101 -3.97 15.25 7.47
CA TRP A 101 -4.53 14.85 6.20
C TRP A 101 -5.84 15.64 6.08
N PRO A 102 -6.37 15.77 4.82
CA PRO A 102 -7.62 16.49 4.58
C PRO A 102 -8.77 15.62 5.14
N ASP A 103 -9.95 15.79 4.49
CA ASP A 103 -11.18 15.09 4.86
C ASP A 103 -11.02 13.61 4.46
N VAL A 104 -10.16 13.39 3.43
CA VAL A 104 -9.90 12.05 2.92
C VAL A 104 -9.48 11.11 4.05
N GLU A 105 -8.26 11.28 4.59
CA GLU A 105 -7.85 10.39 5.66
C GLU A 105 -8.26 10.99 7.00
N GLN A 106 -9.28 11.87 7.02
CA GLN A 106 -9.73 12.36 8.32
C GLN A 106 -10.36 11.12 8.98
N ARG A 107 -11.21 10.50 8.14
CA ARG A 107 -11.94 9.31 8.51
C ARG A 107 -11.12 8.05 8.14
N PHE A 108 -10.12 8.15 7.22
CA PHE A 108 -9.38 6.93 6.87
C PHE A 108 -8.28 6.71 7.89
N LYS A 109 -7.56 7.81 8.18
CA LYS A 109 -6.46 7.78 9.15
C LYS A 109 -7.06 7.84 10.56
N ALA A 110 -8.42 7.93 10.66
CA ALA A 110 -9.08 7.90 11.97
C ALA A 110 -8.70 6.54 12.58
N MET A 111 -8.65 5.54 11.64
CA MET A 111 -8.26 4.19 11.99
C MET A 111 -6.74 4.19 11.85
N GLY A 112 -6.26 4.68 10.67
CA GLY A 112 -4.84 4.77 10.40
C GLY A 112 -4.03 3.47 10.59
N PHE A 113 -4.67 2.33 10.22
CA PHE A 113 -3.98 1.04 10.28
C PHE A 113 -3.06 0.96 9.04
N ASP A 114 -3.26 1.97 8.16
CA ASP A 114 -2.56 2.18 6.92
C ASP A 114 -1.58 3.32 7.20
N ARG A 115 -0.33 3.09 6.76
CA ARG A 115 0.72 4.09 6.89
C ARG A 115 0.94 4.52 5.45
N VAL A 116 1.73 5.60 5.34
CA VAL A 116 2.06 6.12 4.01
C VAL A 116 3.53 6.54 4.05
N TYR A 117 4.04 6.77 2.83
CA TYR A 117 5.43 7.18 2.70
C TYR A 117 5.35 8.71 2.52
N PRO A 118 6.40 9.44 2.98
CA PRO A 118 6.42 10.89 2.92
C PRO A 118 6.45 11.33 1.44
N PRO A 119 6.04 12.62 1.21
CA PRO A 119 6.00 13.20 -0.13
C PRO A 119 7.46 13.38 -0.55
N GLY A 120 7.74 12.72 -1.68
CA GLY A 120 9.07 12.70 -2.27
C GLY A 120 9.57 11.25 -2.18
N THR A 121 10.87 11.10 -2.50
CA THR A 121 11.49 9.80 -2.45
C THR A 121 11.57 9.46 -0.95
N SER A 122 11.43 8.16 -0.68
CA SER A 122 11.50 7.70 0.68
C SER A 122 12.06 6.28 0.58
N PRO A 123 13.41 6.19 0.33
CA PRO A 123 14.05 4.90 0.17
C PRO A 123 14.23 4.22 1.56
N GLU A 124 14.20 5.07 2.61
CA GLU A 124 14.41 4.64 3.98
C GLU A 124 13.14 3.98 4.50
N THR A 125 12.00 4.50 4.01
CA THR A 125 10.70 4.02 4.43
C THR A 125 10.40 2.68 3.74
N THR A 126 11.21 2.29 2.72
CA THR A 126 10.94 1.02 2.08
C THR A 126 11.71 -0.08 2.81
N ILE A 127 12.76 0.34 3.54
CA ILE A 127 13.46 -0.65 4.35
C ILE A 127 12.41 -1.06 5.42
N ALA A 128 11.51 -0.07 5.67
CA ALA A 128 10.42 -0.22 6.59
C ALA A 128 9.19 -0.74 5.83
N ASP A 129 9.29 -0.92 4.49
CA ASP A 129 8.18 -1.43 3.67
C ASP A 129 7.71 -2.74 4.31
N MET A 130 8.70 -3.64 4.33
CA MET A 130 8.46 -4.98 4.82
C MET A 130 8.72 -5.07 6.34
N LYS A 131 9.54 -4.14 6.88
CA LYS A 131 9.88 -4.27 8.30
C LYS A 131 8.81 -3.59 9.18
N GLU A 132 7.92 -2.77 8.58
CA GLU A 132 6.92 -2.09 9.38
C GLU A 132 5.69 -2.98 9.46
N VAL A 133 5.23 -3.31 8.25
CA VAL A 133 4.01 -4.10 8.11
C VAL A 133 4.11 -5.52 8.71
N LEU A 134 5.16 -6.26 8.26
CA LEU A 134 5.30 -7.63 8.73
C LEU A 134 6.13 -7.65 10.01
N GLY A 135 6.79 -6.51 10.35
CA GLY A 135 7.56 -6.48 11.59
C GLY A 135 6.69 -6.01 12.76
N VAL A 136 6.51 -4.68 12.79
CA VAL A 136 5.70 -4.06 13.83
C VAL A 136 5.31 -2.64 13.40
N GLU A 137 4.11 -2.28 13.90
CA GLU A 137 3.46 -1.00 13.66
C GLU A 137 3.05 -0.93 12.17
N MET A 1 1.03 -10.89 10.24
CA MET A 1 1.86 -9.89 10.88
C MET A 1 3.17 -9.87 10.09
N GLU A 2 3.70 -11.11 9.88
CA GLU A 2 4.94 -11.29 9.15
C GLU A 2 4.69 -12.39 8.12
N LYS A 3 3.45 -12.36 7.56
CA LYS A 3 3.05 -13.31 6.56
C LYS A 3 3.64 -12.85 5.23
N LYS A 4 4.02 -13.91 4.49
CA LYS A 4 4.68 -13.84 3.20
C LYS A 4 3.63 -13.55 2.13
N THR A 5 3.50 -12.24 1.81
CA THR A 5 2.56 -11.77 0.80
C THR A 5 2.58 -10.24 0.88
N ILE A 6 3.05 -9.64 -0.23
CA ILE A 6 3.14 -8.20 -0.36
C ILE A 6 2.98 -7.94 -1.86
N VAL A 7 1.91 -7.16 -2.13
CA VAL A 7 1.51 -6.75 -3.46
C VAL A 7 2.07 -5.34 -3.72
N LEU A 8 2.80 -5.23 -4.85
CA LEU A 8 3.42 -3.97 -5.24
C LEU A 8 2.95 -3.65 -6.66
N GLY A 9 2.69 -2.33 -6.85
CA GLY A 9 2.24 -1.83 -8.15
C GLY A 9 1.48 -0.52 -7.93
N VAL A 10 1.12 0.11 -9.09
CA VAL A 10 0.40 1.38 -9.06
C VAL A 10 0.38 2.15 -10.39
N ILE A 11 0.93 3.41 -10.32
CA ILE A 11 0.94 4.27 -11.51
C ILE A 11 1.72 5.52 -11.10
N GLY A 12 1.27 6.66 -11.68
CA GLY A 12 1.88 7.97 -11.44
C GLY A 12 2.85 8.21 -12.59
N SER A 13 2.25 8.73 -13.69
CA SER A 13 3.04 8.97 -14.90
C SER A 13 3.59 10.39 -14.83
N ASP A 14 4.60 10.49 -13.95
CA ASP A 14 5.34 11.72 -13.76
C ASP A 14 6.39 11.71 -14.89
N CYS A 15 6.77 10.45 -15.22
CA CYS A 15 7.72 10.03 -16.22
C CYS A 15 7.31 8.57 -16.54
N HIS A 16 6.97 7.79 -15.47
CA HIS A 16 6.60 6.41 -15.72
C HIS A 16 5.96 5.96 -14.42
N ALA A 17 6.88 5.93 -13.41
CA ALA A 17 6.61 5.55 -12.04
C ALA A 17 7.75 4.60 -11.67
N VAL A 18 8.73 5.18 -10.93
CA VAL A 18 9.84 4.39 -10.42
C VAL A 18 9.42 3.76 -9.06
N GLY A 19 8.43 2.84 -9.17
CA GLY A 19 7.87 2.11 -8.04
C GLY A 19 8.60 0.77 -7.83
N ASN A 20 9.28 0.40 -8.94
CA ASN A 20 10.11 -0.80 -9.04
C ASN A 20 10.93 -0.84 -7.77
N LYS A 21 11.61 0.36 -7.61
CA LYS A 21 12.50 1.04 -6.65
C LYS A 21 12.61 0.21 -5.38
N ILE A 22 12.91 -1.01 -5.76
CA ILE A 22 13.11 -2.21 -5.03
C ILE A 22 12.12 -2.22 -3.84
N LEU A 23 10.84 -1.93 -4.21
CA LEU A 23 9.77 -2.06 -3.23
C LEU A 23 9.70 -3.62 -3.00
N ASP A 24 10.00 -4.30 -4.15
CA ASP A 24 10.08 -5.74 -4.23
C ASP A 24 11.42 -6.17 -3.57
N HIS A 25 12.17 -5.23 -2.95
CA HIS A 25 13.42 -5.61 -2.28
C HIS A 25 13.01 -6.28 -0.99
N SER A 26 11.99 -5.62 -0.40
CA SER A 26 11.39 -6.02 0.87
C SER A 26 10.99 -7.48 0.81
N PHE A 27 10.38 -7.82 -0.34
CA PHE A 27 9.92 -9.21 -0.50
C PHE A 27 11.07 -10.18 -0.27
N THR A 28 12.22 -9.77 -0.81
CA THR A 28 13.44 -10.55 -0.82
C THR A 28 14.20 -10.49 0.51
N ASN A 29 13.89 -9.42 1.22
CA ASN A 29 14.48 -9.04 2.47
C ASN A 29 13.91 -9.85 3.61
N ALA A 30 12.89 -10.70 3.35
CA ALA A 30 12.41 -11.48 4.47
C ALA A 30 11.88 -12.82 3.95
N GLY A 31 12.14 -13.13 2.67
CA GLY A 31 11.65 -14.38 2.13
C GLY A 31 10.11 -14.40 2.12
N PHE A 32 9.59 -13.21 1.74
CA PHE A 32 8.16 -13.00 1.67
C PHE A 32 7.83 -13.17 0.18
N ASN A 33 6.57 -13.60 0.00
CA ASN A 33 6.01 -13.85 -1.31
C ASN A 33 5.68 -12.47 -1.88
N VAL A 34 6.05 -12.36 -3.18
CA VAL A 34 5.78 -11.15 -3.93
C VAL A 34 4.54 -11.41 -4.77
N VAL A 35 3.82 -10.29 -4.93
CA VAL A 35 2.59 -10.28 -5.69
C VAL A 35 2.58 -8.98 -6.51
N ASN A 36 3.52 -8.95 -7.48
CA ASN A 36 3.60 -7.77 -8.34
C ASN A 36 2.35 -7.81 -9.26
N ILE A 37 1.51 -6.78 -9.03
CA ILE A 37 0.25 -6.57 -9.72
C ILE A 37 0.51 -5.62 -10.91
N GLY A 38 1.76 -5.14 -11.05
CA GLY A 38 2.11 -4.27 -12.17
C GLY A 38 1.77 -2.80 -11.88
N VAL A 39 0.83 -2.30 -12.70
CA VAL A 39 0.40 -0.91 -12.55
C VAL A 39 -1.11 -0.80 -12.82
N LEU A 40 -1.84 -1.68 -12.10
CA LEU A 40 -3.29 -1.76 -12.21
C LEU A 40 -3.83 -1.34 -10.84
N SER A 41 -5.04 -0.74 -10.92
CA SER A 41 -5.76 -0.28 -9.72
C SER A 41 -6.99 -1.20 -9.58
N SER A 42 -6.82 -2.47 -10.02
CA SER A 42 -7.90 -3.44 -9.92
C SER A 42 -7.79 -3.94 -8.47
N GLN A 43 -8.66 -3.33 -7.64
CA GLN A 43 -8.68 -3.60 -6.23
C GLN A 43 -9.66 -4.74 -5.97
N GLU A 44 -10.91 -4.53 -6.41
CA GLU A 44 -12.00 -5.47 -6.20
C GLU A 44 -11.73 -6.80 -6.94
N ASP A 45 -10.91 -6.75 -8.01
CA ASP A 45 -10.65 -7.97 -8.76
C ASP A 45 -9.46 -8.64 -8.10
N PHE A 46 -8.54 -7.81 -7.57
CA PHE A 46 -7.37 -8.40 -6.95
C PHE A 46 -7.68 -8.67 -5.47
N ILE A 47 -8.93 -8.41 -5.06
CA ILE A 47 -9.33 -8.72 -3.68
C ILE A 47 -9.72 -10.20 -3.76
N ASN A 48 -10.24 -10.56 -4.97
CA ASN A 48 -10.60 -11.95 -5.21
C ASN A 48 -9.26 -12.72 -5.36
N ALA A 49 -8.20 -12.00 -5.82
CA ALA A 49 -6.91 -12.63 -5.98
C ALA A 49 -6.12 -12.45 -4.67
N ALA A 50 -6.69 -11.70 -3.69
CA ALA A 50 -6.02 -11.51 -2.42
C ALA A 50 -6.40 -12.68 -1.52
N ILE A 51 -7.36 -13.50 -1.99
CA ILE A 51 -7.75 -14.70 -1.26
C ILE A 51 -6.76 -15.77 -1.75
N GLU A 52 -6.52 -15.69 -3.08
CA GLU A 52 -5.65 -16.57 -3.83
C GLU A 52 -4.22 -16.48 -3.27
N THR A 53 -3.60 -15.28 -3.38
CA THR A 53 -2.24 -15.10 -2.93
C THR A 53 -2.24 -15.13 -1.40
N LYS A 54 -2.96 -14.13 -0.88
CA LYS A 54 -3.14 -13.85 0.55
C LYS A 54 -2.41 -12.53 0.78
N ALA A 55 -2.67 -11.56 -0.14
CA ALA A 55 -2.07 -10.24 -0.12
C ALA A 55 -2.31 -9.65 1.28
N ASP A 56 -1.16 -9.51 2.01
CA ASP A 56 -1.18 -9.01 3.37
C ASP A 56 -0.99 -7.49 3.28
N LEU A 57 0.30 -7.10 3.15
CA LEU A 57 0.62 -5.67 3.13
C LEU A 57 0.61 -5.21 1.66
N ILE A 58 -0.12 -4.09 1.47
CA ILE A 58 -0.24 -3.50 0.14
C ILE A 58 0.88 -2.45 0.05
N CYS A 59 1.14 -2.09 -1.23
CA CYS A 59 2.16 -1.10 -1.50
C CYS A 59 1.81 -0.52 -2.88
N VAL A 60 1.26 0.72 -2.80
CA VAL A 60 0.85 1.50 -3.96
C VAL A 60 1.84 2.65 -4.04
N SER A 61 2.42 2.85 -5.24
CA SER A 61 3.42 3.92 -5.35
C SER A 61 2.90 4.97 -6.34
N SER A 62 2.60 6.13 -5.71
CA SER A 62 2.13 7.36 -6.36
C SER A 62 1.16 7.96 -5.35
N LEU A 63 0.70 9.19 -5.71
CA LEU A 63 -0.23 9.95 -4.90
C LEU A 63 -1.59 9.25 -5.06
N TYR A 64 -2.63 10.04 -5.40
CA TYR A 64 -3.95 9.49 -5.62
C TYR A 64 -3.94 8.96 -7.06
N GLY A 65 -3.35 7.74 -7.12
CA GLY A 65 -3.18 6.99 -8.34
C GLY A 65 -3.72 5.58 -8.08
N GLN A 66 -4.98 5.61 -7.63
CA GLN A 66 -5.68 4.38 -7.30
C GLN A 66 -7.18 4.72 -7.16
N GLY A 67 -7.44 6.02 -6.92
CA GLY A 67 -8.79 6.53 -6.74
C GLY A 67 -9.26 6.28 -5.32
N GLU A 68 -10.50 6.79 -5.07
CA GLU A 68 -11.11 6.64 -3.76
C GLU A 68 -11.84 5.29 -3.72
N ILE A 69 -11.62 4.47 -4.77
CA ILE A 69 -12.21 3.15 -4.90
C ILE A 69 -11.29 2.22 -4.11
N ASP A 70 -9.99 2.36 -4.47
CA ASP A 70 -8.94 1.57 -3.87
C ASP A 70 -8.70 2.07 -2.44
N CYS A 71 -9.01 3.37 -2.22
CA CYS A 71 -8.82 3.97 -0.91
C CYS A 71 -9.85 3.32 0.03
N LYS A 72 -11.14 3.44 -0.37
CA LYS A 72 -12.24 2.88 0.42
C LYS A 72 -12.51 1.44 -0.06
N GLY A 73 -11.43 0.83 -0.59
CA GLY A 73 -11.46 -0.54 -1.07
C GLY A 73 -10.85 -1.46 -0.03
N LEU A 74 -9.90 -0.85 0.73
CA LEU A 74 -9.17 -1.52 1.79
C LEU A 74 -9.97 -1.31 3.08
N ARG A 75 -10.68 -0.16 3.12
CA ARG A 75 -11.51 0.15 4.27
C ARG A 75 -12.70 -0.82 4.19
N GLU A 76 -13.05 -1.14 2.92
CA GLU A 76 -14.14 -2.06 2.61
C GLU A 76 -13.65 -3.49 2.89
N LYS A 77 -12.32 -3.71 2.69
CA LYS A 77 -11.69 -5.01 2.88
C LYS A 77 -11.61 -5.33 4.40
N CYS A 78 -11.81 -4.29 5.23
CA CYS A 78 -11.71 -4.41 6.68
C CYS A 78 -13.06 -4.77 7.22
N ASP A 79 -13.97 -3.95 6.69
CA ASP A 79 -15.37 -4.04 7.00
C ASP A 79 -15.99 -5.22 6.23
N GLU A 80 -15.09 -5.92 5.52
CA GLU A 80 -15.41 -7.11 4.78
C GLU A 80 -15.40 -8.21 5.83
N ALA A 81 -14.23 -8.24 6.50
CA ALA A 81 -13.94 -9.19 7.57
C ALA A 81 -13.99 -10.60 6.95
N GLY A 82 -13.43 -10.65 5.73
CA GLY A 82 -13.35 -11.87 4.93
C GLY A 82 -12.01 -11.86 4.17
N LEU A 83 -11.79 -10.67 3.57
CA LEU A 83 -10.58 -10.38 2.84
C LEU A 83 -9.64 -9.87 3.93
N LYS A 84 -8.51 -10.60 4.06
CA LYS A 84 -7.53 -10.28 5.10
C LYS A 84 -6.51 -9.30 4.51
N GLY A 85 -6.45 -8.14 5.20
CA GLY A 85 -5.54 -7.08 4.80
C GLY A 85 -5.87 -5.79 5.56
N ILE A 86 -5.40 -5.81 6.83
CA ILE A 86 -5.58 -4.68 7.75
C ILE A 86 -4.21 -3.99 7.87
N LYS A 87 -3.48 -4.02 6.75
CA LYS A 87 -2.18 -3.40 6.66
C LYS A 87 -2.05 -3.03 5.18
N LEU A 88 -2.03 -1.71 4.99
CA LEU A 88 -1.94 -1.14 3.67
C LEU A 88 -0.92 -0.03 3.85
N PHE A 89 0.27 -0.24 3.22
CA PHE A 89 1.32 0.76 3.34
C PHE A 89 1.19 1.52 2.02
N VAL A 90 0.29 2.52 2.12
CA VAL A 90 -0.04 3.31 0.96
C VAL A 90 0.90 4.51 0.84
N GLY A 91 1.90 4.20 0.00
CA GLY A 91 2.93 5.17 -0.34
C GLY A 91 2.36 6.26 -1.24
N GLY A 92 2.09 7.40 -0.56
CA GLY A 92 1.52 8.57 -1.19
C GLY A 92 0.03 8.70 -0.83
N ASN A 93 -0.80 8.42 -1.85
CA ASN A 93 -2.26 8.49 -1.76
C ASN A 93 -2.58 9.99 -1.62
N ILE A 94 -3.06 10.34 -0.40
CA ILE A 94 -3.39 11.72 -0.09
C ILE A 94 -2.04 12.37 0.21
N VAL A 95 -1.85 13.52 -0.48
CA VAL A 95 -0.63 14.32 -0.37
C VAL A 95 -0.82 15.35 0.75
N VAL A 96 0.31 16.06 0.98
CA VAL A 96 0.47 17.11 1.97
C VAL A 96 -0.19 16.77 3.32
N GLY A 97 0.57 15.94 4.06
CA GLY A 97 0.13 15.49 5.37
C GLY A 97 0.99 14.30 5.79
N LYS A 98 1.04 14.12 7.14
CA LYS A 98 1.80 13.03 7.71
C LYS A 98 1.37 13.02 9.18
N GLN A 99 0.35 12.17 9.41
CA GLN A 99 -0.31 11.95 10.69
C GLN A 99 -1.55 12.86 10.67
N ASN A 100 -1.28 14.13 10.28
CA ASN A 100 -2.30 15.14 10.18
C ASN A 100 -2.81 14.99 8.75
N TRP A 101 -4.14 14.76 8.67
CA TRP A 101 -4.77 14.57 7.37
C TRP A 101 -6.06 15.40 7.43
N PRO A 102 -6.64 15.72 6.22
CA PRO A 102 -7.88 16.47 6.13
C PRO A 102 -9.03 15.58 6.66
N ASP A 103 -10.23 15.82 6.08
CA ASP A 103 -11.44 15.11 6.44
C ASP A 103 -11.36 13.68 5.88
N VAL A 104 -10.48 13.52 4.86
CA VAL A 104 -10.28 12.23 4.20
C VAL A 104 -9.85 11.16 5.21
N GLU A 105 -8.60 11.28 5.72
CA GLU A 105 -8.17 10.26 6.67
C GLU A 105 -8.59 10.70 8.07
N GLN A 106 -9.59 11.60 8.20
CA GLN A 106 -10.04 11.95 9.56
C GLN A 106 -10.83 10.73 10.05
N ARG A 107 -11.63 10.23 9.08
CA ARG A 107 -12.46 9.06 9.28
C ARG A 107 -11.56 7.83 9.12
N PHE A 108 -10.54 7.94 8.24
CA PHE A 108 -9.65 6.79 8.04
C PHE A 108 -8.47 6.90 9.03
N LYS A 109 -8.57 7.80 10.05
CA LYS A 109 -7.54 7.92 11.08
C LYS A 109 -8.01 6.95 12.18
N ALA A 110 -9.36 6.97 12.35
CA ALA A 110 -10.04 6.12 13.31
C ALA A 110 -9.76 4.67 12.93
N MET A 111 -9.64 4.46 11.60
CA MET A 111 -9.33 3.15 11.06
C MET A 111 -7.81 3.05 11.24
N GLY A 112 -7.14 4.00 10.55
CA GLY A 112 -5.69 4.23 10.53
C GLY A 112 -4.79 3.01 10.67
N PHE A 113 -5.25 1.88 10.08
CA PHE A 113 -4.47 0.65 10.11
C PHE A 113 -3.55 0.65 8.86
N ASP A 114 -3.70 1.73 8.05
CA ASP A 114 -2.93 1.95 6.84
C ASP A 114 -1.92 3.05 7.21
N ARG A 115 -0.67 2.84 6.76
CA ARG A 115 0.40 3.79 7.00
C ARG A 115 0.65 4.36 5.60
N VAL A 116 1.53 5.40 5.56
CA VAL A 116 1.85 6.00 4.29
C VAL A 116 3.34 6.33 4.24
N TYR A 117 3.80 6.42 2.97
CA TYR A 117 5.20 6.77 2.73
C TYR A 117 5.13 8.27 2.38
N PRO A 118 6.21 9.04 2.70
CA PRO A 118 6.27 10.48 2.42
C PRO A 118 6.09 10.72 0.90
N PRO A 119 5.83 12.01 0.53
CA PRO A 119 5.65 12.41 -0.87
C PRO A 119 7.02 12.17 -1.53
N GLY A 120 7.88 13.21 -1.54
CA GLY A 120 9.23 13.09 -2.10
C GLY A 120 9.91 11.82 -1.57
N THR A 121 10.49 11.06 -2.53
CA THR A 121 11.10 9.79 -2.17
C THR A 121 12.29 10.05 -1.26
N SER A 122 12.57 8.89 -0.67
CA SER A 122 13.60 8.63 0.29
C SER A 122 13.55 7.11 0.38
N PRO A 123 14.64 6.41 -0.06
CA PRO A 123 14.61 4.95 -0.04
C PRO A 123 14.68 4.41 1.41
N GLU A 124 14.83 5.37 2.37
CA GLU A 124 14.93 5.11 3.78
C GLU A 124 13.58 4.56 4.28
N THR A 125 12.51 4.88 3.52
CA THR A 125 11.18 4.50 3.88
C THR A 125 10.94 3.02 3.55
N THR A 126 11.65 2.45 2.53
CA THR A 126 11.38 1.06 2.26
C THR A 126 12.15 0.17 3.25
N ILE A 127 13.17 0.76 3.88
CA ILE A 127 13.88 -0.01 4.91
C ILE A 127 12.83 -0.20 6.03
N ALA A 128 11.88 0.77 6.03
CA ALA A 128 10.79 0.79 6.97
C ALA A 128 9.56 0.13 6.33
N ASP A 129 9.61 -0.28 5.02
CA ASP A 129 8.48 -0.92 4.34
C ASP A 129 8.03 -2.10 5.22
N MET A 130 9.03 -2.98 5.33
CA MET A 130 8.89 -4.24 6.03
C MET A 130 9.28 -4.09 7.50
N LYS A 131 10.14 -3.12 7.86
CA LYS A 131 10.54 -3.04 9.26
C LYS A 131 9.43 -2.37 10.10
N GLU A 132 8.45 -1.74 9.42
CA GLU A 132 7.38 -1.06 10.16
C GLU A 132 6.27 -2.08 10.42
N VAL A 133 5.80 -2.65 9.30
CA VAL A 133 4.70 -3.60 9.30
C VAL A 133 5.02 -4.92 10.07
N LEU A 134 6.30 -5.35 10.00
CA LEU A 134 6.69 -6.57 10.68
C LEU A 134 6.93 -6.24 12.16
N GLY A 135 7.44 -5.00 12.38
CA GLY A 135 7.73 -4.54 13.73
C GLY A 135 6.45 -4.29 14.52
N VAL A 136 5.96 -3.06 14.34
CA VAL A 136 4.74 -2.58 14.98
C VAL A 136 3.55 -2.85 14.06
N GLU A 137 2.36 -2.74 14.69
CA GLU A 137 1.07 -2.92 14.07
C GLU A 137 0.98 -4.38 13.59
N MET A 1 -0.01 -14.49 10.63
CA MET A 1 0.06 -13.27 11.41
C MET A 1 0.92 -12.31 10.57
N GLU A 2 2.19 -12.74 10.39
CA GLU A 2 3.16 -11.98 9.63
C GLU A 2 3.57 -12.93 8.49
N LYS A 3 2.57 -13.15 7.61
CA LYS A 3 2.73 -14.03 6.48
C LYS A 3 3.51 -13.30 5.40
N LYS A 4 3.86 -14.19 4.45
CA LYS A 4 4.67 -13.83 3.29
C LYS A 4 3.76 -13.74 2.07
N THR A 5 3.50 -12.46 1.68
CA THR A 5 2.68 -12.10 0.53
C THR A 5 2.55 -10.58 0.66
N ILE A 6 3.41 -9.93 -0.13
CA ILE A 6 3.57 -8.50 -0.16
C ILE A 6 3.47 -8.15 -1.63
N VAL A 7 2.33 -7.50 -1.94
CA VAL A 7 1.99 -7.08 -3.27
C VAL A 7 2.19 -5.58 -3.44
N LEU A 8 2.95 -5.28 -4.51
CA LEU A 8 3.25 -3.89 -4.87
C LEU A 8 2.81 -3.75 -6.33
N GLY A 9 2.14 -2.59 -6.53
CA GLY A 9 1.61 -2.18 -7.82
C GLY A 9 1.02 -0.78 -7.68
N VAL A 10 0.65 -0.18 -8.86
CA VAL A 10 0.08 1.15 -8.87
C VAL A 10 0.05 1.87 -10.25
N ILE A 11 0.71 3.07 -10.26
CA ILE A 11 0.75 3.86 -11.49
C ILE A 11 1.77 4.97 -11.25
N GLY A 12 1.53 6.12 -11.93
CA GLY A 12 2.44 7.24 -11.76
C GLY A 12 2.06 8.37 -12.71
N SER A 13 3.14 9.00 -13.21
CA SER A 13 3.02 10.12 -14.10
C SER A 13 4.41 10.28 -14.72
N ASP A 14 5.36 10.53 -13.81
CA ASP A 14 6.75 10.73 -14.17
C ASP A 14 7.37 9.34 -14.39
N CYS A 15 8.39 9.32 -15.28
CA CYS A 15 9.11 8.09 -15.59
C CYS A 15 8.13 7.18 -16.35
N HIS A 16 7.67 6.09 -15.67
CA HIS A 16 6.78 5.19 -16.38
C HIS A 16 6.13 4.32 -15.31
N ALA A 17 5.71 5.01 -14.21
CA ALA A 17 5.06 4.35 -13.11
C ALA A 17 6.02 3.31 -12.53
N VAL A 18 7.31 3.73 -12.40
CA VAL A 18 8.30 2.81 -11.84
C VAL A 18 7.90 2.38 -10.40
N GLY A 19 7.46 1.10 -10.34
CA GLY A 19 7.05 0.42 -9.12
C GLY A 19 8.18 -0.46 -8.58
N ASN A 20 9.08 -0.77 -9.56
CA ASN A 20 10.29 -1.58 -9.38
C ASN A 20 10.90 -1.10 -8.08
N LYS A 21 11.04 0.27 -8.11
CA LYS A 21 11.46 1.38 -7.24
C LYS A 21 11.61 0.86 -5.83
N ILE A 22 12.45 -0.18 -5.90
CA ILE A 22 12.94 -1.08 -4.93
C ILE A 22 11.88 -1.28 -3.84
N LEU A 23 10.62 -1.40 -4.37
CA LEU A 23 9.49 -1.68 -3.51
C LEU A 23 9.56 -3.19 -3.29
N ASP A 24 10.00 -3.87 -4.37
CA ASP A 24 10.18 -5.31 -4.32
C ASP A 24 11.49 -5.57 -3.58
N HIS A 25 12.19 -4.50 -3.16
CA HIS A 25 13.42 -4.73 -2.41
C HIS A 25 12.99 -5.09 -0.99
N SER A 26 11.89 -4.42 -0.60
CA SER A 26 11.27 -4.54 0.72
C SER A 26 10.90 -5.99 1.01
N PHE A 27 10.32 -6.63 -0.02
CA PHE A 27 9.88 -8.02 0.14
C PHE A 27 11.07 -8.86 0.60
N THR A 28 12.19 -8.57 -0.07
CA THR A 28 13.45 -9.25 0.10
C THR A 28 14.13 -8.91 1.42
N ASN A 29 13.78 -7.71 1.87
CA ASN A 29 14.27 -7.09 3.06
C ASN A 29 13.54 -7.66 4.27
N ALA A 30 12.61 -8.62 4.03
CA ALA A 30 11.93 -9.20 5.16
C ALA A 30 11.75 -10.69 4.88
N GLY A 31 12.44 -11.18 3.82
CA GLY A 31 12.37 -12.59 3.45
C GLY A 31 10.93 -13.08 3.24
N PHE A 32 10.11 -12.14 2.71
CA PHE A 32 8.71 -12.48 2.47
C PHE A 32 8.61 -12.82 0.97
N ASN A 33 7.34 -13.09 0.59
CA ASN A 33 6.97 -13.47 -0.75
C ASN A 33 6.67 -12.17 -1.50
N VAL A 34 7.06 -12.26 -2.79
CA VAL A 34 6.88 -11.19 -3.76
C VAL A 34 5.64 -11.53 -4.59
N VAL A 35 4.84 -10.46 -4.76
CA VAL A 35 3.61 -10.50 -5.53
C VAL A 35 3.60 -9.21 -6.36
N ASN A 36 4.44 -9.26 -7.42
CA ASN A 36 4.52 -8.08 -8.29
C ASN A 36 3.44 -8.28 -9.34
N ILE A 37 2.54 -7.27 -9.33
CA ILE A 37 1.42 -7.24 -10.27
C ILE A 37 1.92 -6.44 -11.47
N GLY A 38 1.64 -5.12 -11.41
CA GLY A 38 2.06 -4.22 -12.47
C GLY A 38 1.45 -2.84 -12.21
N VAL A 39 1.01 -2.22 -13.33
CA VAL A 39 0.39 -0.90 -13.28
C VAL A 39 -1.13 -1.03 -13.14
N LEU A 40 -1.61 -2.29 -13.00
CA LEU A 40 -3.03 -2.54 -12.83
C LEU A 40 -3.23 -2.42 -11.32
N SER A 41 -3.73 -1.21 -10.94
CA SER A 41 -3.96 -0.92 -9.54
C SER A 41 -5.45 -1.17 -9.31
N SER A 42 -5.84 -2.40 -9.68
CA SER A 42 -7.20 -2.86 -9.51
C SER A 42 -7.19 -3.49 -8.12
N GLN A 43 -7.39 -2.58 -7.13
CA GLN A 43 -7.35 -2.94 -5.72
C GLN A 43 -8.54 -3.83 -5.38
N GLU A 44 -9.73 -3.41 -5.83
CA GLU A 44 -10.96 -4.14 -5.54
C GLU A 44 -10.92 -5.52 -6.20
N ASP A 45 -10.31 -5.58 -7.41
CA ASP A 45 -10.23 -6.86 -8.10
C ASP A 45 -9.10 -7.67 -7.45
N PHE A 46 -8.16 -6.94 -6.78
CA PHE A 46 -7.07 -7.65 -6.13
C PHE A 46 -7.55 -8.08 -4.74
N ILE A 47 -8.81 -7.71 -4.37
CA ILE A 47 -9.33 -8.15 -3.09
C ILE A 47 -9.69 -9.64 -3.32
N ASN A 48 -10.16 -9.89 -4.57
CA ASN A 48 -10.53 -11.23 -4.99
C ASN A 48 -9.24 -12.03 -5.25
N ALA A 49 -8.18 -11.33 -5.73
CA ALA A 49 -6.94 -12.02 -6.00
C ALA A 49 -6.04 -11.96 -4.74
N ALA A 50 -6.60 -11.44 -3.62
CA ALA A 50 -5.85 -11.40 -2.37
C ALA A 50 -6.17 -12.71 -1.66
N ILE A 51 -7.31 -13.32 -2.04
CA ILE A 51 -7.68 -14.61 -1.49
C ILE A 51 -6.74 -15.62 -2.17
N GLU A 52 -6.52 -15.33 -3.47
CA GLU A 52 -5.70 -16.11 -4.37
C GLU A 52 -4.25 -16.17 -3.85
N THR A 53 -3.54 -15.01 -3.87
CA THR A 53 -2.14 -15.02 -3.45
C THR A 53 -2.08 -15.20 -1.94
N LYS A 54 -2.74 -14.23 -1.25
CA LYS A 54 -2.84 -14.15 0.21
C LYS A 54 -2.23 -12.82 0.66
N ALA A 55 -2.63 -11.72 -0.01
CA ALA A 55 -2.13 -10.38 0.25
C ALA A 55 -2.20 -10.08 1.75
N ASP A 56 -0.98 -10.09 2.35
CA ASP A 56 -0.81 -9.79 3.76
C ASP A 56 -0.84 -8.26 3.83
N LEU A 57 -0.22 -7.64 2.81
CA LEU A 57 -0.24 -6.18 2.76
C LEU A 57 -0.16 -5.80 1.29
N ILE A 58 -0.45 -4.48 1.09
CA ILE A 58 -0.43 -3.89 -0.24
C ILE A 58 0.17 -2.48 -0.06
N CYS A 59 0.83 -2.02 -1.16
CA CYS A 59 1.46 -0.70 -1.19
C CYS A 59 1.31 -0.19 -2.64
N VAL A 60 0.91 1.11 -2.69
CA VAL A 60 0.72 1.82 -3.95
C VAL A 60 1.94 2.72 -4.12
N SER A 61 2.48 2.72 -5.36
CA SER A 61 3.63 3.56 -5.66
C SER A 61 3.12 4.68 -6.62
N SER A 62 2.70 5.79 -5.97
CA SER A 62 2.19 6.99 -6.65
C SER A 62 1.19 7.62 -5.68
N LEU A 63 0.85 8.89 -6.01
CA LEU A 63 -0.08 9.69 -5.23
C LEU A 63 -1.49 9.08 -5.42
N TYR A 64 -2.45 9.96 -5.81
CA TYR A 64 -3.82 9.54 -6.01
C TYR A 64 -3.88 9.03 -7.45
N GLY A 65 -3.54 7.74 -7.52
CA GLY A 65 -3.53 6.96 -8.75
C GLY A 65 -4.08 5.58 -8.40
N GLN A 66 -5.15 5.68 -7.59
CA GLN A 66 -5.85 4.51 -7.09
C GLN A 66 -7.33 4.89 -6.97
N GLY A 67 -7.53 6.18 -6.66
CA GLY A 67 -8.88 6.72 -6.48
C GLY A 67 -9.34 6.44 -5.06
N GLU A 68 -10.46 7.13 -4.72
CA GLU A 68 -11.02 6.99 -3.39
C GLU A 68 -11.79 5.65 -3.28
N ILE A 69 -11.76 4.87 -4.39
CA ILE A 69 -12.42 3.58 -4.48
C ILE A 69 -11.44 2.57 -3.90
N ASP A 70 -10.17 2.68 -4.35
CA ASP A 70 -9.11 1.79 -3.90
C ASP A 70 -8.77 2.17 -2.45
N CYS A 71 -9.00 3.46 -2.11
CA CYS A 71 -8.74 3.91 -0.75
C CYS A 71 -9.78 3.21 0.13
N LYS A 72 -11.06 3.27 -0.34
CA LYS A 72 -12.16 2.63 0.38
C LYS A 72 -12.32 1.19 -0.13
N GLY A 73 -11.21 0.66 -0.63
CA GLY A 73 -11.12 -0.69 -1.15
C GLY A 73 -10.60 -1.61 -0.04
N LEU A 74 -9.71 -0.99 0.74
CA LEU A 74 -9.06 -1.63 1.87
C LEU A 74 -9.95 -1.41 3.10
N ARG A 75 -10.69 -0.28 3.08
CA ARG A 75 -11.59 0.02 4.19
C ARG A 75 -12.80 -0.92 4.04
N GLU A 76 -13.01 -1.36 2.78
CA GLU A 76 -14.08 -2.29 2.44
C GLU A 76 -13.57 -3.70 2.78
N LYS A 77 -12.23 -3.88 2.68
CA LYS A 77 -11.57 -5.15 2.95
C LYS A 77 -11.49 -5.37 4.48
N CYS A 78 -11.72 -4.26 5.23
CA CYS A 78 -11.67 -4.23 6.69
C CYS A 78 -13.05 -4.54 7.18
N ASP A 79 -13.92 -3.79 6.51
CA ASP A 79 -15.35 -3.80 6.69
C ASP A 79 -15.91 -5.11 6.10
N GLU A 80 -14.98 -5.88 5.50
CA GLU A 80 -15.27 -7.17 4.94
C GLU A 80 -15.24 -8.13 6.12
N ALA A 81 -14.05 -8.05 6.79
CA ALA A 81 -13.73 -8.85 7.95
C ALA A 81 -13.75 -10.32 7.50
N GLY A 82 -13.06 -10.53 6.34
CA GLY A 82 -12.97 -11.84 5.73
C GLY A 82 -11.72 -11.91 4.85
N LEU A 83 -11.55 -10.80 4.07
CA LEU A 83 -10.41 -10.67 3.19
C LEU A 83 -9.26 -10.24 4.11
N LYS A 84 -8.21 -11.10 4.09
CA LYS A 84 -7.04 -10.86 4.91
C LYS A 84 -6.15 -9.91 4.10
N GLY A 85 -5.66 -8.90 4.83
CA GLY A 85 -4.79 -7.87 4.27
C GLY A 85 -5.21 -6.49 4.76
N ILE A 86 -5.21 -6.37 6.10
CA ILE A 86 -5.58 -5.14 6.78
C ILE A 86 -4.29 -4.51 7.28
N LYS A 87 -3.32 -4.47 6.35
CA LYS A 87 -2.00 -3.90 6.59
C LYS A 87 -1.69 -3.24 5.26
N LEU A 88 -1.54 -1.91 5.36
CA LEU A 88 -1.30 -1.14 4.16
C LEU A 88 -0.26 -0.09 4.53
N PHE A 89 0.46 0.25 3.45
CA PHE A 89 1.49 1.26 3.50
C PHE A 89 1.27 1.98 2.17
N VAL A 90 0.43 3.03 2.26
CA VAL A 90 0.07 3.76 1.06
C VAL A 90 1.06 4.91 0.83
N GLY A 91 1.96 4.51 -0.09
CA GLY A 91 2.99 5.43 -0.53
C GLY A 91 2.40 6.42 -1.52
N GLY A 92 2.30 7.67 -1.00
CA GLY A 92 1.73 8.77 -1.76
C GLY A 92 0.30 9.03 -1.28
N ASN A 93 -0.64 8.52 -2.12
CA ASN A 93 -2.08 8.63 -1.92
C ASN A 93 -2.39 10.13 -2.02
N ILE A 94 -2.63 10.74 -0.84
CA ILE A 94 -2.92 12.16 -0.75
C ILE A 94 -1.60 12.77 -0.27
N VAL A 95 -1.15 13.74 -1.07
CA VAL A 95 0.09 14.46 -0.82
C VAL A 95 -0.15 15.49 0.30
N VAL A 96 0.97 16.15 0.66
CA VAL A 96 1.06 17.18 1.69
C VAL A 96 0.26 16.81 2.95
N GLY A 97 0.63 15.63 3.47
CA GLY A 97 0.00 15.09 4.67
C GLY A 97 0.68 13.78 5.04
N LYS A 98 0.82 13.62 6.37
CA LYS A 98 1.44 12.43 6.94
C LYS A 98 1.20 12.55 8.44
N GLN A 99 0.25 11.70 8.89
CA GLN A 99 -0.21 11.60 10.27
C GLN A 99 -1.44 12.50 10.37
N ASN A 100 -1.23 13.77 9.92
CA ASN A 100 -2.26 14.77 9.91
C ASN A 100 -2.92 14.60 8.54
N TRP A 101 -4.27 14.53 8.58
CA TRP A 101 -5.02 14.33 7.34
C TRP A 101 -6.30 15.16 7.47
N PRO A 102 -6.92 15.49 6.29
CA PRO A 102 -8.17 16.24 6.26
C PRO A 102 -9.30 15.29 6.76
N ASP A 103 -10.51 15.53 6.22
CA ASP A 103 -11.71 14.77 6.56
C ASP A 103 -11.61 13.37 5.94
N VAL A 104 -10.78 13.27 4.88
CA VAL A 104 -10.58 12.01 4.17
C VAL A 104 -10.10 10.91 5.11
N GLU A 105 -8.84 11.03 5.60
CA GLU A 105 -8.36 9.99 6.49
C GLU A 105 -8.72 10.37 7.93
N GLN A 106 -9.75 11.23 8.13
CA GLN A 106 -10.15 11.53 9.51
C GLN A 106 -10.91 10.27 9.98
N ARG A 107 -11.73 9.79 9.02
CA ARG A 107 -12.52 8.59 9.22
C ARG A 107 -11.59 7.39 9.00
N PHE A 108 -10.59 7.56 8.10
CA PHE A 108 -9.68 6.46 7.86
C PHE A 108 -8.46 6.60 8.80
N LYS A 109 -8.57 7.46 9.84
CA LYS A 109 -7.52 7.63 10.85
C LYS A 109 -7.87 6.59 11.92
N ALA A 110 -9.20 6.53 12.17
CA ALA A 110 -9.81 5.62 13.12
C ALA A 110 -9.47 4.19 12.69
N MET A 111 -9.43 4.02 11.34
CA MET A 111 -9.07 2.73 10.76
C MET A 111 -7.54 2.71 10.83
N GLY A 112 -6.98 3.74 10.16
CA GLY A 112 -5.55 4.05 10.04
C GLY A 112 -4.57 2.87 10.04
N PHE A 113 -4.98 1.79 9.33
CA PHE A 113 -4.13 0.62 9.22
C PHE A 113 -3.14 0.87 8.05
N ASP A 114 -3.38 2.00 7.35
CA ASP A 114 -2.59 2.44 6.23
C ASP A 114 -1.71 3.58 6.76
N ARG A 115 -0.40 3.47 6.43
CA ARG A 115 0.57 4.47 6.83
C ARG A 115 0.91 5.13 5.48
N VAL A 116 1.85 6.10 5.51
CA VAL A 116 2.18 6.75 4.25
C VAL A 116 3.68 7.01 4.18
N TYR A 117 4.06 7.21 2.89
CA TYR A 117 5.47 7.48 2.60
C TYR A 117 5.51 9.01 2.44
N PRO A 118 6.71 9.62 2.70
CA PRO A 118 6.89 11.06 2.62
C PRO A 118 6.90 11.43 1.14
N PRO A 119 6.63 12.74 0.85
CA PRO A 119 6.63 13.27 -0.51
C PRO A 119 8.13 13.35 -0.86
N GLY A 120 8.44 12.53 -1.89
CA GLY A 120 9.80 12.38 -2.40
C GLY A 120 10.20 10.94 -2.07
N THR A 121 10.77 10.26 -3.10
CA THR A 121 11.15 8.88 -2.88
C THR A 121 12.39 8.88 -2.01
N SER A 122 12.46 7.66 -1.46
CA SER A 122 13.46 7.24 -0.54
C SER A 122 13.14 5.75 -0.41
N PRO A 123 14.12 4.89 -0.77
CA PRO A 123 13.91 3.45 -0.70
C PRO A 123 14.08 3.00 0.76
N GLU A 124 14.46 3.98 1.62
CA GLU A 124 14.69 3.85 3.03
C GLU A 124 13.35 3.49 3.69
N THR A 125 12.29 4.13 3.13
CA THR A 125 10.95 3.93 3.63
C THR A 125 10.48 2.54 3.20
N THR A 126 11.08 1.99 2.11
CA THR A 126 10.60 0.68 1.69
C THR A 126 11.27 -0.41 2.53
N ILE A 127 12.48 -0.09 3.07
CA ILE A 127 13.09 -1.08 3.94
C ILE A 127 12.18 -1.12 5.18
N ALA A 128 11.48 0.03 5.38
CA ALA A 128 10.56 0.21 6.45
C ALA A 128 9.18 -0.29 6.00
N ASP A 129 9.01 -0.67 4.71
CA ASP A 129 7.71 -1.16 4.26
C ASP A 129 7.37 -2.42 5.07
N MET A 130 8.30 -3.40 4.93
CA MET A 130 8.10 -4.68 5.58
C MET A 130 8.67 -4.68 7.01
N LYS A 131 9.44 -3.63 7.40
CA LYS A 131 10.01 -3.66 8.74
C LYS A 131 9.03 -2.99 9.71
N GLU A 132 8.58 -1.78 9.32
CA GLU A 132 7.68 -0.98 10.15
C GLU A 132 6.45 -1.80 10.53
N VAL A 133 5.87 -2.40 9.49
CA VAL A 133 4.67 -3.21 9.68
C VAL A 133 4.98 -4.52 10.44
N LEU A 134 5.85 -5.34 9.80
CA LEU A 134 6.22 -6.63 10.35
C LEU A 134 7.45 -6.49 11.25
N GLY A 135 7.37 -5.56 12.22
CA GLY A 135 8.46 -5.35 13.15
C GLY A 135 8.01 -4.51 14.34
N VAL A 136 7.93 -3.19 14.06
CA VAL A 136 7.49 -2.25 15.09
C VAL A 136 7.15 -0.93 14.42
N GLU A 137 6.19 -0.25 15.09
CA GLU A 137 5.69 1.02 14.60
C GLU A 137 5.26 1.79 15.86
N MET A 1 0.18 -14.84 11.23
CA MET A 1 0.26 -13.56 11.90
C MET A 1 1.03 -12.66 10.94
N GLU A 2 2.37 -12.85 10.96
CA GLU A 2 3.27 -12.08 10.10
C GLU A 2 3.50 -12.98 8.89
N LYS A 3 2.47 -12.91 8.01
CA LYS A 3 2.40 -13.66 6.79
C LYS A 3 3.29 -12.96 5.76
N LYS A 4 3.61 -13.81 4.75
CA LYS A 4 4.50 -13.41 3.67
C LYS A 4 3.72 -13.52 2.35
N THR A 5 3.44 -12.31 1.83
CA THR A 5 2.72 -12.09 0.57
C THR A 5 2.57 -10.55 0.57
N ILE A 6 3.67 -9.98 0.04
CA ILE A 6 3.87 -8.57 -0.04
C ILE A 6 3.76 -8.27 -1.53
N VAL A 7 2.60 -7.64 -1.83
CA VAL A 7 2.21 -7.28 -3.17
C VAL A 7 2.18 -5.77 -3.35
N LEU A 8 2.93 -5.36 -4.40
CA LEU A 8 3.02 -3.94 -4.75
C LEU A 8 2.61 -3.84 -6.23
N GLY A 9 2.10 -2.62 -6.50
CA GLY A 9 1.62 -2.20 -7.82
C GLY A 9 1.03 -0.79 -7.70
N VAL A 10 0.65 -0.20 -8.87
CA VAL A 10 0.08 1.14 -8.89
C VAL A 10 0.04 1.84 -10.27
N ILE A 11 0.69 3.06 -10.29
CA ILE A 11 0.72 3.84 -11.52
C ILE A 11 1.76 4.95 -11.28
N GLY A 12 1.53 6.10 -11.96
CA GLY A 12 2.44 7.21 -11.79
C GLY A 12 2.07 8.36 -12.73
N SER A 13 3.15 8.97 -13.23
CA SER A 13 3.03 10.10 -14.11
C SER A 13 4.42 10.25 -14.73
N ASP A 14 5.37 10.52 -13.81
CA ASP A 14 6.76 10.72 -14.18
C ASP A 14 7.38 9.33 -14.40
N CYS A 15 8.40 9.30 -15.29
CA CYS A 15 9.12 8.07 -15.58
C CYS A 15 8.16 7.15 -16.35
N HIS A 16 7.69 6.06 -15.68
CA HIS A 16 6.81 5.17 -16.40
C HIS A 16 6.13 4.29 -15.34
N ALA A 17 5.72 4.98 -14.24
CA ALA A 17 5.04 4.31 -13.13
C ALA A 17 5.99 3.25 -12.57
N VAL A 18 7.29 3.63 -12.46
CA VAL A 18 8.27 2.69 -11.89
C VAL A 18 7.86 2.26 -10.46
N GLY A 19 7.42 0.99 -10.40
CA GLY A 19 7.00 0.32 -9.17
C GLY A 19 8.15 -0.55 -8.62
N ASN A 20 9.04 -0.88 -9.59
CA ASN A 20 10.25 -1.67 -9.41
C ASN A 20 10.87 -1.16 -8.11
N LYS A 21 10.99 0.21 -8.16
CA LYS A 21 11.40 1.32 -7.31
C LYS A 21 11.53 0.82 -5.90
N ILE A 22 12.40 -0.18 -5.92
CA ILE A 22 12.90 -1.07 -4.94
C ILE A 22 11.83 -1.28 -3.86
N LEU A 23 10.59 -1.45 -4.40
CA LEU A 23 9.44 -1.74 -3.57
C LEU A 23 9.53 -3.25 -3.36
N ASP A 24 9.99 -3.92 -4.44
CA ASP A 24 10.18 -5.36 -4.40
C ASP A 24 11.49 -5.60 -3.62
N HIS A 25 12.19 -4.51 -3.22
CA HIS A 25 13.41 -4.70 -2.48
C HIS A 25 12.99 -5.07 -1.04
N SER A 26 11.88 -4.42 -0.65
CA SER A 26 11.26 -4.52 0.66
C SER A 26 10.93 -5.97 0.99
N PHE A 27 10.36 -6.64 -0.04
CA PHE A 27 9.94 -8.04 0.15
C PHE A 27 11.16 -8.86 0.64
N THR A 28 12.26 -8.56 -0.05
CA THR A 28 13.55 -9.21 0.13
C THR A 28 14.22 -8.82 1.44
N ASN A 29 13.86 -7.62 1.86
CA ASN A 29 14.34 -6.95 3.03
C ASN A 29 13.65 -7.52 4.26
N ALA A 30 12.73 -8.49 4.05
CA ALA A 30 12.08 -9.08 5.20
C ALA A 30 11.97 -10.58 4.95
N GLY A 31 12.65 -11.06 3.88
CA GLY A 31 12.64 -12.47 3.54
C GLY A 31 11.22 -13.04 3.36
N PHE A 32 10.35 -12.14 2.86
CA PHE A 32 8.95 -12.53 2.66
C PHE A 32 8.81 -12.88 1.17
N ASN A 33 7.55 -13.27 0.85
CA ASN A 33 7.14 -13.68 -0.47
C ASN A 33 7.01 -12.41 -1.31
N VAL A 34 7.40 -12.62 -2.57
CA VAL A 34 7.38 -11.60 -3.62
C VAL A 34 6.12 -11.84 -4.45
N VAL A 35 5.38 -10.72 -4.56
CA VAL A 35 4.17 -10.65 -5.35
C VAL A 35 4.20 -9.27 -6.03
N ASN A 36 4.00 -9.33 -7.36
CA ASN A 36 4.01 -8.10 -8.14
C ASN A 36 2.97 -8.32 -9.22
N ILE A 37 2.13 -7.26 -9.33
CA ILE A 37 1.06 -7.26 -10.31
C ILE A 37 1.62 -6.48 -11.49
N GLY A 38 1.42 -5.15 -11.41
CA GLY A 38 1.89 -4.25 -12.45
C GLY A 38 1.31 -2.86 -12.21
N VAL A 39 0.88 -2.25 -13.33
CA VAL A 39 0.28 -0.92 -13.30
C VAL A 39 -1.25 -1.00 -13.17
N LEU A 40 -1.76 -2.25 -13.07
CA LEU A 40 -3.19 -2.47 -12.90
C LEU A 40 -3.39 -2.39 -11.40
N SER A 41 -3.82 -1.18 -10.98
CA SER A 41 -4.04 -0.91 -9.57
C SER A 41 -5.53 -1.09 -9.32
N SER A 42 -6.00 -2.30 -9.71
CA SER A 42 -7.37 -2.68 -9.51
C SER A 42 -7.35 -3.33 -8.13
N GLN A 43 -7.51 -2.44 -7.12
CA GLN A 43 -7.44 -2.83 -5.72
C GLN A 43 -8.62 -3.75 -5.37
N GLU A 44 -9.83 -3.32 -5.81
CA GLU A 44 -11.05 -4.05 -5.49
C GLU A 44 -11.01 -5.43 -6.17
N ASP A 45 -10.46 -5.47 -7.40
CA ASP A 45 -10.38 -6.74 -8.10
C ASP A 45 -9.22 -7.53 -7.50
N PHE A 46 -8.28 -6.81 -6.85
CA PHE A 46 -7.16 -7.50 -6.24
C PHE A 46 -7.59 -7.95 -4.83
N ILE A 47 -8.85 -7.61 -4.43
CA ILE A 47 -9.32 -8.08 -3.13
C ILE A 47 -9.66 -9.57 -3.36
N ASN A 48 -10.16 -9.81 -4.60
CA ASN A 48 -10.53 -11.16 -5.01
C ASN A 48 -9.23 -11.94 -5.31
N ALA A 49 -8.18 -11.21 -5.80
CA ALA A 49 -6.93 -11.87 -6.10
C ALA A 49 -6.01 -11.81 -4.87
N ALA A 50 -6.54 -11.29 -3.74
CA ALA A 50 -5.77 -11.24 -2.50
C ALA A 50 -6.07 -12.54 -1.78
N ILE A 51 -7.18 -13.19 -2.17
CA ILE A 51 -7.52 -14.49 -1.60
C ILE A 51 -6.58 -15.47 -2.31
N GLU A 52 -6.41 -15.18 -3.61
CA GLU A 52 -5.59 -15.94 -4.54
C GLU A 52 -4.14 -15.98 -4.05
N THR A 53 -3.43 -14.81 -4.09
CA THR A 53 -2.02 -14.81 -3.70
C THR A 53 -1.94 -15.02 -2.19
N LYS A 54 -2.66 -14.12 -1.48
CA LYS A 54 -2.78 -14.11 -0.01
C LYS A 54 -2.19 -12.78 0.48
N ALA A 55 -2.60 -11.67 -0.17
CA ALA A 55 -2.11 -10.32 0.13
C ALA A 55 -2.21 -10.06 1.64
N ASP A 56 -0.98 -10.06 2.21
CA ASP A 56 -0.74 -9.80 3.62
C ASP A 56 -0.79 -8.26 3.72
N LEU A 57 -0.22 -7.61 2.67
CA LEU A 57 -0.27 -6.16 2.64
C LEU A 57 -0.18 -5.75 1.17
N ILE A 58 -0.53 -4.45 0.99
CA ILE A 58 -0.53 -3.85 -0.34
C ILE A 58 0.07 -2.44 -0.17
N CYS A 59 0.85 -2.06 -1.21
CA CYS A 59 1.51 -0.75 -1.22
C CYS A 59 1.35 -0.21 -2.66
N VAL A 60 0.94 1.09 -2.70
CA VAL A 60 0.75 1.80 -3.95
C VAL A 60 1.97 2.72 -4.14
N SER A 61 2.49 2.72 -5.39
CA SER A 61 3.63 3.57 -5.69
C SER A 61 3.12 4.68 -6.65
N SER A 62 2.71 5.79 -5.99
CA SER A 62 2.19 6.99 -6.68
C SER A 62 1.19 7.62 -5.69
N LEU A 63 0.84 8.90 -6.02
CA LEU A 63 -0.09 9.68 -5.23
C LEU A 63 -1.48 9.06 -5.42
N TYR A 64 -2.45 9.92 -5.80
CA TYR A 64 -3.81 9.51 -5.99
C TYR A 64 -3.89 8.97 -7.43
N GLY A 65 -3.51 7.69 -7.48
CA GLY A 65 -3.48 6.88 -8.69
C GLY A 65 -4.06 5.51 -8.34
N GLN A 66 -5.14 5.62 -7.55
CA GLN A 66 -5.85 4.47 -7.04
C GLN A 66 -7.33 4.86 -6.92
N GLY A 67 -7.52 6.16 -6.62
CA GLY A 67 -8.85 6.70 -6.45
C GLY A 67 -9.33 6.44 -5.02
N GLU A 68 -10.44 7.12 -4.69
CA GLU A 68 -11.00 6.99 -3.35
C GLU A 68 -11.77 5.66 -3.26
N ILE A 69 -11.77 4.88 -4.37
CA ILE A 69 -12.43 3.60 -4.45
C ILE A 69 -11.46 2.57 -3.85
N ASP A 70 -10.19 2.68 -4.30
CA ASP A 70 -9.14 1.78 -3.85
C ASP A 70 -8.80 2.15 -2.40
N CYS A 71 -9.03 3.46 -2.06
CA CYS A 71 -8.77 3.90 -0.70
C CYS A 71 -9.82 3.22 0.18
N LYS A 72 -11.09 3.29 -0.30
CA LYS A 72 -12.20 2.66 0.43
C LYS A 72 -12.38 1.23 -0.08
N GLY A 73 -11.27 0.68 -0.58
CA GLY A 73 -11.20 -0.68 -1.10
C GLY A 73 -10.66 -1.59 0.00
N LEU A 74 -9.76 -0.96 0.79
CA LEU A 74 -9.11 -1.58 1.92
C LEU A 74 -9.99 -1.38 3.14
N ARG A 75 -10.75 -0.26 3.14
CA ARG A 75 -11.64 0.03 4.25
C ARG A 75 -12.85 -0.93 4.09
N GLU A 76 -13.06 -1.36 2.82
CA GLU A 76 -14.11 -2.30 2.48
C GLU A 76 -13.58 -3.70 2.81
N LYS A 77 -12.23 -3.87 2.72
CA LYS A 77 -11.56 -5.13 2.98
C LYS A 77 -11.50 -5.35 4.52
N CYS A 78 -11.74 -4.26 5.27
CA CYS A 78 -11.71 -4.23 6.72
C CYS A 78 -13.09 -4.56 7.21
N ASP A 79 -13.96 -3.82 6.54
CA ASP A 79 -15.40 -3.86 6.70
C ASP A 79 -15.94 -5.17 6.10
N GLU A 80 -14.99 -5.92 5.52
CA GLU A 80 -15.26 -7.21 4.95
C GLU A 80 -15.21 -8.18 6.13
N ALA A 81 -14.03 -8.08 6.78
CA ALA A 81 -13.69 -8.89 7.95
C ALA A 81 -13.70 -10.36 7.48
N GLY A 82 -13.02 -10.56 6.33
CA GLY A 82 -12.92 -11.87 5.71
C GLY A 82 -11.69 -11.93 4.81
N LEU A 83 -11.53 -10.82 4.05
CA LEU A 83 -10.40 -10.68 3.15
C LEU A 83 -9.23 -10.26 4.05
N LYS A 84 -8.19 -11.13 4.00
CA LYS A 84 -7.00 -10.92 4.81
C LYS A 84 -6.11 -9.98 3.99
N GLY A 85 -5.57 -9.00 4.73
CA GLY A 85 -4.69 -7.98 4.16
C GLY A 85 -5.12 -6.60 4.62
N ILE A 86 -5.22 -6.48 5.96
CA ILE A 86 -5.62 -5.24 6.61
C ILE A 86 -4.33 -4.63 7.19
N LYS A 87 -3.38 -4.49 6.25
CA LYS A 87 -2.07 -3.92 6.50
C LYS A 87 -1.76 -3.25 5.17
N LEU A 88 -1.60 -1.92 5.28
CA LEU A 88 -1.35 -1.15 4.08
C LEU A 88 -0.31 -0.12 4.45
N PHE A 89 0.42 0.23 3.38
CA PHE A 89 1.46 1.23 3.45
C PHE A 89 1.26 1.97 2.12
N VAL A 90 0.40 3.00 2.22
CA VAL A 90 0.05 3.75 1.03
C VAL A 90 1.05 4.90 0.80
N GLY A 91 1.96 4.50 -0.11
CA GLY A 91 3.00 5.43 -0.55
C GLY A 91 2.40 6.42 -1.53
N GLY A 92 2.30 7.66 -1.02
CA GLY A 92 1.75 8.77 -1.77
C GLY A 92 0.32 9.03 -1.30
N ASN A 93 -0.62 8.52 -2.13
CA ASN A 93 -2.06 8.63 -1.93
C ASN A 93 -2.37 10.14 -2.02
N ILE A 94 -2.61 10.74 -0.85
CA ILE A 94 -2.91 12.16 -0.75
C ILE A 94 -1.59 12.78 -0.27
N VAL A 95 -1.14 13.76 -1.07
CA VAL A 95 0.10 14.47 -0.81
C VAL A 95 -0.16 15.49 0.31
N VAL A 96 0.97 16.16 0.67
CA VAL A 96 1.04 17.19 1.71
C VAL A 96 0.25 16.81 2.97
N GLY A 97 0.63 15.62 3.48
CA GLY A 97 0.01 15.08 4.66
C GLY A 97 0.68 13.75 5.03
N LYS A 98 0.83 13.58 6.36
CA LYS A 98 1.45 12.39 6.91
C LYS A 98 1.22 12.51 8.42
N GLN A 99 0.25 11.67 8.87
CA GLN A 99 -0.21 11.57 10.25
C GLN A 99 -1.44 12.49 10.35
N ASN A 100 -1.22 13.74 9.89
CA ASN A 100 -2.24 14.76 9.88
C ASN A 100 -2.91 14.59 8.51
N TRP A 101 -4.25 14.52 8.56
CA TRP A 101 -5.00 14.32 7.34
C TRP A 101 -6.28 15.15 7.46
N PRO A 102 -6.91 15.48 6.28
CA PRO A 102 -8.16 16.23 6.25
C PRO A 102 -9.28 15.29 6.76
N ASP A 103 -10.49 15.53 6.21
CA ASP A 103 -11.69 14.78 6.57
C ASP A 103 -11.60 13.37 5.96
N VAL A 104 -10.78 13.26 4.89
CA VAL A 104 -10.58 12.01 4.18
C VAL A 104 -10.09 10.91 5.13
N GLU A 105 -8.84 11.03 5.61
CA GLU A 105 -8.36 9.99 6.50
C GLU A 105 -8.71 10.38 7.94
N GLN A 106 -9.74 11.25 8.15
CA GLN A 106 -10.13 11.55 9.53
C GLN A 106 -10.88 10.29 10.00
N ARG A 107 -11.71 9.80 9.05
CA ARG A 107 -12.52 8.61 9.25
C ARG A 107 -11.59 7.41 9.04
N PHE A 108 -10.59 7.58 8.13
CA PHE A 108 -9.68 6.46 7.90
C PHE A 108 -8.45 6.61 8.83
N LYS A 109 -8.57 7.47 9.87
CA LYS A 109 -7.50 7.64 10.86
C LYS A 109 -7.84 6.60 11.94
N ALA A 110 -9.17 6.54 12.19
CA ALA A 110 -9.78 5.64 13.16
C ALA A 110 -9.45 4.20 12.71
N MET A 111 -9.42 4.03 11.37
CA MET A 111 -9.08 2.74 10.79
C MET A 111 -7.55 2.70 10.84
N GLY A 112 -6.98 3.73 10.16
CA GLY A 112 -5.57 4.04 10.03
C GLY A 112 -4.58 2.86 10.04
N PHE A 113 -5.00 1.78 9.33
CA PHE A 113 -4.14 0.60 9.22
C PHE A 113 -3.17 0.85 8.05
N ASP A 114 -3.41 1.98 7.35
CA ASP A 114 -2.61 2.42 6.22
C ASP A 114 -1.72 3.54 6.76
N ARG A 115 -0.42 3.42 6.41
CA ARG A 115 0.56 4.42 6.79
C ARG A 115 0.90 5.08 5.46
N VAL A 116 1.83 6.06 5.48
CA VAL A 116 2.17 6.71 4.23
C VAL A 116 3.67 6.96 4.15
N TYR A 117 4.06 7.17 2.88
CA TYR A 117 5.46 7.46 2.59
C TYR A 117 5.50 8.98 2.44
N PRO A 118 6.71 9.57 2.70
CA PRO A 118 6.90 11.02 2.63
C PRO A 118 6.91 11.40 1.14
N PRO A 119 6.66 12.72 0.87
CA PRO A 119 6.66 13.25 -0.50
C PRO A 119 8.16 13.29 -0.86
N GLY A 120 8.46 12.48 -1.89
CA GLY A 120 9.80 12.31 -2.40
C GLY A 120 10.21 10.87 -2.07
N THR A 121 10.78 10.19 -3.09
CA THR A 121 11.16 8.80 -2.87
C THR A 121 12.39 8.79 -1.99
N SER A 122 12.46 7.58 -1.44
CA SER A 122 13.46 7.17 -0.51
C SER A 122 13.14 5.68 -0.37
N PRO A 123 14.14 4.82 -0.72
CA PRO A 123 13.95 3.38 -0.64
C PRO A 123 14.08 2.94 0.83
N GLU A 124 14.46 3.93 1.68
CA GLU A 124 14.67 3.81 3.10
C GLU A 124 13.32 3.45 3.74
N THR A 125 12.27 4.07 3.17
CA THR A 125 10.92 3.88 3.66
C THR A 125 10.45 2.49 3.22
N THR A 126 11.06 1.94 2.12
CA THR A 126 10.60 0.63 1.70
C THR A 126 11.25 -0.45 2.55
N ILE A 127 12.45 -0.14 3.10
CA ILE A 127 13.07 -1.13 3.97
C ILE A 127 12.14 -1.19 5.20
N ALA A 128 11.44 -0.03 5.39
CA ALA A 128 10.49 0.14 6.45
C ALA A 128 9.13 -0.35 5.99
N ASP A 129 8.97 -0.73 4.70
CA ASP A 129 7.67 -1.21 4.24
C ASP A 129 7.32 -2.48 5.04
N MET A 130 8.24 -3.45 4.90
CA MET A 130 8.04 -4.74 5.53
C MET A 130 8.59 -4.73 6.97
N LYS A 131 9.37 -3.70 7.38
CA LYS A 131 9.92 -3.74 8.73
C LYS A 131 8.93 -3.06 9.69
N GLU A 132 8.46 -1.85 9.29
CA GLU A 132 7.56 -1.06 10.11
C GLU A 132 6.35 -1.88 10.50
N VAL A 133 5.78 -2.52 9.46
CA VAL A 133 4.60 -3.35 9.67
C VAL A 133 4.94 -4.64 10.44
N LEU A 134 5.82 -5.45 9.81
CA LEU A 134 6.22 -6.74 10.36
C LEU A 134 7.46 -6.55 11.26
N GLY A 135 7.35 -5.62 12.23
CA GLY A 135 8.44 -5.39 13.15
C GLY A 135 7.97 -4.54 14.33
N VAL A 136 7.87 -3.23 14.04
CA VAL A 136 7.44 -2.29 15.07
C VAL A 136 7.07 -0.96 14.40
N GLU A 137 6.13 -0.28 15.07
CA GLU A 137 5.62 1.00 14.60
C GLU A 137 5.22 1.76 15.86
N MET A 1 1.26 -13.48 11.09
CA MET A 1 1.44 -12.16 11.65
C MET A 1 2.49 -11.48 10.78
N GLU A 2 3.68 -12.13 10.77
CA GLU A 2 4.82 -11.65 10.01
C GLU A 2 4.88 -12.51 8.74
N LYS A 3 3.68 -12.70 8.16
CA LYS A 3 3.46 -13.48 6.96
C LYS A 3 4.22 -12.79 5.82
N LYS A 4 4.75 -13.68 4.97
CA LYS A 4 5.56 -13.29 3.82
C LYS A 4 4.65 -13.26 2.60
N THR A 5 4.26 -12.02 2.20
CA THR A 5 3.39 -11.84 1.04
C THR A 5 3.16 -10.33 0.92
N ILE A 6 3.85 -9.75 -0.11
CA ILE A 6 3.77 -8.35 -0.43
C ILE A 6 3.58 -8.31 -1.94
N VAL A 7 2.36 -7.85 -2.29
CA VAL A 7 1.90 -7.69 -3.64
C VAL A 7 1.98 -6.20 -4.02
N LEU A 8 2.84 -5.97 -5.05
CA LEU A 8 3.11 -4.63 -5.53
C LEU A 8 2.09 -4.29 -6.63
N GLY A 9 2.00 -2.97 -6.83
CA GLY A 9 1.12 -2.33 -7.80
C GLY A 9 1.69 -0.94 -8.11
N VAL A 10 1.29 -0.38 -9.28
CA VAL A 10 1.80 0.93 -9.66
C VAL A 10 0.86 1.65 -10.64
N ILE A 11 0.60 2.93 -10.27
CA ILE A 11 -0.20 3.86 -11.07
C ILE A 11 0.65 5.14 -11.02
N GLY A 12 0.84 5.74 -12.23
CA GLY A 12 1.68 6.93 -12.26
C GLY A 12 1.43 7.81 -13.47
N SER A 13 2.20 8.91 -13.36
CA SER A 13 2.27 10.02 -14.26
C SER A 13 3.67 10.03 -14.87
N ASP A 14 4.37 8.87 -14.83
CA ASP A 14 5.71 8.86 -15.37
C ASP A 14 6.11 7.40 -15.54
N CYS A 15 6.66 7.12 -16.75
CA CYS A 15 7.12 5.76 -17.03
C CYS A 15 8.50 5.66 -16.37
N HIS A 16 8.56 4.76 -15.36
CA HIS A 16 9.78 4.50 -14.58
C HIS A 16 9.90 5.64 -13.57
N ALA A 17 10.35 5.23 -12.36
CA ALA A 17 10.57 6.12 -11.22
C ALA A 17 9.18 6.61 -10.80
N VAL A 18 8.46 5.65 -10.17
CA VAL A 18 7.10 5.93 -9.70
C VAL A 18 6.66 4.89 -8.64
N GLY A 19 7.59 4.54 -7.72
CA GLY A 19 7.29 3.58 -6.64
C GLY A 19 7.77 2.15 -6.94
N ASN A 20 7.81 1.87 -8.27
CA ASN A 20 8.26 0.59 -8.83
C ASN A 20 9.50 0.18 -8.01
N LYS A 21 10.33 1.27 -7.92
CA LYS A 21 11.59 1.70 -7.28
C LYS A 21 11.96 0.65 -6.27
N ILE A 22 12.05 -0.49 -6.93
CA ILE A 22 12.32 -1.79 -6.48
C ILE A 22 11.79 -1.91 -5.03
N LEU A 23 10.48 -1.56 -4.96
CA LEU A 23 9.72 -1.73 -3.72
C LEU A 23 9.59 -3.28 -3.64
N ASP A 24 9.65 -3.96 -4.83
CA ASP A 24 9.66 -5.41 -4.77
C ASP A 24 11.00 -5.84 -4.09
N HIS A 25 11.99 -4.92 -4.04
CA HIS A 25 13.27 -5.24 -3.40
C HIS A 25 13.03 -5.38 -1.89
N SER A 26 11.95 -4.69 -1.43
CA SER A 26 11.51 -4.69 -0.04
C SER A 26 11.27 -6.13 0.41
N PHE A 27 10.72 -6.90 -0.55
CA PHE A 27 10.42 -8.33 -0.34
C PHE A 27 11.71 -9.01 0.12
N THR A 28 12.75 -8.71 -0.67
CA THR A 28 14.08 -9.27 -0.51
C THR A 28 14.82 -8.73 0.70
N ASN A 29 14.35 -7.56 1.10
CA ASN A 29 14.88 -6.81 2.21
C ASN A 29 14.30 -7.36 3.50
N ALA A 30 13.45 -8.42 3.39
CA ALA A 30 12.93 -8.98 4.60
C ALA A 30 12.79 -10.49 4.39
N GLY A 31 13.41 -10.99 3.29
CA GLY A 31 13.39 -12.42 2.96
C GLY A 31 11.97 -13.00 2.92
N PHE A 32 11.05 -12.15 2.42
CA PHE A 32 9.65 -12.55 2.34
C PHE A 32 9.37 -13.01 0.91
N ASN A 33 8.05 -13.17 0.65
CA ASN A 33 7.52 -13.65 -0.62
C ASN A 33 7.19 -12.44 -1.49
N VAL A 34 7.54 -12.67 -2.77
CA VAL A 34 7.36 -11.70 -3.83
C VAL A 34 6.10 -12.05 -4.61
N VAL A 35 5.30 -10.98 -4.69
CA VAL A 35 4.06 -10.94 -5.42
C VAL A 35 4.03 -9.55 -6.08
N ASN A 36 3.49 -9.54 -7.30
CA ASN A 36 3.37 -8.29 -8.04
C ASN A 36 2.29 -8.54 -9.09
N ILE A 37 1.42 -7.51 -9.20
CA ILE A 37 0.32 -7.51 -10.15
C ILE A 37 0.90 -6.88 -11.41
N GLY A 38 1.18 -5.57 -11.24
CA GLY A 38 1.74 -4.74 -12.30
C GLY A 38 1.04 -3.37 -12.24
N VAL A 39 0.87 -2.81 -13.45
CA VAL A 39 0.22 -1.50 -13.59
C VAL A 39 -1.30 -1.77 -13.69
N LEU A 40 -1.95 -1.81 -12.50
CA LEU A 40 -3.37 -2.09 -12.47
C LEU A 40 -3.82 -1.68 -11.05
N SER A 41 -4.77 -0.70 -11.05
CA SER A 41 -5.33 -0.15 -9.82
C SER A 41 -6.67 -0.85 -9.57
N SER A 42 -6.70 -2.16 -9.90
CA SER A 42 -7.86 -2.98 -9.69
C SER A 42 -7.65 -3.54 -8.28
N GLN A 43 -8.33 -2.85 -7.33
CA GLN A 43 -8.17 -3.20 -5.94
C GLN A 43 -9.11 -4.37 -5.61
N GLU A 44 -10.41 -4.15 -5.91
CA GLU A 44 -11.46 -5.12 -5.61
C GLU A 44 -11.29 -6.42 -6.42
N ASP A 45 -10.52 -6.36 -7.53
CA ASP A 45 -10.37 -7.57 -8.33
C ASP A 45 -9.22 -8.38 -7.77
N PHE A 46 -8.16 -7.66 -7.33
CA PHE A 46 -7.02 -8.37 -6.79
C PHE A 46 -7.22 -8.57 -5.28
N ILE A 47 -8.46 -8.24 -4.81
CA ILE A 47 -8.81 -8.50 -3.42
C ILE A 47 -9.28 -9.96 -3.46
N ASN A 48 -9.90 -10.30 -4.63
CA ASN A 48 -10.36 -11.65 -4.86
C ASN A 48 -9.09 -12.52 -5.11
N ALA A 49 -8.02 -11.84 -5.62
CA ALA A 49 -6.76 -12.53 -5.88
C ALA A 49 -5.90 -12.48 -4.61
N ALA A 50 -6.36 -11.74 -3.57
CA ALA A 50 -5.61 -11.64 -2.32
C ALA A 50 -6.08 -12.78 -1.42
N ILE A 51 -7.15 -13.48 -1.83
CA ILE A 51 -7.63 -14.63 -1.08
C ILE A 51 -6.75 -15.79 -1.57
N GLU A 52 -6.57 -15.76 -2.92
CA GLU A 52 -5.79 -16.71 -3.69
C GLU A 52 -4.34 -16.68 -3.21
N THR A 53 -3.74 -15.47 -3.29
CA THR A 53 -2.35 -15.27 -2.90
C THR A 53 -2.24 -15.53 -1.40
N LYS A 54 -3.10 -14.76 -0.72
CA LYS A 54 -3.22 -14.73 0.73
C LYS A 54 -2.22 -13.62 1.13
N ALA A 55 -2.46 -12.48 0.46
CA ALA A 55 -1.70 -11.26 0.58
C ALA A 55 -1.86 -10.76 2.02
N ASP A 56 -0.67 -10.55 2.63
CA ASP A 56 -0.61 -10.10 4.01
C ASP A 56 -0.66 -8.56 3.98
N LEU A 57 -0.08 -7.99 2.90
CA LEU A 57 -0.08 -6.55 2.78
C LEU A 57 0.10 -6.25 1.29
N ILE A 58 -0.43 -5.06 0.94
CA ILE A 58 -0.35 -4.56 -0.43
C ILE A 58 0.54 -3.32 -0.37
N CYS A 59 0.92 -2.95 -1.60
CA CYS A 59 1.77 -1.79 -1.81
C CYS A 59 1.41 -1.33 -3.23
N VAL A 60 0.56 -0.28 -3.27
CA VAL A 60 0.15 0.31 -4.53
C VAL A 60 0.93 1.61 -4.55
N SER A 61 1.48 1.91 -5.74
CA SER A 61 2.28 3.11 -5.83
C SER A 61 1.36 4.12 -6.44
N SER A 62 1.22 5.28 -5.75
CA SER A 62 0.30 6.23 -6.34
C SER A 62 0.66 7.61 -5.80
N LEU A 63 -0.11 8.56 -6.38
CA LEU A 63 0.02 9.97 -6.09
C LEU A 63 -1.37 10.57 -6.35
N TYR A 64 -2.39 9.89 -5.76
CA TYR A 64 -3.79 10.28 -5.84
C TYR A 64 -4.26 9.97 -7.27
N GLY A 65 -3.67 8.89 -7.83
CA GLY A 65 -3.98 8.38 -9.16
C GLY A 65 -4.62 6.99 -9.07
N GLN A 66 -4.71 6.49 -7.81
CA GLN A 66 -5.30 5.19 -7.53
C GLN A 66 -6.82 5.42 -7.34
N GLY A 67 -7.16 6.71 -7.10
CA GLY A 67 -8.52 7.14 -6.88
C GLY A 67 -8.96 6.82 -5.45
N GLU A 68 -10.20 7.24 -5.15
CA GLU A 68 -10.78 6.99 -3.84
C GLU A 68 -11.51 5.64 -3.88
N ILE A 69 -11.16 4.82 -4.90
CA ILE A 69 -11.71 3.50 -5.13
C ILE A 69 -10.78 2.56 -4.35
N ASP A 70 -9.48 2.72 -4.67
CA ASP A 70 -8.43 1.94 -4.06
C ASP A 70 -8.29 2.41 -2.61
N CYS A 71 -8.67 3.69 -2.37
CA CYS A 71 -8.59 4.24 -1.03
C CYS A 71 -9.62 3.47 -0.19
N LYS A 72 -10.89 3.50 -0.67
CA LYS A 72 -11.98 2.82 0.02
C LYS A 72 -12.11 1.40 -0.51
N GLY A 73 -10.96 0.85 -0.93
CA GLY A 73 -10.86 -0.50 -1.45
C GLY A 73 -10.37 -1.43 -0.33
N LEU A 74 -9.42 -0.86 0.44
CA LEU A 74 -8.82 -1.57 1.56
C LEU A 74 -9.67 -1.28 2.81
N ARG A 75 -10.41 -0.14 2.76
CA ARG A 75 -11.27 0.19 3.89
C ARG A 75 -12.49 -0.73 3.78
N GLU A 76 -12.80 -1.09 2.50
CA GLU A 76 -13.90 -1.98 2.20
C GLU A 76 -13.44 -3.42 2.52
N LYS A 77 -12.11 -3.66 2.44
CA LYS A 77 -11.51 -4.96 2.70
C LYS A 77 -11.52 -5.23 4.23
N CYS A 78 -11.69 -4.13 5.01
CA CYS A 78 -11.69 -4.18 6.46
C CYS A 78 -13.11 -4.41 6.91
N ASP A 79 -13.91 -3.59 6.24
CA ASP A 79 -15.34 -3.53 6.37
C ASP A 79 -15.95 -4.76 5.68
N GLU A 80 -15.05 -5.59 5.14
CA GLU A 80 -15.39 -6.83 4.51
C GLU A 80 -15.49 -7.82 5.66
N ALA A 81 -14.34 -7.85 6.37
CA ALA A 81 -14.12 -8.71 7.53
C ALA A 81 -14.22 -10.17 7.03
N GLY A 82 -13.53 -10.37 5.88
CA GLY A 82 -13.49 -11.66 5.20
C GLY A 82 -12.17 -11.78 4.42
N LEU A 83 -11.85 -10.66 3.74
CA LEU A 83 -10.64 -10.56 2.96
C LEU A 83 -9.54 -10.28 3.99
N LYS A 84 -8.57 -11.22 4.01
CA LYS A 84 -7.45 -11.13 4.94
C LYS A 84 -6.46 -10.14 4.31
N GLY A 85 -5.96 -9.27 5.22
CA GLY A 85 -5.02 -8.21 4.89
C GLY A 85 -5.63 -6.89 5.35
N ILE A 86 -4.87 -6.20 6.23
CA ILE A 86 -5.34 -4.94 6.76
C ILE A 86 -4.11 -4.06 7.05
N LYS A 87 -3.09 -4.25 6.18
CA LYS A 87 -1.85 -3.50 6.27
C LYS A 87 -1.55 -3.16 4.83
N LEU A 88 -1.52 -1.83 4.59
CA LEU A 88 -1.33 -1.32 3.24
C LEU A 88 -0.38 -0.14 3.41
N PHE A 89 0.85 -0.32 2.86
CA PHE A 89 1.83 0.74 2.97
C PHE A 89 1.80 1.45 1.60
N VAL A 90 0.90 2.44 1.58
CA VAL A 90 0.62 3.24 0.41
C VAL A 90 1.53 4.45 0.36
N GLY A 91 2.64 4.17 -0.33
CA GLY A 91 3.61 5.23 -0.58
C GLY A 91 3.03 6.26 -1.57
N GLY A 92 3.40 7.51 -1.25
CA GLY A 92 2.95 8.67 -2.00
C GLY A 92 1.57 9.05 -1.47
N ASN A 93 0.58 8.32 -2.03
CA ASN A 93 -0.84 8.44 -1.69
C ASN A 93 -1.26 9.88 -2.02
N ILE A 94 -1.48 10.67 -0.95
CA ILE A 94 -1.90 12.06 -1.07
C ILE A 94 -0.75 12.85 -0.42
N VAL A 95 -0.59 14.08 -0.97
CA VAL A 95 0.44 15.01 -0.53
C VAL A 95 -0.10 15.83 0.65
N VAL A 96 0.74 16.84 1.00
CA VAL A 96 0.51 17.81 2.08
C VAL A 96 -0.13 17.18 3.32
N GLY A 97 0.69 16.34 3.96
CA GLY A 97 0.27 15.64 5.17
C GLY A 97 1.29 14.56 5.54
N LYS A 98 1.05 14.03 6.75
CA LYS A 98 1.91 12.98 7.28
C LYS A 98 1.05 12.24 8.31
N GLN A 99 0.43 13.06 9.18
CA GLN A 99 -0.45 12.60 10.24
C GLN A 99 -1.75 13.39 10.06
N ASN A 100 -1.56 14.68 9.68
CA ASN A 100 -2.67 15.59 9.45
C ASN A 100 -3.00 15.42 7.96
N TRP A 101 -4.20 14.82 7.76
CA TRP A 101 -4.69 14.55 6.41
C TRP A 101 -6.00 15.34 6.29
N PRO A 102 -6.52 15.50 5.03
CA PRO A 102 -7.76 16.22 4.79
C PRO A 102 -8.92 15.37 5.36
N ASP A 103 -10.10 15.56 4.73
CA ASP A 103 -11.32 14.87 5.13
C ASP A 103 -11.20 13.40 4.73
N VAL A 104 -10.34 13.14 3.71
CA VAL A 104 -10.12 11.80 3.22
C VAL A 104 -9.67 10.86 4.33
N GLU A 105 -8.41 11.03 4.79
CA GLU A 105 -7.93 10.14 5.84
C GLU A 105 -8.27 10.72 7.20
N GLN A 106 -9.33 11.56 7.28
CA GLN A 106 -9.75 12.02 8.60
C GLN A 106 -10.48 10.80 9.20
N ARG A 107 -11.32 10.23 8.31
CA ARG A 107 -12.11 9.06 8.60
C ARG A 107 -11.19 7.83 8.45
N PHE A 108 -10.18 7.92 7.54
CA PHE A 108 -9.28 6.77 7.36
C PHE A 108 -8.07 6.93 8.31
N LYS A 109 -8.17 7.89 9.28
CA LYS A 109 -7.12 8.04 10.29
C LYS A 109 -7.58 7.11 11.42
N ALA A 110 -8.92 7.13 11.61
CA ALA A 110 -9.59 6.33 12.62
C ALA A 110 -9.35 4.85 12.27
N MET A 111 -9.24 4.59 10.94
CA MET A 111 -8.97 3.25 10.46
C MET A 111 -7.45 3.13 10.61
N GLY A 112 -6.79 4.04 9.86
CA GLY A 112 -5.34 4.26 9.78
C GLY A 112 -4.43 3.05 10.06
N PHE A 113 -4.88 1.88 9.53
CA PHE A 113 -4.11 0.65 9.67
C PHE A 113 -3.12 0.57 8.50
N ASP A 114 -3.28 1.55 7.58
CA ASP A 114 -2.49 1.73 6.39
C ASP A 114 -1.60 2.93 6.73
N ARG A 115 -0.31 2.79 6.35
CA ARG A 115 0.65 3.86 6.57
C ARG A 115 0.91 4.36 5.15
N VAL A 116 1.63 5.50 5.11
CA VAL A 116 1.98 6.08 3.82
C VAL A 116 3.40 6.59 3.93
N TYR A 117 4.01 6.67 2.73
CA TYR A 117 5.38 7.15 2.66
C TYR A 117 5.22 8.63 2.25
N PRO A 118 5.87 9.56 3.01
CA PRO A 118 5.78 10.99 2.72
C PRO A 118 6.34 11.28 1.31
N PRO A 119 5.95 12.47 0.75
CA PRO A 119 6.40 12.90 -0.57
C PRO A 119 7.88 13.26 -0.38
N GLY A 120 8.71 12.54 -1.17
CA GLY A 120 10.15 12.70 -1.12
C GLY A 120 10.69 11.59 -0.22
N THR A 121 10.52 10.39 -0.79
CA THR A 121 10.89 9.13 -0.18
C THR A 121 12.34 8.84 -0.60
N SER A 122 12.68 7.56 -0.36
CA SER A 122 13.97 7.01 -0.61
C SER A 122 13.79 5.49 -0.45
N PRO A 123 14.81 4.70 -0.88
CA PRO A 123 14.75 3.24 -0.75
C PRO A 123 15.04 2.89 0.72
N GLU A 124 15.46 3.94 1.49
CA GLU A 124 15.77 3.85 2.90
C GLU A 124 14.45 3.63 3.65
N THR A 125 13.37 4.17 3.03
CA THR A 125 12.05 4.08 3.58
C THR A 125 11.50 2.68 3.27
N THR A 126 12.08 1.99 2.26
CA THR A 126 11.58 0.66 1.96
C THR A 126 12.20 -0.37 2.89
N ILE A 127 13.30 0.03 3.55
CA ILE A 127 13.90 -0.86 4.53
C ILE A 127 12.87 -0.88 5.68
N ALA A 128 12.16 0.28 5.76
CA ALA A 128 11.13 0.49 6.72
C ALA A 128 9.80 -0.04 6.15
N ASP A 129 9.79 -0.54 4.89
CA ASP A 129 8.56 -1.05 4.30
C ASP A 129 8.11 -2.27 5.13
N MET A 130 8.99 -3.28 5.06
CA MET A 130 8.73 -4.56 5.71
C MET A 130 9.12 -4.50 7.19
N LYS A 131 9.83 -3.43 7.64
CA LYS A 131 10.21 -3.38 9.04
C LYS A 131 9.10 -2.69 9.84
N GLU A 132 8.62 -1.53 9.31
CA GLU A 132 7.59 -0.75 10.00
C GLU A 132 6.33 -1.58 10.21
N VAL A 133 6.07 -2.41 9.18
CA VAL A 133 4.91 -3.30 9.17
C VAL A 133 5.23 -4.66 9.83
N LEU A 134 6.00 -5.48 9.09
CA LEU A 134 6.39 -6.80 9.52
C LEU A 134 7.71 -6.72 10.30
N GLY A 135 7.71 -5.90 11.37
CA GLY A 135 8.92 -5.79 12.19
C GLY A 135 8.60 -5.14 13.54
N VAL A 136 7.67 -4.17 13.47
CA VAL A 136 7.21 -3.45 14.65
C VAL A 136 5.73 -3.12 14.43
N GLU A 137 5.07 -2.86 15.58
CA GLU A 137 3.66 -2.51 15.64
C GLU A 137 2.87 -3.74 15.16
N MET A 1 0.77 -13.07 10.72
CA MET A 1 0.99 -11.82 11.39
C MET A 1 2.05 -11.10 10.57
N GLU A 2 3.24 -11.74 10.55
CA GLU A 2 4.41 -11.23 9.83
C GLU A 2 4.56 -12.12 8.58
N LYS A 3 3.38 -12.52 8.03
CA LYS A 3 3.30 -13.38 6.86
C LYS A 3 4.02 -12.69 5.70
N LYS A 4 4.69 -13.59 4.96
CA LYS A 4 5.51 -13.27 3.82
C LYS A 4 4.60 -13.18 2.60
N THR A 5 4.17 -11.93 2.29
CA THR A 5 3.29 -11.75 1.13
C THR A 5 3.08 -10.23 1.02
N ILE A 6 3.65 -9.67 -0.09
CA ILE A 6 3.53 -8.26 -0.37
C ILE A 6 3.26 -8.14 -1.88
N VAL A 7 2.00 -7.69 -2.16
CA VAL A 7 1.51 -7.44 -3.50
C VAL A 7 1.85 -5.98 -3.82
N LEU A 8 2.30 -5.77 -5.08
CA LEU A 8 2.71 -4.43 -5.50
C LEU A 8 1.73 -3.93 -6.56
N GLY A 9 1.62 -2.58 -6.51
CA GLY A 9 0.80 -1.77 -7.40
C GLY A 9 1.61 -0.50 -7.69
N VAL A 10 1.39 0.08 -8.90
CA VAL A 10 2.14 1.28 -9.25
C VAL A 10 1.44 2.04 -10.39
N ILE A 11 0.69 3.07 -9.94
CA ILE A 11 -0.03 3.97 -10.84
C ILE A 11 0.87 5.22 -10.86
N GLY A 12 0.75 6.03 -11.95
CA GLY A 12 1.63 7.18 -11.98
C GLY A 12 1.36 8.11 -13.15
N SER A 13 2.17 9.19 -13.02
CA SER A 13 2.25 10.32 -13.89
C SER A 13 3.65 10.29 -14.50
N ASP A 14 4.29 9.10 -14.53
CA ASP A 14 5.62 9.03 -15.07
C ASP A 14 5.88 7.56 -15.39
N CYS A 15 6.41 7.35 -16.63
CA CYS A 15 6.73 5.99 -17.06
C CYS A 15 8.08 5.65 -16.37
N HIS A 16 7.94 4.83 -15.30
CA HIS A 16 9.04 4.37 -14.47
C HIS A 16 9.39 5.55 -13.55
N ALA A 17 9.89 5.17 -12.35
CA ALA A 17 10.29 6.09 -11.30
C ALA A 17 8.99 6.70 -10.76
N VAL A 18 8.31 5.82 -10.00
CA VAL A 18 7.03 6.16 -9.37
C VAL A 18 6.71 5.22 -8.20
N GLY A 19 7.47 4.10 -8.08
CA GLY A 19 7.21 3.15 -7.00
C GLY A 19 7.96 1.82 -7.18
N ASN A 20 8.27 1.57 -8.48
CA ASN A 20 8.99 0.40 -8.97
C ASN A 20 10.10 0.15 -7.94
N LYS A 21 10.78 1.34 -7.71
CA LYS A 21 11.85 1.88 -6.87
C LYS A 21 12.12 0.89 -5.78
N ILE A 22 12.47 -0.23 -6.41
CA ILE A 22 12.79 -1.52 -5.94
C ILE A 22 12.08 -1.73 -4.60
N LEU A 23 10.74 -1.50 -4.70
CA LEU A 23 9.85 -1.79 -3.58
C LEU A 23 9.79 -3.35 -3.59
N ASP A 24 10.05 -3.93 -4.79
CA ASP A 24 10.13 -5.37 -4.86
C ASP A 24 11.47 -5.78 -4.17
N HIS A 25 12.33 -4.79 -3.83
CA HIS A 25 13.57 -5.11 -3.13
C HIS A 25 13.19 -5.43 -1.68
N SER A 26 12.09 -4.77 -1.26
CA SER A 26 11.50 -4.85 0.07
C SER A 26 11.24 -6.30 0.46
N PHE A 27 10.68 -7.03 -0.52
CA PHE A 27 10.35 -8.45 -0.29
C PHE A 27 11.64 -9.20 0.04
N THR A 28 12.67 -8.82 -0.72
CA THR A 28 13.98 -9.42 -0.64
C THR A 28 14.76 -9.01 0.60
N ASN A 29 14.35 -7.85 1.08
CA ASN A 29 14.89 -7.15 2.22
C ASN A 29 14.28 -7.74 3.48
N ALA A 30 13.38 -8.73 3.33
CA ALA A 30 12.80 -9.34 4.49
C ALA A 30 12.73 -10.86 4.26
N GLY A 31 13.28 -11.31 3.10
CA GLY A 31 13.24 -12.72 2.76
C GLY A 31 11.81 -13.27 2.71
N PHE A 32 10.91 -12.35 2.29
CA PHE A 32 9.49 -12.69 2.20
C PHE A 32 9.18 -13.01 0.74
N ASN A 33 7.86 -13.24 0.53
CA ASN A 33 7.29 -13.63 -0.75
C ASN A 33 7.00 -12.35 -1.55
N VAL A 34 7.35 -12.53 -2.84
CA VAL A 34 7.20 -11.51 -3.85
C VAL A 34 5.94 -11.79 -4.64
N VAL A 35 5.16 -10.70 -4.67
CA VAL A 35 3.91 -10.65 -5.40
C VAL A 35 3.89 -9.26 -6.02
N ASN A 36 3.72 -9.25 -7.36
CA ASN A 36 3.67 -7.99 -8.07
C ASN A 36 2.63 -8.17 -9.17
N ILE A 37 1.70 -7.18 -9.17
CA ILE A 37 0.60 -7.13 -10.12
C ILE A 37 1.16 -6.32 -11.29
N GLY A 38 1.23 -4.99 -11.06
CA GLY A 38 1.74 -4.06 -12.05
C GLY A 38 1.03 -2.72 -11.90
N VAL A 39 0.94 -2.02 -13.06
CA VAL A 39 0.29 -0.71 -13.14
C VAL A 39 -1.21 -0.99 -13.41
N LEU A 40 -1.90 -1.23 -12.27
CA LEU A 40 -3.32 -1.54 -12.31
C LEU A 40 -3.77 -1.30 -10.86
N SER A 41 -4.69 -0.31 -10.75
CA SER A 41 -5.27 0.15 -9.49
C SER A 41 -6.59 -0.63 -9.29
N SER A 42 -6.42 -1.95 -9.48
CA SER A 42 -7.44 -2.97 -9.33
C SER A 42 -7.31 -3.39 -7.88
N GLN A 43 -8.15 -2.78 -7.00
CA GLN A 43 -8.04 -3.14 -5.59
C GLN A 43 -8.96 -4.32 -5.31
N GLU A 44 -10.26 -4.09 -5.61
CA GLU A 44 -11.33 -5.06 -5.37
C GLU A 44 -11.12 -6.34 -6.20
N ASP A 45 -10.28 -6.27 -7.26
CA ASP A 45 -10.09 -7.46 -8.08
C ASP A 45 -8.91 -8.22 -7.51
N PHE A 46 -7.89 -7.45 -7.06
CA PHE A 46 -6.71 -8.11 -6.51
C PHE A 46 -6.92 -8.31 -5.00
N ILE A 47 -8.17 -8.07 -4.53
CA ILE A 47 -8.53 -8.33 -3.15
C ILE A 47 -9.01 -9.79 -3.21
N ASN A 48 -9.63 -10.10 -4.39
CA ASN A 48 -10.08 -11.46 -4.64
C ASN A 48 -8.80 -12.30 -4.91
N ALA A 49 -7.74 -11.59 -5.38
CA ALA A 49 -6.47 -12.25 -5.67
C ALA A 49 -5.60 -12.15 -4.40
N ALA A 50 -6.10 -11.49 -3.33
CA ALA A 50 -5.35 -11.37 -2.08
C ALA A 50 -5.76 -12.57 -1.22
N ILE A 51 -6.79 -13.32 -1.67
CA ILE A 51 -7.22 -14.52 -0.98
C ILE A 51 -6.31 -15.62 -1.57
N GLU A 52 -6.15 -15.49 -2.91
CA GLU A 52 -5.36 -16.35 -3.77
C GLU A 52 -3.91 -16.33 -3.28
N THR A 53 -3.34 -15.09 -3.28
CA THR A 53 -1.96 -14.88 -2.88
C THR A 53 -1.86 -15.23 -1.40
N LYS A 54 -2.72 -14.49 -0.68
CA LYS A 54 -2.85 -14.50 0.77
C LYS A 54 -1.97 -13.31 1.19
N ALA A 55 -2.25 -12.19 0.45
CA ALA A 55 -1.56 -10.92 0.59
C ALA A 55 -1.81 -10.44 2.03
N ASP A 56 -0.66 -10.35 2.73
CA ASP A 56 -0.62 -9.94 4.11
C ASP A 56 -0.72 -8.41 4.12
N LEU A 57 -0.09 -7.80 3.11
CA LEU A 57 -0.14 -6.35 2.99
C LEU A 57 -0.03 -6.06 1.49
N ILE A 58 -0.52 -4.84 1.19
CA ILE A 58 -0.54 -4.33 -0.18
C ILE A 58 0.11 -2.95 -0.10
N CYS A 59 0.91 -2.67 -1.16
CA CYS A 59 1.62 -1.41 -1.27
C CYS A 59 1.35 -0.92 -2.70
N VAL A 60 0.52 0.15 -2.75
CA VAL A 60 0.14 0.80 -4.01
C VAL A 60 1.02 2.05 -4.03
N SER A 61 1.63 2.25 -5.21
CA SER A 61 2.51 3.40 -5.40
C SER A 61 1.64 4.38 -6.15
N SER A 62 1.41 5.53 -5.48
CA SER A 62 0.51 6.46 -6.15
C SER A 62 0.80 7.86 -5.59
N LEU A 63 0.03 8.79 -6.20
CA LEU A 63 0.09 10.20 -5.90
C LEU A 63 -1.30 10.79 -6.21
N TYR A 64 -2.32 10.05 -5.73
CA TYR A 64 -3.74 10.40 -5.87
C TYR A 64 -4.15 10.02 -7.31
N GLY A 65 -3.46 8.98 -7.83
CA GLY A 65 -3.69 8.43 -9.15
C GLY A 65 -4.29 7.01 -9.04
N GLN A 66 -4.42 6.56 -7.76
CA GLN A 66 -4.98 5.25 -7.46
C GLN A 66 -6.50 5.43 -7.26
N GLY A 67 -6.91 6.71 -7.21
CA GLY A 67 -8.31 7.07 -6.99
C GLY A 67 -8.74 6.70 -5.57
N GLU A 68 -10.02 7.04 -5.28
CA GLU A 68 -10.57 6.73 -3.97
C GLU A 68 -11.23 5.33 -4.06
N ILE A 69 -10.72 4.51 -5.01
CA ILE A 69 -11.18 3.15 -5.26
C ILE A 69 -10.29 2.29 -4.37
N ASP A 70 -8.98 2.50 -4.57
CA ASP A 70 -7.95 1.77 -3.84
C ASP A 70 -7.94 2.28 -2.40
N CYS A 71 -8.38 3.56 -2.23
CA CYS A 71 -8.42 4.15 -0.91
C CYS A 71 -9.51 3.42 -0.13
N LYS A 72 -10.74 3.47 -0.68
CA LYS A 72 -11.90 2.85 -0.04
C LYS A 72 -12.05 1.39 -0.51
N GLY A 73 -10.90 0.82 -0.88
CA GLY A 73 -10.84 -0.56 -1.34
C GLY A 73 -10.27 -1.44 -0.22
N LEU A 74 -9.41 -0.76 0.57
CA LEU A 74 -8.74 -1.36 1.72
C LEU A 74 -9.65 -1.15 2.94
N ARG A 75 -10.44 -0.06 2.88
CA ARG A 75 -11.36 0.23 3.96
C ARG A 75 -12.52 -0.76 3.78
N GLU A 76 -12.75 -1.11 2.49
CA GLU A 76 -13.78 -2.06 2.11
C GLU A 76 -13.27 -3.47 2.47
N LYS A 77 -11.91 -3.65 2.45
CA LYS A 77 -11.28 -4.92 2.75
C LYS A 77 -11.37 -5.21 4.27
N CYS A 78 -11.60 -4.13 5.05
CA CYS A 78 -11.66 -4.18 6.50
C CYS A 78 -13.09 -4.44 6.89
N ASP A 79 -13.88 -3.63 6.19
CA ASP A 79 -15.31 -3.59 6.28
C ASP A 79 -15.89 -4.83 5.57
N GLU A 80 -14.95 -5.65 5.06
CA GLU A 80 -15.25 -6.90 4.41
C GLU A 80 -15.37 -7.89 5.57
N ALA A 81 -14.24 -7.90 6.31
CA ALA A 81 -14.04 -8.76 7.46
C ALA A 81 -14.09 -10.21 6.95
N GLY A 82 -13.36 -10.39 5.83
CA GLY A 82 -13.27 -11.68 5.15
C GLY A 82 -11.94 -11.78 4.41
N LEU A 83 -11.60 -10.65 3.75
CA LEU A 83 -10.35 -10.55 3.00
C LEU A 83 -9.28 -10.32 4.07
N LYS A 84 -8.30 -11.25 4.05
CA LYS A 84 -7.20 -11.19 5.00
C LYS A 84 -6.23 -10.14 4.47
N GLY A 85 -5.81 -9.29 5.44
CA GLY A 85 -4.89 -8.19 5.20
C GLY A 85 -5.56 -6.89 5.65
N ILE A 86 -4.89 -6.27 6.64
CA ILE A 86 -5.38 -5.02 7.21
C ILE A 86 -4.12 -4.19 7.53
N LYS A 87 -3.18 -4.30 6.57
CA LYS A 87 -1.91 -3.61 6.64
C LYS A 87 -1.69 -3.18 5.19
N LEU A 88 -1.65 -1.85 5.02
CA LEU A 88 -1.47 -1.32 3.68
C LEU A 88 -0.53 -0.14 3.83
N PHE A 89 0.71 -0.37 3.33
CA PHE A 89 1.72 0.68 3.40
C PHE A 89 1.67 1.25 1.99
N VAL A 90 0.73 2.20 1.86
CA VAL A 90 0.47 2.82 0.58
C VAL A 90 1.36 4.05 0.41
N GLY A 91 2.45 3.70 -0.29
CA GLY A 91 3.46 4.69 -0.64
C GLY A 91 2.88 5.81 -1.49
N GLY A 92 3.17 7.03 -0.98
CA GLY A 92 2.70 8.26 -1.58
C GLY A 92 1.26 8.48 -1.10
N ASN A 93 0.35 7.79 -1.84
CA ASN A 93 -1.08 7.77 -1.59
C ASN A 93 -1.62 9.15 -1.99
N ILE A 94 -1.59 10.07 -1.00
CA ILE A 94 -2.06 11.43 -1.19
C ILE A 94 -0.97 12.28 -0.52
N VAL A 95 -0.83 13.50 -1.10
CA VAL A 95 0.15 14.48 -0.65
C VAL A 95 -0.48 15.32 0.48
N VAL A 96 0.35 16.32 0.89
CA VAL A 96 0.07 17.30 1.93
C VAL A 96 -0.51 16.65 3.20
N GLY A 97 0.45 16.19 4.02
CA GLY A 97 0.10 15.55 5.30
C GLY A 97 1.17 14.53 5.69
N LYS A 98 0.86 13.91 6.83
CA LYS A 98 1.70 12.89 7.43
C LYS A 98 0.78 12.11 8.38
N GLN A 99 0.00 12.93 9.11
CA GLN A 99 -0.99 12.48 10.07
C GLN A 99 -2.22 13.38 9.81
N ASN A 100 -1.91 14.66 9.49
CA ASN A 100 -2.91 15.67 9.20
C ASN A 100 -3.19 15.54 7.69
N TRP A 101 -4.19 14.68 7.42
CA TRP A 101 -4.63 14.40 6.07
C TRP A 101 -5.92 15.21 5.89
N PRO A 102 -6.42 15.31 4.62
CA PRO A 102 -7.65 16.04 4.34
C PRO A 102 -8.83 15.26 4.95
N ASP A 103 -10.01 15.45 4.32
CA ASP A 103 -11.24 14.82 4.77
C ASP A 103 -11.16 13.32 4.47
N VAL A 104 -10.32 12.99 3.46
CA VAL A 104 -10.13 11.61 3.04
C VAL A 104 -9.69 10.72 4.21
N GLU A 105 -8.41 10.89 4.63
CA GLU A 105 -7.94 10.03 5.71
C GLU A 105 -8.23 10.69 7.05
N GLN A 106 -9.28 11.55 7.11
CA GLN A 106 -9.67 12.11 8.41
C GLN A 106 -10.43 10.93 9.07
N ARG A 107 -11.31 10.35 8.21
CA ARG A 107 -12.14 9.23 8.57
C ARG A 107 -11.27 7.96 8.46
N PHE A 108 -10.24 7.98 7.56
CA PHE A 108 -9.39 6.80 7.42
C PHE A 108 -8.17 6.96 8.34
N LYS A 109 -8.22 7.95 9.27
CA LYS A 109 -7.17 8.12 10.27
C LYS A 109 -7.65 7.26 11.44
N ALA A 110 -9.00 7.31 11.61
CA ALA A 110 -9.69 6.57 12.65
C ALA A 110 -9.49 5.07 12.36
N MET A 111 -9.41 4.75 11.05
CA MET A 111 -9.17 3.38 10.63
C MET A 111 -7.64 3.24 10.79
N GLY A 112 -6.97 4.11 10.02
CA GLY A 112 -5.52 4.30 9.94
C GLY A 112 -4.61 3.10 10.24
N PHE A 113 -5.09 1.92 9.77
CA PHE A 113 -4.31 0.69 9.93
C PHE A 113 -3.31 0.63 8.76
N ASP A 114 -3.48 1.60 7.84
CA ASP A 114 -2.69 1.78 6.65
C ASP A 114 -1.80 2.99 6.95
N ARG A 115 -0.51 2.82 6.57
CA ARG A 115 0.48 3.86 6.71
C ARG A 115 0.75 4.28 5.27
N VAL A 116 1.51 5.38 5.12
CA VAL A 116 1.85 5.84 3.77
C VAL A 116 3.30 6.32 3.78
N TYR A 117 3.84 6.43 2.55
CA TYR A 117 5.23 6.88 2.40
C TYR A 117 5.08 8.38 2.04
N PRO A 118 6.12 9.19 2.37
CA PRO A 118 6.08 10.63 2.13
C PRO A 118 6.35 10.88 0.65
N PRO A 119 6.05 12.13 0.18
CA PRO A 119 6.30 12.54 -1.19
C PRO A 119 7.80 12.86 -1.16
N GLY A 120 8.55 12.09 -1.97
CA GLY A 120 10.00 12.24 -2.02
C GLY A 120 10.59 11.24 -1.04
N THR A 121 10.40 9.99 -1.51
CA THR A 121 10.77 8.75 -0.86
C THR A 121 12.19 8.41 -1.32
N SER A 122 12.42 7.09 -1.17
CA SER A 122 13.66 6.42 -1.47
C SER A 122 13.33 4.93 -1.26
N PRO A 123 14.21 4.04 -1.79
CA PRO A 123 14.02 2.60 -1.61
C PRO A 123 14.48 2.25 -0.17
N GLU A 124 15.02 3.27 0.53
CA GLU A 124 15.48 3.18 1.91
C GLU A 124 14.22 3.08 2.78
N THR A 125 13.14 3.70 2.26
CA THR A 125 11.86 3.70 2.95
C THR A 125 11.23 2.31 2.77
N THR A 126 11.67 1.56 1.74
CA THR A 126 11.09 0.25 1.52
C THR A 126 11.80 -0.78 2.38
N ILE A 127 12.97 -0.41 2.91
CA ILE A 127 13.61 -1.34 3.84
C ILE A 127 12.69 -1.30 5.08
N ALA A 128 12.05 -0.11 5.22
CA ALA A 128 11.11 0.13 6.28
C ALA A 128 9.73 -0.38 5.84
N ASP A 129 9.61 -0.89 4.59
CA ASP A 129 8.34 -1.42 4.12
C ASP A 129 7.94 -2.59 5.02
N MET A 130 8.84 -3.61 4.96
CA MET A 130 8.62 -4.84 5.69
C MET A 130 9.06 -4.70 7.16
N LYS A 131 9.72 -3.57 7.53
CA LYS A 131 10.13 -3.46 8.92
C LYS A 131 8.99 -2.80 9.73
N GLU A 132 8.56 -1.62 9.24
CA GLU A 132 7.53 -0.81 9.88
C GLU A 132 6.25 -1.62 10.07
N VAL A 133 5.96 -2.42 9.04
CA VAL A 133 4.77 -3.25 9.01
C VAL A 133 5.02 -4.65 9.62
N LEU A 134 5.82 -5.45 8.90
CA LEU A 134 6.14 -6.81 9.33
C LEU A 134 7.40 -6.80 10.21
N GLY A 135 7.36 -5.96 11.26
CA GLY A 135 8.48 -5.90 12.19
C GLY A 135 8.08 -5.23 13.50
N VAL A 136 7.20 -4.22 13.34
CA VAL A 136 6.66 -3.46 14.45
C VAL A 136 5.20 -3.13 14.11
N GLU A 137 4.47 -2.78 15.19
CA GLU A 137 3.06 -2.41 15.12
C GLU A 137 2.29 -3.63 14.62
#